data_8D9H
#
_entry.id   8D9H
#
_cell.length_a   1.00
_cell.length_b   1.00
_cell.length_c   1.00
_cell.angle_alpha   90.00
_cell.angle_beta   90.00
_cell.angle_gamma   90.00
#
_symmetry.space_group_name_H-M   'P 1'
#
loop_
_entity.id
_entity.type
_entity.pdbx_description
1 polymer 'RAMP superfamily protein'
2 polymer 'RNA (36-MER)'
3 polymer "RNA (5'-R(P*UP*CP*CP*GP*GP*GP*GP*CP*AP*GP*AP*AP*AP*AP*UP*UP*GP*GP*GP*U)-3')"
4 polymer 'CHAT domain protein'
5 non-polymer 'ZINC ION'
6 non-polymer 'PHOSPHATE ION'
#
loop_
_entity_poly.entity_id
_entity_poly.type
_entity_poly.pdbx_seq_one_letter_code
_entity_poly.pdbx_strand_id
1 'polypeptide(L)'
;MNITVELTFFEPYRLVEWFDWDARKKSHSAMRGQAFAQWTWKGKGRTAGKSFITGTLVRSAVIKAVEELLSLNNGKWEGV
PCCNGSFQTDESKGKKPSFLRKRHTLQWQANNKNICDKEEACPFCILLGRFDNAGKVHERNKDYDIHFSNFDLDHKQEKN
DLRLVDIASGRILNRVDFDTGKAKDYFRTWEADYETYGTYTGRITLRNEHAKKLLLASLGFVDKLCGALCRIEVIKDHND
ELRKQAEVIVEAFKQNDKLEKIRILADAIRTLRLHGEGVIEKDELPDGKEERDKGHHLWDIKVQGTALRTKLKELWQSNK
DIGWRKFTEMLGSNLYLIYKKETGGVSTEYYSKAHDSEGSDLFIPVTPPEGIETKEWIIVGRLKAATPFYFGVQQPSDSI
PGKEINEHTSFNILLDKENRYRIPRSALRGALRRDLRTAFGSGCNVSLGGQILCNCKVCIEMRRITLKDSVSDFSEPPEI
RYRIAKNPGTATVEDGSLFDIEVGPEGLTFPFVLRYRGHKFPEQLSSVIRYWEENDGKNGMAWLGGLDSTGKGRFALKDI
KIFEWDLNQKINEYIKERGMRGKEKELLEMGESSLPDGLIPYKFFEERECLFPYKENLKPQWSEVQYTIEVGSPLLTADT
ISALTEPGNRDAIAYKKRVYNDGNNAIEPEPRFAVKSETHRGIFRTAVGRRTGDLGKEDHEDCTCDMCIIFGNEHESSKI
RFEDLELINGNEFEKLEKHIDHVAIDRFTGGALDKAKFDTYPLAGSPKKPLKLKGRFWIKKGFSGDHKLLITTALSDIRD
GLYPLGSKGGVGYGWVAGISIDDNVPDDFKEMINKTNNDYVHPGHQSPKQDHKNKNIYYPHYFLDSGSKVYREKDIITHE
EFTEELLSGKINCKLETLTPLIIPDTSDENGLKLQGNKPGHKNYKFFNINGELMIPGSELRGMLRTHFEALTKSCFAIFG
EDSTLSWASKTLGGKLDKALHPCTGLSDGLCPGCHLFGTTDYKGRVKFGFAKYENGPEWLITRGNNPERSLTLGVLESPR
PAFSIPDDESEIPGRKFYLHHNGWRIIRQKQLEIRETVQPERNVTTEVMDKGNVFSFDVRFENLREWELGLLLQSLDPGK
NIAHKLGKGKPYGFGSVKIKIDSLHTFKINSNNDKIKRVPQSDIREYINKGYQKLIEWSGNNSIQKGNVLPQWHVIPHID
KLYKLLWVPFLNDSKLEPDVRYPVLNEESKGYIEGSDYTYKKLGDKDNLPYKTRVKGLTTPWSPWNPFQV
;
B
2 'polyribonucleotide' GACUUAAUGUCACGGUACCCAAUUUUCUGCCCCGGA C
3 'polyribonucleotide' UCCGGGGCAGAAAAUUGGGU D
4 'polypeptide(L)'
;TREDIDRKEAERLLDEAFNPRTKPVDRKKIINSALKILIGLYKEKKDDLTSASFISIARAYYLVSITILPKGTTIPEKKK
EALRKGIEFIDRAINKFNGSILDSQRAFRIKSVLSIEFNRIDREKCDNIKLKNLLNEAVDKGCTDFDTYEWDIQIAIRLC
ELGVDMEGHFDNLIKSNKANDLQKAKAYYFIKKDDHKAKEHMDKCTASLKYTPCSHRLWDETVGFIERLKGDSSTLWRDF
AIKTYRSCRVQEKETGTLRLRWYWSRHRVLYDMAFLAVKEQADVNVKQAKIKKLAEISDSLKSRFSLRLSDMEKMPKSDD
ESNHEFKKFLDKCVTAYQDGYVIKLLELTQVPEGWVVVHFYLNKLEGMGNAIVFDKCANSWQYKEFQYKELFEVFLTWQA
NYNLYKENAAEHLVTLCKKIGETMPFLFCDNFIPNGKDVLFVPHDFLHRLPLHGSIENKTNGKLFLENHSCCYLPAWSFA
SEKEASTSDEYVLLKNFDQGHFETLQNNQIWGTQSVKDGASSDDLENIRNNPRLLTILCHGEANMSNPFRSMLKLANGGI
TYLEILNSVKGLKGSQVILGACETDLVPPLSHYSVATALLLIGAAGVVGTMWKVRSNKTKSLIEWKLENIEYKLNEWQKE
TGGAAYKDHPPTFYRSIAFRSIGFPL
;
E
#
loop_
_chem_comp.id
_chem_comp.type
_chem_comp.name
_chem_comp.formula
A RNA linking ADENOSINE-5'-MONOPHOSPHATE 'C10 H14 N5 O7 P'
C RNA linking CYTIDINE-5'-MONOPHOSPHATE 'C9 H14 N3 O8 P'
G RNA linking GUANOSINE-5'-MONOPHOSPHATE 'C10 H14 N5 O8 P'
PO4 non-polymer 'PHOSPHATE ION' 'O4 P -3'
U RNA linking URIDINE-5'-MONOPHOSPHATE 'C9 H13 N2 O9 P'
ZN non-polymer 'ZINC ION' 'Zn 2'
#
# COMPACT_ATOMS: atom_id res chain seq x y z
N MET A 1 54.35 -4.29 -24.84
CA MET A 1 54.24 -5.58 -24.17
C MET A 1 53.44 -5.43 -22.88
N ASN A 2 53.63 -4.31 -22.18
CA ASN A 2 52.85 -3.98 -21.01
C ASN A 2 51.79 -2.95 -21.40
N ILE A 3 50.68 -2.91 -20.68
CA ILE A 3 49.64 -1.93 -20.92
C ILE A 3 49.04 -1.53 -19.59
N THR A 4 48.96 -0.23 -19.34
CA THR A 4 48.36 0.28 -18.12
C THR A 4 46.92 0.71 -18.41
N VAL A 5 45.96 0.06 -17.78
CA VAL A 5 44.56 0.34 -18.01
C VAL A 5 44.02 1.17 -16.85
N GLU A 6 43.24 2.18 -17.17
CA GLU A 6 42.63 3.07 -16.19
C GLU A 6 41.12 3.07 -16.40
N LEU A 7 40.37 2.70 -15.38
CA LEU A 7 38.93 2.55 -15.47
C LEU A 7 38.28 3.74 -14.77
N THR A 8 37.24 4.30 -15.37
CA THR A 8 36.54 5.45 -14.82
C THR A 8 35.04 5.20 -14.80
N PHE A 9 34.36 5.75 -13.81
CA PHE A 9 32.92 5.59 -13.68
C PHE A 9 32.17 6.89 -13.98
N PHE A 10 30.84 6.78 -14.05
CA PHE A 10 29.97 7.91 -14.30
C PHE A 10 28.67 7.87 -13.52
N GLU A 11 28.56 7.07 -12.48
CA GLU A 11 27.35 6.98 -11.67
C GLU A 11 27.61 6.06 -10.50
N PRO A 12 26.88 6.21 -9.40
CA PRO A 12 27.17 5.44 -8.19
C PRO A 12 27.20 3.95 -8.47
N TYR A 13 28.07 3.23 -7.77
CA TYR A 13 28.28 1.81 -8.06
C TYR A 13 28.19 0.97 -6.80
N ARG A 14 28.43 -0.33 -6.95
CA ARG A 14 28.10 -1.32 -5.94
C ARG A 14 29.34 -1.95 -5.33
N LEU A 15 29.36 -1.98 -4.00
CA LEU A 15 30.50 -2.45 -3.23
C LEU A 15 30.05 -3.55 -2.30
N VAL A 16 30.89 -4.56 -2.10
CA VAL A 16 30.53 -5.64 -1.19
C VAL A 16 31.77 -6.16 -0.49
N GLU A 17 31.53 -6.79 0.66
CA GLU A 17 32.60 -7.37 1.48
C GLU A 17 33.28 -8.49 0.73
N TRP A 18 34.35 -9.02 1.32
CA TRP A 18 35.16 -10.04 0.67
C TRP A 18 35.07 -11.37 1.41
N PHE A 19 35.29 -12.45 0.68
CA PHE A 19 35.39 -13.78 1.26
C PHE A 19 36.21 -14.68 0.35
N ASP A 20 36.88 -15.66 0.94
CA ASP A 20 37.55 -16.69 0.15
C ASP A 20 36.54 -17.47 -0.67
N TRP A 21 37.06 -18.22 -1.63
CA TRP A 21 36.19 -19.08 -2.43
C TRP A 21 35.51 -20.13 -1.57
N ASP A 22 36.24 -20.69 -0.60
CA ASP A 22 35.69 -21.76 0.20
C ASP A 22 34.59 -21.25 1.13
N ALA A 23 34.87 -20.18 1.86
CA ALA A 23 33.90 -19.68 2.83
C ALA A 23 32.74 -18.97 2.16
N ARG A 24 32.84 -18.65 0.88
CA ARG A 24 31.79 -17.86 0.23
C ARG A 24 30.46 -18.59 0.22
N LYS A 25 30.47 -19.92 0.28
CA LYS A 25 29.22 -20.67 0.20
C LYS A 25 28.33 -20.40 1.41
N LYS A 26 28.82 -19.69 2.41
CA LYS A 26 28.02 -19.54 3.63
C LYS A 26 27.18 -18.26 3.62
N SER A 27 27.83 -17.10 3.56
CA SER A 27 27.12 -15.83 3.66
C SER A 27 26.48 -15.52 2.31
N HIS A 28 25.18 -15.84 2.20
CA HIS A 28 24.48 -15.67 0.94
C HIS A 28 24.69 -14.30 0.33
N SER A 29 24.90 -13.29 1.18
CA SER A 29 25.13 -11.95 0.68
C SER A 29 26.31 -11.89 -0.29
N ALA A 30 27.41 -12.56 0.06
CA ALA A 30 28.55 -12.57 -0.85
C ALA A 30 28.18 -13.19 -2.19
N MET A 31 27.49 -14.33 -2.16
CA MET A 31 27.08 -14.96 -3.40
C MET A 31 26.26 -13.99 -4.25
N ARG A 32 25.25 -13.38 -3.66
CA ARG A 32 24.46 -12.40 -4.40
C ARG A 32 25.36 -11.33 -4.99
N GLY A 33 26.35 -10.90 -4.25
CA GLY A 33 27.15 -9.81 -4.73
C GLY A 33 28.26 -10.19 -5.68
N GLN A 34 28.40 -11.47 -5.99
CA GLN A 34 29.53 -12.00 -6.73
C GLN A 34 30.07 -11.09 -7.83
N ALA A 35 29.22 -10.31 -8.49
CA ALA A 35 29.70 -9.49 -9.60
C ALA A 35 29.82 -8.00 -9.27
N PHE A 36 30.12 -7.63 -8.03
CA PHE A 36 30.29 -6.23 -7.65
C PHE A 36 31.76 -5.89 -7.46
N ALA A 37 32.05 -4.70 -6.94
CA ALA A 37 33.42 -4.40 -6.57
C ALA A 37 33.70 -4.89 -5.14
N GLN A 38 34.96 -5.17 -4.84
CA GLN A 38 35.29 -5.84 -3.59
C GLN A 38 35.98 -4.90 -2.62
N TRP A 39 35.69 -5.10 -1.34
CA TRP A 39 36.26 -4.29 -0.27
C TRP A 39 36.69 -5.18 0.89
N THR A 40 37.95 -5.04 1.32
CA THR A 40 38.51 -5.91 2.35
C THR A 40 38.99 -5.08 3.54
N TRP A 41 38.79 -5.62 4.73
CA TRP A 41 39.28 -5.00 5.95
C TRP A 41 40.79 -4.96 5.96
N LYS A 42 41.35 -3.96 6.62
CA LYS A 42 42.79 -3.84 6.78
C LYS A 42 43.12 -4.05 8.25
N GLY A 43 43.78 -5.14 8.56
CA GLY A 43 44.07 -5.46 9.94
C GLY A 43 42.80 -5.68 10.73
N LYS A 44 42.91 -5.46 12.03
CA LYS A 44 41.80 -5.68 12.96
C LYS A 44 41.10 -4.38 13.28
N GLY A 45 39.84 -4.50 13.70
CA GLY A 45 39.02 -3.33 13.96
C GLY A 45 38.29 -2.95 12.70
N ARG A 46 36.98 -3.16 12.67
CA ARG A 46 36.23 -3.02 11.44
C ARG A 46 36.08 -1.56 11.06
N THR A 47 37.18 -0.90 10.76
CA THR A 47 37.10 0.51 10.44
C THR A 47 37.85 0.90 9.18
N ALA A 48 38.93 0.20 8.85
CA ALA A 48 39.79 0.64 7.75
C ALA A 48 40.06 -0.53 6.83
N GLY A 49 40.13 -0.23 5.54
CA GLY A 49 40.39 -1.27 4.56
C GLY A 49 40.71 -0.66 3.22
N LYS A 50 40.59 -1.48 2.18
CA LYS A 50 40.84 -1.02 0.82
C LYS A 50 39.83 -1.64 -0.11
N SER A 51 39.77 -1.10 -1.33
CA SER A 51 38.80 -1.54 -2.33
C SER A 51 39.52 -1.84 -3.63
N PHE A 52 39.13 -2.94 -4.27
CA PHE A 52 39.68 -3.27 -5.57
C PHE A 52 38.63 -3.98 -6.41
N ILE A 53 39.07 -4.43 -7.58
CA ILE A 53 38.24 -5.16 -8.52
C ILE A 53 39.00 -6.39 -9.01
N THR A 54 38.34 -7.53 -9.01
CA THR A 54 38.97 -8.78 -9.41
C THR A 54 39.28 -8.76 -10.90
N GLY A 55 40.51 -9.15 -11.25
CA GLY A 55 40.85 -9.25 -12.66
C GLY A 55 39.92 -10.15 -13.44
N THR A 56 39.41 -11.19 -12.80
CA THR A 56 38.54 -12.13 -13.49
C THR A 56 37.31 -11.43 -14.06
N LEU A 57 36.75 -10.45 -13.34
CA LEU A 57 35.57 -9.76 -13.84
C LEU A 57 35.87 -8.99 -15.12
N VAL A 58 36.98 -8.27 -15.13
CA VAL A 58 37.35 -7.56 -16.35
C VAL A 58 37.57 -8.55 -17.48
N ARG A 59 38.20 -9.69 -17.17
CA ARG A 59 38.36 -10.72 -18.19
C ARG A 59 37.02 -11.11 -18.80
N SER A 60 36.04 -11.40 -17.94
CA SER A 60 34.75 -11.86 -18.45
C SER A 60 34.10 -10.80 -19.33
N ALA A 61 34.08 -9.56 -18.86
CA ALA A 61 33.46 -8.52 -19.67
C ALA A 61 34.18 -8.37 -21.00
N VAL A 62 35.50 -8.49 -21.00
CA VAL A 62 36.22 -8.36 -22.26
C VAL A 62 35.80 -9.45 -23.22
N ILE A 63 35.69 -10.69 -22.74
CA ILE A 63 35.37 -11.74 -23.70
C ILE A 63 33.96 -11.57 -24.22
N LYS A 64 33.01 -11.09 -23.40
CA LYS A 64 31.68 -10.88 -23.93
C LYS A 64 31.68 -9.79 -24.99
N ALA A 65 32.41 -8.71 -24.73
CA ALA A 65 32.57 -7.67 -25.74
C ALA A 65 33.09 -8.26 -27.04
N VAL A 66 34.12 -9.09 -26.96
CA VAL A 66 34.68 -9.67 -28.18
C VAL A 66 33.64 -10.49 -28.91
N GLU A 67 32.93 -11.35 -28.17
CA GLU A 67 31.93 -12.19 -28.80
C GLU A 67 30.92 -11.37 -29.58
N GLU A 68 30.41 -10.30 -28.97
CA GLU A 68 29.37 -9.54 -29.66
C GLU A 68 29.93 -8.77 -30.84
N LEU A 69 31.10 -8.14 -30.65
CA LEU A 69 31.75 -7.46 -31.76
C LEU A 69 31.88 -8.39 -32.96
N LEU A 70 32.24 -9.65 -32.70
CA LEU A 70 32.33 -10.60 -33.80
C LEU A 70 30.97 -10.88 -34.39
N SER A 71 29.97 -11.14 -33.55
CA SER A 71 28.67 -11.54 -34.09
C SER A 71 28.06 -10.47 -34.96
N LEU A 72 28.42 -9.20 -34.77
CA LEU A 72 27.81 -8.16 -35.60
C LEU A 72 28.26 -8.28 -37.05
N ASN A 73 29.56 -8.46 -37.29
CA ASN A 73 30.08 -8.58 -38.64
C ASN A 73 29.77 -9.92 -39.28
N ASN A 74 28.91 -10.72 -38.67
CA ASN A 74 28.59 -12.06 -39.17
C ASN A 74 29.84 -12.93 -39.23
N GLY A 75 30.38 -13.25 -38.07
CA GLY A 75 31.36 -14.31 -37.94
C GLY A 75 32.69 -14.07 -38.61
N LYS A 76 32.91 -12.88 -39.16
CA LYS A 76 34.19 -12.56 -39.77
C LYS A 76 34.91 -11.51 -38.94
N TRP A 77 36.17 -11.28 -39.27
CA TRP A 77 36.96 -10.23 -38.65
C TRP A 77 38.08 -9.88 -39.62
N GLU A 78 38.07 -8.65 -40.13
CA GLU A 78 38.97 -8.23 -41.19
C GLU A 78 38.84 -9.14 -42.41
N GLY A 79 37.62 -9.60 -42.66
CA GLY A 79 37.39 -10.51 -43.76
C GLY A 79 37.96 -11.89 -43.57
N VAL A 80 37.98 -12.41 -42.35
CA VAL A 80 38.49 -13.75 -42.06
C VAL A 80 37.52 -14.41 -41.10
N PRO A 81 37.08 -15.64 -41.35
CA PRO A 81 36.32 -16.36 -40.34
C PRO A 81 37.21 -16.70 -39.17
N CYS A 82 36.60 -16.90 -38.00
CA CYS A 82 37.35 -17.23 -36.81
C CYS A 82 36.88 -18.54 -36.20
N CYS A 83 37.74 -19.10 -35.35
CA CYS A 83 37.40 -20.29 -34.60
C CYS A 83 36.08 -20.11 -33.89
N ASN A 84 35.12 -20.99 -34.19
CA ASN A 84 33.84 -20.99 -33.50
C ASN A 84 34.01 -20.84 -31.99
N GLY A 85 35.04 -21.45 -31.41
CA GLY A 85 35.32 -21.28 -30.01
C GLY A 85 34.40 -22.12 -29.14
N SER A 86 34.96 -22.82 -28.17
CA SER A 86 34.20 -23.72 -27.32
C SER A 86 33.95 -23.06 -25.97
N PHE A 87 32.80 -23.35 -25.37
CA PHE A 87 32.45 -22.76 -24.10
C PHE A 87 31.94 -23.81 -23.13
N GLN A 88 32.44 -25.03 -23.23
CA GLN A 88 32.04 -26.06 -22.28
C GLN A 88 33.23 -26.94 -21.98
N THR A 89 33.23 -27.52 -20.78
CA THR A 89 34.33 -28.33 -20.30
C THR A 89 33.79 -29.45 -19.44
N ASP A 90 34.05 -30.69 -19.85
CA ASP A 90 33.49 -31.85 -19.17
C ASP A 90 34.37 -32.25 -17.99
N GLU A 91 33.73 -32.82 -16.96
CA GLU A 91 34.40 -32.98 -15.67
C GLU A 91 35.47 -34.06 -15.69
N SER A 92 35.46 -34.94 -16.69
CA SER A 92 36.41 -36.05 -16.70
C SER A 92 37.85 -35.54 -16.72
N LYS A 93 38.13 -34.52 -17.54
CA LYS A 93 39.52 -34.11 -17.73
C LYS A 93 39.95 -33.11 -16.66
N GLY A 94 39.04 -32.31 -16.14
CA GLY A 94 39.42 -31.33 -15.14
C GLY A 94 38.22 -30.90 -14.34
N LYS A 95 38.47 -29.96 -13.43
CA LYS A 95 37.38 -29.41 -12.65
C LYS A 95 36.63 -28.34 -13.46
N LYS A 96 35.37 -28.18 -13.13
CA LYS A 96 34.59 -27.12 -13.74
C LYS A 96 35.21 -25.77 -13.38
N PRO A 97 35.20 -24.83 -14.31
CA PRO A 97 35.74 -23.50 -14.02
C PRO A 97 35.01 -22.87 -12.84
N SER A 98 35.67 -21.87 -12.24
CA SER A 98 35.21 -21.34 -10.97
C SER A 98 33.85 -20.67 -11.08
N PHE A 99 33.43 -20.29 -12.28
CA PHE A 99 32.15 -19.66 -12.50
C PHE A 99 31.40 -20.40 -13.58
N LEU A 100 30.08 -20.20 -13.66
CA LEU A 100 29.23 -20.91 -14.59
C LEU A 100 28.46 -19.92 -15.46
N ARG A 101 28.29 -20.27 -16.74
CA ARG A 101 27.51 -19.43 -17.64
C ARG A 101 26.10 -19.99 -17.78
N LYS A 102 25.10 -19.12 -17.70
CA LYS A 102 23.72 -19.54 -17.86
C LYS A 102 23.00 -18.83 -18.99
N ARG A 103 23.48 -17.68 -19.44
CA ARG A 103 22.77 -16.93 -20.46
C ARG A 103 22.90 -17.60 -21.82
N HIS A 104 22.13 -17.09 -22.78
CA HIS A 104 22.26 -17.57 -24.14
C HIS A 104 23.65 -17.26 -24.65
N THR A 105 24.06 -17.98 -25.69
CA THR A 105 25.38 -17.82 -26.27
C THR A 105 25.28 -17.65 -27.78
N LEU A 106 25.78 -16.54 -28.28
CA LEU A 106 25.69 -16.30 -29.71
C LEU A 106 26.61 -17.26 -30.45
N GLN A 107 26.32 -17.47 -31.73
CA GLN A 107 27.11 -18.30 -32.62
C GLN A 107 27.04 -17.70 -34.01
N TRP A 108 27.56 -18.44 -34.97
CA TRP A 108 27.41 -18.08 -36.37
C TRP A 108 27.80 -19.30 -37.19
N GLN A 109 27.64 -19.19 -38.50
CA GLN A 109 27.89 -20.34 -39.34
C GLN A 109 29.37 -20.67 -39.36
N ALA A 110 29.67 -21.97 -39.32
CA ALA A 110 31.05 -22.42 -39.24
C ALA A 110 31.66 -22.42 -40.64
N ASN A 111 32.80 -21.77 -40.80
CA ASN A 111 33.47 -21.69 -42.09
C ASN A 111 34.98 -21.85 -42.00
N ASN A 112 35.51 -22.27 -40.85
CA ASN A 112 36.96 -22.39 -40.70
C ASN A 112 37.47 -23.58 -41.50
N LYS A 113 38.65 -23.42 -42.11
CA LYS A 113 39.27 -24.46 -42.90
C LYS A 113 40.32 -25.25 -42.13
N ASN A 114 41.05 -24.61 -41.23
CA ASN A 114 42.01 -25.26 -40.37
C ASN A 114 41.43 -25.38 -38.96
N ILE A 115 42.19 -25.99 -38.06
CA ILE A 115 41.76 -26.18 -36.69
C ILE A 115 42.77 -25.52 -35.78
N CYS A 116 42.29 -24.59 -34.95
CA CYS A 116 43.16 -23.90 -34.00
C CYS A 116 43.83 -24.93 -33.09
N ASP A 117 45.16 -24.94 -33.12
CA ASP A 117 45.92 -25.98 -32.45
C ASP A 117 46.97 -25.33 -31.57
N LYS A 118 47.76 -26.17 -30.89
CA LYS A 118 48.86 -25.67 -30.08
C LYS A 118 49.80 -24.80 -30.88
N GLU A 119 49.88 -25.02 -32.19
CA GLU A 119 50.77 -24.23 -33.04
C GLU A 119 50.13 -22.90 -33.45
N GLU A 120 49.00 -22.96 -34.12
CA GLU A 120 48.35 -21.78 -34.66
C GLU A 120 46.88 -21.78 -34.26
N ALA A 121 46.39 -20.60 -33.85
CA ALA A 121 45.02 -20.48 -33.38
C ALA A 121 44.46 -19.11 -33.73
N CYS A 122 43.14 -19.04 -33.84
CA CYS A 122 42.49 -17.77 -34.13
C CYS A 122 42.82 -16.75 -33.05
N PRO A 123 42.95 -15.48 -33.42
CA PRO A 123 43.19 -14.44 -32.43
C PRO A 123 42.28 -14.57 -31.22
N PHE A 124 41.01 -14.87 -31.49
CA PHE A 124 40.06 -15.07 -30.41
C PHE A 124 40.49 -16.22 -29.51
N CYS A 125 41.13 -17.24 -30.07
CA CYS A 125 41.54 -18.38 -29.25
C CYS A 125 42.62 -17.98 -28.26
N ILE A 126 43.70 -17.37 -28.74
CA ILE A 126 44.70 -16.84 -27.80
C ILE A 126 44.03 -15.95 -26.79
N LEU A 127 43.10 -15.11 -27.23
CA LEU A 127 42.43 -14.19 -26.33
C LEU A 127 41.72 -14.91 -25.20
N LEU A 128 41.46 -16.22 -25.37
CA LEU A 128 40.89 -16.96 -24.27
C LEU A 128 41.94 -17.61 -23.39
N GLY A 129 42.94 -18.26 -23.99
CA GLY A 129 43.86 -19.07 -23.20
C GLY A 129 43.64 -20.55 -23.36
N ARG A 130 43.38 -21.00 -24.59
CA ARG A 130 43.19 -22.42 -24.85
C ARG A 130 44.52 -23.13 -25.00
N PHE A 131 45.57 -22.39 -25.30
CA PHE A 131 46.90 -22.95 -25.48
C PHE A 131 47.95 -22.25 -24.63
N ASP A 132 47.54 -21.73 -23.49
CA ASP A 132 48.46 -21.29 -22.47
C ASP A 132 49.16 -22.49 -21.86
N ASN A 133 49.95 -22.24 -20.82
CA ASN A 133 50.39 -23.32 -19.96
C ASN A 133 49.66 -23.29 -18.63
N ALA A 134 49.08 -22.16 -18.26
CA ALA A 134 48.43 -22.03 -16.98
C ALA A 134 47.15 -22.86 -16.95
N GLY A 135 47.01 -23.65 -15.89
CA GLY A 135 45.84 -24.49 -15.72
C GLY A 135 44.81 -23.82 -14.84
N LYS A 136 44.14 -24.61 -14.00
CA LYS A 136 43.07 -24.05 -13.19
C LYS A 136 43.58 -23.49 -11.87
N VAL A 137 44.87 -23.59 -11.59
CA VAL A 137 45.46 -23.10 -10.36
C VAL A 137 46.72 -22.32 -10.69
N HIS A 138 46.92 -21.20 -10.00
CA HIS A 138 48.00 -20.28 -10.35
C HIS A 138 49.34 -20.83 -9.90
N GLU A 139 50.32 -20.76 -10.79
CA GLU A 139 51.64 -21.33 -10.51
C GLU A 139 52.73 -20.29 -10.40
N ARG A 140 52.98 -19.50 -11.45
CA ARG A 140 54.12 -18.60 -11.41
C ARG A 140 53.89 -17.28 -12.14
N ASN A 141 52.65 -16.96 -12.52
CA ASN A 141 52.27 -15.66 -13.07
C ASN A 141 52.97 -15.36 -14.39
N LYS A 142 53.64 -16.32 -15.01
CA LYS A 142 54.23 -16.11 -16.32
C LYS A 142 53.71 -17.11 -17.35
N ASP A 143 52.96 -18.10 -16.91
CA ASP A 143 52.49 -19.13 -17.82
C ASP A 143 51.25 -18.72 -18.60
N TYR A 144 50.86 -17.46 -18.53
CA TYR A 144 49.67 -16.97 -19.21
C TYR A 144 50.08 -16.26 -20.49
N ASP A 145 49.27 -16.42 -21.54
CA ASP A 145 49.57 -15.71 -22.78
C ASP A 145 49.22 -14.25 -22.65
N ILE A 146 48.00 -13.94 -22.20
CA ILE A 146 47.63 -12.61 -21.76
C ILE A 146 47.29 -12.72 -20.30
N HIS A 147 47.52 -11.66 -19.54
CA HIS A 147 47.32 -11.72 -18.10
C HIS A 147 46.67 -10.45 -17.58
N PHE A 148 45.61 -10.63 -16.81
CA PHE A 148 44.86 -9.54 -16.19
C PHE A 148 45.30 -9.43 -14.74
N SER A 149 45.87 -8.29 -14.37
CA SER A 149 46.19 -8.04 -12.98
C SER A 149 44.92 -7.73 -12.20
N ASN A 150 45.10 -7.32 -10.96
CA ASN A 150 43.98 -6.81 -10.18
C ASN A 150 43.93 -5.30 -10.26
N PHE A 151 42.71 -4.75 -10.23
CA PHE A 151 42.49 -3.33 -10.39
C PHE A 151 42.31 -2.68 -9.02
N ASP A 152 43.22 -1.79 -8.67
CA ASP A 152 43.29 -1.13 -7.39
C ASP A 152 42.59 0.23 -7.43
N LEU A 153 42.40 0.81 -6.25
CA LEU A 153 41.79 2.13 -6.17
C LEU A 153 42.88 3.20 -6.14
N ASP A 154 42.55 4.38 -6.66
CA ASP A 154 43.51 5.46 -6.86
C ASP A 154 42.90 6.75 -6.31
N HIS A 155 43.26 7.09 -5.09
CA HIS A 155 42.85 8.35 -4.50
C HIS A 155 44.01 9.35 -4.54
N LYS A 156 43.83 10.49 -3.86
CA LYS A 156 44.74 11.61 -4.08
C LYS A 156 45.87 11.64 -3.05
N GLN A 157 45.52 11.70 -1.76
CA GLN A 157 46.56 11.89 -0.74
C GLN A 157 47.47 10.68 -0.64
N GLU A 158 46.91 9.47 -0.78
CA GLU A 158 47.66 8.23 -0.87
C GLU A 158 48.49 7.94 0.38
N LYS A 159 48.16 8.57 1.51
CA LYS A 159 48.86 8.32 2.76
C LYS A 159 47.95 7.75 3.83
N ASN A 160 46.80 8.36 4.08
CA ASN A 160 45.92 7.97 5.17
C ASN A 160 44.91 6.95 4.66
N ASP A 161 44.64 5.95 5.50
CA ASP A 161 43.77 4.85 5.11
C ASP A 161 42.34 5.31 4.89
N LEU A 162 41.63 4.63 4.00
CA LEU A 162 40.22 4.93 3.77
C LEU A 162 39.38 4.41 4.92
N ARG A 163 38.58 5.29 5.50
CA ARG A 163 37.54 4.86 6.43
C ARG A 163 36.34 4.41 5.61
N LEU A 164 35.62 3.41 6.11
CA LEU A 164 34.51 2.88 5.34
C LEU A 164 33.43 3.91 5.12
N VAL A 165 32.99 4.58 6.19
CA VAL A 165 31.84 5.48 6.09
C VAL A 165 32.10 6.58 5.08
N ASP A 166 33.37 6.90 4.83
CA ASP A 166 33.67 7.98 3.90
C ASP A 166 33.57 7.53 2.45
N ILE A 167 33.21 6.28 2.19
CA ILE A 167 33.15 5.81 0.82
C ILE A 167 31.87 5.04 0.54
N ALA A 168 31.10 4.72 1.57
CA ALA A 168 29.94 3.86 1.40
C ALA A 168 28.76 4.43 2.17
N SER A 169 27.60 3.80 1.98
CA SER A 169 26.39 4.14 2.70
C SER A 169 25.33 3.10 2.40
N GLY A 170 24.66 2.63 3.44
CA GLY A 170 23.68 1.58 3.27
C GLY A 170 22.47 2.08 2.50
N ARG A 171 21.65 1.12 2.07
CA ARG A 171 20.37 1.40 1.44
C ARG A 171 19.61 0.09 1.29
N ILE A 172 18.30 0.19 1.09
CA ILE A 172 17.45 -0.97 0.94
C ILE A 172 16.88 -0.99 -0.47
N LEU A 173 16.65 -2.17 -1.01
CA LEU A 173 15.90 -2.35 -2.24
C LEU A 173 14.95 -3.50 -2.08
N ASN A 174 13.76 -3.37 -2.65
CA ASN A 174 12.72 -4.38 -2.55
C ASN A 174 12.22 -4.73 -3.94
N ARG A 175 11.25 -5.64 -4.00
CA ARG A 175 10.72 -6.14 -5.25
C ARG A 175 9.21 -6.20 -5.14
N VAL A 176 8.53 -5.41 -5.95
CA VAL A 176 7.09 -5.23 -5.82
C VAL A 176 6.38 -6.26 -6.67
N ASP A 177 5.34 -6.87 -6.11
CA ASP A 177 4.40 -7.65 -6.89
C ASP A 177 3.91 -6.79 -8.06
N PHE A 178 3.58 -7.44 -9.17
CA PHE A 178 2.99 -6.69 -10.26
C PHE A 178 1.50 -6.49 -10.07
N ASP A 179 0.84 -7.43 -9.40
CA ASP A 179 -0.61 -7.40 -9.32
C ASP A 179 -1.09 -6.45 -8.24
N THR A 180 -0.75 -6.72 -7.00
CA THR A 180 -1.39 -6.04 -5.88
C THR A 180 -0.63 -4.80 -5.41
N GLY A 181 0.43 -4.41 -6.11
CA GLY A 181 1.18 -3.22 -5.72
C GLY A 181 1.87 -3.30 -4.39
N LYS A 182 1.71 -4.38 -3.64
CA LYS A 182 2.34 -4.53 -2.35
C LYS A 182 3.81 -4.86 -2.51
N ALA A 183 4.55 -4.73 -1.42
CA ALA A 183 5.94 -5.17 -1.37
C ALA A 183 5.97 -6.62 -0.93
N LYS A 184 6.95 -7.37 -1.40
CA LYS A 184 7.02 -8.79 -1.08
C LYS A 184 8.22 -9.17 -0.24
N ASP A 185 9.36 -8.50 -0.43
CA ASP A 185 10.58 -8.79 0.33
C ASP A 185 11.63 -7.77 -0.06
N TYR A 186 12.81 -7.88 0.54
CA TYR A 186 13.86 -6.91 0.27
C TYR A 186 15.21 -7.48 0.64
N PHE A 187 16.25 -6.70 0.37
CA PHE A 187 17.60 -7.06 0.76
C PHE A 187 18.40 -5.79 0.99
N ARG A 188 19.72 -5.92 1.06
CA ARG A 188 20.59 -4.80 1.34
C ARG A 188 21.68 -4.70 0.29
N THR A 189 22.31 -3.54 0.23
CA THR A 189 23.36 -3.27 -0.75
C THR A 189 24.13 -2.03 -0.35
N TRP A 190 25.30 -1.86 -0.96
CA TRP A 190 26.21 -0.78 -0.61
C TRP A 190 26.51 0.06 -1.84
N GLU A 191 26.02 1.29 -1.84
CA GLU A 191 26.26 2.26 -2.90
C GLU A 191 27.49 3.07 -2.57
N ALA A 192 28.24 3.47 -3.58
CA ALA A 192 29.40 4.32 -3.39
C ALA A 192 29.45 5.37 -4.49
N ASP A 193 29.87 6.57 -4.12
CA ASP A 193 29.74 7.74 -4.98
C ASP A 193 30.77 7.69 -6.11
N TYR A 194 30.64 8.59 -7.07
CA TYR A 194 31.53 8.60 -8.22
C TYR A 194 32.27 9.92 -8.36
N GLU A 195 32.27 10.75 -7.32
CA GLU A 195 32.83 12.08 -7.46
C GLU A 195 34.29 12.11 -7.03
N THR A 196 34.62 11.44 -5.93
CA THR A 196 35.99 11.45 -5.43
C THR A 196 36.68 10.11 -5.59
N TYR A 197 35.96 9.01 -5.42
CA TYR A 197 36.54 7.68 -5.52
C TYR A 197 35.88 6.97 -6.70
N GLY A 198 36.39 7.24 -7.89
CA GLY A 198 35.75 6.73 -9.08
C GLY A 198 36.71 6.46 -10.21
N THR A 199 37.98 6.25 -9.88
CA THR A 199 39.01 6.06 -10.89
C THR A 199 39.93 4.93 -10.47
N TYR A 200 39.62 3.72 -10.91
CA TYR A 200 40.41 2.55 -10.58
C TYR A 200 41.52 2.41 -11.60
N THR A 201 42.60 1.73 -11.23
CA THR A 201 43.73 1.56 -12.12
C THR A 201 44.24 0.13 -12.07
N GLY A 202 45.07 -0.23 -13.04
CA GLY A 202 45.72 -1.53 -12.98
C GLY A 202 46.51 -1.83 -14.22
N ARG A 203 47.14 -3.00 -14.21
CA ARG A 203 48.08 -3.39 -15.24
C ARG A 203 47.52 -4.56 -16.03
N ILE A 204 48.07 -4.79 -17.21
CA ILE A 204 47.72 -5.93 -18.04
C ILE A 204 48.94 -6.27 -18.88
N THR A 205 49.17 -7.56 -19.10
CA THR A 205 50.39 -8.01 -19.75
C THR A 205 50.07 -8.86 -20.96
N LEU A 206 50.93 -8.78 -21.97
CA LEU A 206 50.71 -9.39 -23.27
C LEU A 206 52.03 -9.99 -23.74
N ARG A 207 52.04 -11.30 -24.01
CA ARG A 207 53.24 -11.94 -24.54
C ARG A 207 53.22 -12.00 -26.05
N ASN A 208 52.17 -12.59 -26.61
CA ASN A 208 51.97 -12.62 -28.05
C ASN A 208 51.48 -11.24 -28.46
N GLU A 209 51.74 -10.87 -29.71
CA GLU A 209 51.34 -9.56 -30.19
C GLU A 209 50.19 -9.62 -31.19
N HIS A 210 49.91 -10.78 -31.76
CA HIS A 210 48.93 -10.86 -32.83
C HIS A 210 47.56 -10.35 -32.41
N ALA A 211 47.08 -10.77 -31.25
CA ALA A 211 45.75 -10.36 -30.82
C ALA A 211 45.66 -8.87 -30.52
N LYS A 212 46.80 -8.17 -30.48
CA LYS A 212 46.80 -6.78 -30.06
C LYS A 212 45.75 -5.97 -30.79
N LYS A 213 45.84 -5.95 -32.14
CA LYS A 213 44.96 -5.09 -32.93
C LYS A 213 43.49 -5.30 -32.58
N LEU A 214 43.12 -6.50 -32.15
CA LEU A 214 41.73 -6.70 -31.78
C LEU A 214 41.48 -6.25 -30.37
N LEU A 215 42.34 -6.66 -29.43
CA LEU A 215 42.07 -6.43 -28.01
C LEU A 215 41.65 -4.98 -27.75
N LEU A 216 42.52 -4.03 -28.11
CA LEU A 216 42.23 -2.62 -27.90
C LEU A 216 40.80 -2.28 -28.28
N ALA A 217 40.41 -2.65 -29.51
CA ALA A 217 39.06 -2.32 -29.97
C ALA A 217 38.01 -2.82 -29.00
N SER A 218 38.04 -4.11 -28.68
CA SER A 218 37.04 -4.66 -27.78
C SER A 218 36.98 -3.88 -26.49
N LEU A 219 38.13 -3.41 -26.01
CA LEU A 219 38.14 -2.63 -24.78
C LEU A 219 37.13 -1.51 -24.85
N GLY A 220 37.21 -0.68 -25.89
CA GLY A 220 36.32 0.47 -25.97
C GLY A 220 34.86 0.10 -25.94
N PHE A 221 34.51 -1.11 -26.35
CA PHE A 221 33.10 -1.44 -26.54
C PHE A 221 32.37 -1.63 -25.23
N VAL A 222 33.05 -2.10 -24.19
CA VAL A 222 32.37 -2.34 -22.93
C VAL A 222 31.62 -1.09 -22.51
N ASP A 223 30.38 -1.24 -22.08
CA ASP A 223 29.64 -0.07 -21.66
C ASP A 223 29.35 -0.04 -20.16
N LYS A 224 28.93 -1.16 -19.59
CA LYS A 224 28.62 -1.18 -18.17
C LYS A 224 29.50 -2.21 -17.49
N LEU A 225 29.62 -2.10 -16.18
CA LEU A 225 30.52 -2.95 -15.42
C LEU A 225 30.24 -2.77 -13.95
N CYS A 226 30.11 -3.89 -13.24
CA CYS A 226 29.75 -3.89 -11.82
C CYS A 226 28.68 -2.86 -11.50
N GLY A 227 27.58 -2.87 -12.23
CA GLY A 227 26.41 -2.13 -11.83
C GLY A 227 26.33 -0.68 -12.27
N ALA A 228 27.10 -0.26 -13.25
CA ALA A 228 27.03 1.12 -13.70
C ALA A 228 27.75 1.28 -15.04
N LEU A 229 27.51 2.42 -15.69
CA LEU A 229 28.24 2.74 -16.90
C LEU A 229 29.73 2.89 -16.58
N CYS A 230 30.55 2.97 -17.62
CA CYS A 230 31.99 3.01 -17.40
C CYS A 230 32.71 3.39 -18.67
N ARG A 231 33.94 3.84 -18.50
CA ARG A 231 34.84 4.12 -19.62
C ARG A 231 36.22 3.59 -19.28
N ILE A 232 36.72 2.69 -20.11
CA ILE A 232 38.02 2.08 -19.91
C ILE A 232 39.00 2.76 -20.86
N GLU A 233 40.15 3.13 -20.35
CA GLU A 233 41.09 3.93 -21.13
C GLU A 233 42.49 3.32 -21.07
N VAL A 234 43.17 3.37 -22.21
CA VAL A 234 44.55 2.90 -22.29
C VAL A 234 45.46 4.10 -22.37
N ILE A 235 46.22 4.34 -21.29
CA ILE A 235 47.04 5.54 -21.17
C ILE A 235 48.47 5.18 -21.53
N LYS A 236 49.29 6.21 -21.71
CA LYS A 236 50.69 6.01 -22.05
C LYS A 236 51.54 5.87 -20.80
N ASP A 237 32.54 16.01 19.79
CA ASP A 237 32.81 17.36 20.25
C ASP A 237 31.60 18.28 20.04
N HIS A 238 31.33 18.61 18.78
CA HIS A 238 30.22 19.50 18.48
C HIS A 238 28.90 18.91 18.95
N ASN A 239 28.63 17.65 18.59
CA ASN A 239 27.44 16.97 19.08
C ASN A 239 27.38 17.01 20.60
N ASP A 240 28.51 16.85 21.26
CA ASP A 240 28.52 16.82 22.73
C ASP A 240 28.26 18.21 23.31
N GLU A 241 28.87 19.23 22.72
CA GLU A 241 28.57 20.60 23.14
C GLU A 241 27.08 20.90 23.02
N LEU A 242 26.50 20.56 21.88
CA LEU A 242 25.08 20.83 21.69
C LEU A 242 24.24 19.99 22.62
N ARG A 243 24.69 18.78 22.94
CA ARG A 243 23.99 17.98 23.93
C ARG A 243 23.97 18.67 25.28
N LYS A 244 25.11 19.22 25.69
CA LYS A 244 25.16 19.96 26.94
C LYS A 244 24.22 21.16 26.91
N GLN A 245 24.22 21.91 25.81
CA GLN A 245 23.38 23.10 25.74
C GLN A 245 21.92 22.73 25.78
N ALA A 246 21.53 21.69 25.04
CA ALA A 246 20.15 21.24 25.07
C ALA A 246 19.77 20.77 26.47
N GLU A 247 20.70 20.14 27.17
CA GLU A 247 20.41 19.72 28.54
C GLU A 247 20.14 20.92 29.43
N VAL A 248 20.95 21.99 29.28
CA VAL A 248 20.72 23.19 30.06
C VAL A 248 19.35 23.78 29.75
N ILE A 249 19.00 23.85 28.47
CA ILE A 249 17.71 24.43 28.07
C ILE A 249 16.57 23.62 28.65
N VAL A 250 16.69 22.29 28.58
CA VAL A 250 15.64 21.43 29.13
C VAL A 250 15.51 21.63 30.63
N GLU A 251 16.64 21.78 31.32
CA GLU A 251 16.60 22.09 32.74
C GLU A 251 15.81 23.37 33.00
N ALA A 252 16.15 24.43 32.28
CA ALA A 252 15.44 25.69 32.44
C ALA A 252 13.95 25.52 32.25
N PHE A 253 13.55 24.88 31.15
CA PHE A 253 12.13 24.71 30.88
C PHE A 253 11.47 23.85 31.94
N LYS A 254 12.22 22.91 32.52
CA LYS A 254 11.67 22.06 33.57
C LYS A 254 11.51 22.81 34.88
N GLN A 255 12.25 23.90 35.07
CA GLN A 255 12.07 24.71 36.29
C GLN A 255 10.61 25.14 36.43
N ASN A 256 10.06 25.79 35.42
CA ASN A 256 8.64 26.04 35.40
C ASN A 256 7.90 24.77 35.01
N ASP A 257 6.58 24.79 35.15
CA ASP A 257 5.76 23.67 34.71
C ASP A 257 5.54 23.78 33.19
N LYS A 258 6.65 23.58 32.47
CA LYS A 258 6.65 23.80 31.03
C LYS A 258 7.37 22.68 30.30
N LEU A 259 7.16 21.44 30.70
CA LEU A 259 7.90 20.34 30.10
C LEU A 259 7.42 20.05 28.68
N GLU A 260 6.11 20.11 28.46
CA GLU A 260 5.57 19.65 27.18
C GLU A 260 5.95 20.59 26.04
N LYS A 261 5.90 21.90 26.28
CA LYS A 261 6.20 22.85 25.22
C LYS A 261 7.52 22.56 24.54
N ILE A 262 8.47 21.97 25.27
CA ILE A 262 9.76 21.60 24.70
C ILE A 262 9.56 20.89 23.36
N ARG A 263 8.73 19.86 23.35
CA ARG A 263 8.49 19.12 22.12
C ARG A 263 8.16 20.06 20.97
N ILE A 264 7.20 20.95 21.19
CA ILE A 264 6.86 21.95 20.18
C ILE A 264 8.13 22.65 19.71
N LEU A 265 8.85 23.26 20.64
CA LEU A 265 10.07 23.98 20.30
C LEU A 265 10.93 23.17 19.35
N ALA A 266 11.07 21.87 19.61
CA ALA A 266 11.90 21.03 18.76
C ALA A 266 11.56 21.23 17.30
N ASP A 267 10.32 20.91 16.92
CA ASP A 267 9.94 21.02 15.52
C ASP A 267 10.13 22.45 15.03
N ALA A 268 9.83 23.43 15.88
CA ALA A 268 10.05 24.81 15.52
C ALA A 268 11.45 25.00 14.97
N ILE A 269 12.45 24.59 15.77
CA ILE A 269 13.83 24.81 15.34
C ILE A 269 14.08 24.12 14.02
N ARG A 270 13.52 22.93 13.82
CA ARG A 270 13.70 22.25 12.54
C ARG A 270 13.25 23.13 11.39
N THR A 271 12.03 23.66 11.49
CA THR A 271 11.53 24.50 10.41
C THR A 271 12.46 25.65 10.12
N LEU A 272 13.23 26.09 11.11
CA LEU A 272 14.12 27.23 10.92
C LEU A 272 15.09 27.01 9.77
N ARG A 273 15.32 25.77 9.34
CA ARG A 273 16.28 25.58 8.25
C ARG A 273 15.79 26.16 6.94
N LEU A 274 14.53 26.56 6.85
CA LEU A 274 14.03 27.14 5.62
C LEU A 274 14.37 28.62 5.47
N HIS A 275 14.60 29.33 6.56
CA HIS A 275 14.70 30.77 6.49
C HIS A 275 16.12 31.28 6.41
N GLY A 276 17.11 30.43 6.67
CA GLY A 276 18.49 30.85 6.63
C GLY A 276 18.92 31.52 7.93
N GLU A 277 20.16 32.00 7.93
CA GLU A 277 20.68 32.63 9.14
C GLU A 277 20.04 33.99 9.42
N GLY A 278 19.32 34.56 8.46
CA GLY A 278 18.85 35.92 8.62
C GLY A 278 18.02 36.12 9.88
N VAL A 279 17.26 35.10 10.26
CA VAL A 279 16.27 35.28 11.32
C VAL A 279 16.93 35.52 12.67
N ILE A 280 18.09 34.91 12.90
CA ILE A 280 18.73 35.05 14.21
C ILE A 280 19.57 36.32 14.25
N GLU A 281 20.40 36.53 13.23
CA GLU A 281 21.37 37.62 13.28
C GLU A 281 20.72 38.99 13.23
N LYS A 282 19.44 39.07 12.87
CA LYS A 282 18.73 40.35 12.85
C LYS A 282 17.45 40.30 13.68
N ASP A 283 17.15 39.16 14.28
CA ASP A 283 16.07 39.03 15.26
C ASP A 283 14.72 39.41 14.67
N GLU A 284 14.26 38.63 13.70
CA GLU A 284 12.93 38.77 13.15
C GLU A 284 11.94 37.80 13.78
N LEU A 285 12.29 37.18 14.90
CA LEU A 285 11.37 36.30 15.59
C LEU A 285 10.07 37.04 15.87
N PRO A 286 8.95 36.32 15.95
CA PRO A 286 7.68 36.98 16.24
C PRO A 286 7.75 37.74 17.55
N ASP A 287 7.64 39.05 17.45
CA ASP A 287 7.61 39.90 18.64
C ASP A 287 6.52 39.43 19.58
N GLY A 288 6.73 39.70 20.87
CA GLY A 288 5.79 39.22 21.85
C GLY A 288 4.42 39.87 21.75
N LYS A 289 4.33 41.14 22.10
CA LYS A 289 3.07 41.86 22.11
C LYS A 289 3.36 43.29 22.50
N GLU A 290 2.34 44.13 22.41
CA GLU A 290 2.48 45.51 22.87
C GLU A 290 2.54 45.54 24.39
N GLU A 291 3.63 46.08 24.92
CA GLU A 291 3.86 46.36 26.34
C GLU A 291 3.57 45.18 27.26
N ARG A 292 3.46 43.98 26.70
CA ARG A 292 3.27 42.79 27.54
C ARG A 292 4.64 42.34 28.05
N ASP A 293 4.79 42.32 29.38
CA ASP A 293 6.08 41.99 29.97
C ASP A 293 6.51 40.56 29.67
N LYS A 294 5.57 39.63 29.56
CA LYS A 294 5.94 38.25 29.29
C LYS A 294 6.37 38.04 27.84
N GLY A 295 6.09 38.99 26.96
CA GLY A 295 6.46 38.81 25.56
C GLY A 295 5.75 37.62 24.95
N HIS A 296 6.47 36.92 24.07
CA HIS A 296 5.92 35.73 23.45
C HIS A 296 5.68 34.65 24.49
N HIS A 297 4.94 33.62 24.09
CA HIS A 297 4.63 32.54 25.02
C HIS A 297 5.62 31.40 24.91
N LEU A 298 6.23 31.19 23.73
CA LEU A 298 7.31 30.23 23.59
C LEU A 298 8.67 30.92 23.72
N TRP A 299 8.97 31.87 22.84
CA TRP A 299 10.19 32.65 23.03
C TRP A 299 10.05 33.52 24.27
N ASP A 300 11.11 34.25 24.56
CA ASP A 300 11.17 35.19 25.68
C ASP A 300 11.02 34.50 27.03
N ILE A 301 11.13 33.18 27.09
CA ILE A 301 11.15 32.51 28.38
C ILE A 301 12.55 32.62 28.97
N LYS A 302 12.63 32.96 30.25
CA LYS A 302 13.92 33.06 30.91
C LYS A 302 14.55 31.68 31.00
N VAL A 303 15.77 31.54 30.48
CA VAL A 303 16.46 30.26 30.50
C VAL A 303 17.32 30.16 31.75
N GLN A 304 18.36 30.99 31.87
CA GLN A 304 19.10 31.12 33.11
C GLN A 304 19.03 32.53 33.67
N GLY A 305 19.36 33.52 32.85
CA GLY A 305 19.22 34.90 33.24
C GLY A 305 18.80 35.78 32.10
N THR A 306 18.60 35.18 30.93
CA THR A 306 18.34 35.91 29.71
C THR A 306 17.13 35.35 28.99
N ALA A 307 16.78 35.98 27.88
CA ALA A 307 15.67 35.52 27.06
C ALA A 307 16.16 34.49 26.05
N LEU A 308 15.26 33.59 25.67
CA LEU A 308 15.63 32.43 24.87
C LEU A 308 16.26 32.85 23.55
N ARG A 309 15.76 33.92 22.94
CA ARG A 309 16.30 34.33 21.65
C ARG A 309 17.74 34.78 21.79
N THR A 310 18.09 35.43 22.91
CA THR A 310 19.48 35.78 23.13
C THR A 310 20.34 34.54 23.30
N LYS A 311 19.83 33.53 24.00
CA LYS A 311 20.55 32.27 24.14
C LYS A 311 20.84 31.67 22.77
N LEU A 312 19.83 31.65 21.90
CA LEU A 312 20.04 31.12 20.56
C LEU A 312 21.06 31.94 19.81
N LYS A 313 20.99 33.27 19.93
CA LYS A 313 21.97 34.11 19.25
C LYS A 313 23.38 33.76 19.69
N GLU A 314 23.60 33.62 21.00
CA GLU A 314 24.92 33.28 21.48
C GLU A 314 25.37 31.91 20.98
N LEU A 315 24.47 30.92 21.06
CA LEU A 315 24.84 29.58 20.63
C LEU A 315 25.25 29.57 19.17
N TRP A 316 24.47 30.21 18.31
CA TRP A 316 24.82 30.26 16.90
C TRP A 316 26.12 31.04 16.71
N GLN A 317 26.38 32.03 17.55
CA GLN A 317 27.63 32.75 17.46
C GLN A 317 28.81 31.83 17.78
N SER A 318 28.61 30.88 18.68
CA SER A 318 29.71 30.01 19.07
C SER A 318 30.05 29.00 17.98
N ASN A 319 29.04 28.47 17.30
CA ASN A 319 29.21 27.35 16.38
C ASN A 319 29.08 27.74 14.92
N LYS A 320 29.51 28.95 14.55
CA LYS A 320 29.33 29.42 13.18
C LYS A 320 30.02 28.51 12.16
N ASP A 321 31.01 27.73 12.58
CA ASP A 321 31.79 26.92 11.66
C ASP A 321 30.96 25.85 10.96
N ILE A 322 30.10 25.14 11.68
CA ILE A 322 29.45 23.96 11.11
C ILE A 322 28.60 24.32 9.91
N GLY A 323 27.91 25.43 9.95
CA GLY A 323 26.96 25.74 8.91
C GLY A 323 25.52 25.70 9.42
N TRP A 324 24.73 26.66 8.96
CA TRP A 324 23.38 26.84 9.48
C TRP A 324 22.58 25.54 9.41
N ARG A 325 22.65 24.85 8.28
CA ARG A 325 21.80 23.69 8.05
C ARG A 325 22.05 22.60 9.10
N LYS A 326 23.28 22.08 9.14
CA LYS A 326 23.61 21.05 10.11
C LYS A 326 23.38 21.54 11.52
N PHE A 327 23.65 22.81 11.78
CA PHE A 327 23.39 23.40 13.09
C PHE A 327 21.95 23.12 13.53
N THR A 328 20.99 23.61 12.74
CA THR A 328 19.59 23.46 13.13
C THR A 328 19.19 21.99 13.20
N GLU A 329 19.63 21.20 12.22
CA GLU A 329 19.24 19.80 12.22
C GLU A 329 19.68 19.10 13.49
N MET A 330 20.96 19.23 13.84
CA MET A 330 21.47 18.55 15.03
C MET A 330 20.81 19.07 16.29
N LEU A 331 20.58 20.38 16.36
CA LEU A 331 19.91 20.92 17.53
C LEU A 331 18.54 20.28 17.72
N GLY A 332 17.79 20.18 16.63
CA GLY A 332 16.49 19.55 16.71
C GLY A 332 16.56 18.10 17.13
N SER A 333 17.48 17.35 16.53
CA SER A 333 17.62 15.95 16.89
C SER A 333 17.94 15.79 18.37
N ASN A 334 18.88 16.60 18.86
CA ASN A 334 19.28 16.49 20.26
C ASN A 334 18.12 16.82 21.18
N LEU A 335 17.38 17.89 20.89
CA LEU A 335 16.24 18.23 21.73
C LEU A 335 15.21 17.12 21.73
N TYR A 336 14.92 16.56 20.56
CA TYR A 336 13.96 15.47 20.51
C TYR A 336 14.40 14.31 21.36
N LEU A 337 15.69 13.95 21.27
CA LEU A 337 16.16 12.78 22.01
C LEU A 337 16.14 13.01 23.51
N ILE A 338 16.52 14.22 23.94
CA ILE A 338 16.50 14.52 25.36
C ILE A 338 15.08 14.47 25.89
N TYR A 339 14.13 15.05 25.15
CA TYR A 339 12.73 14.98 25.57
C TYR A 339 12.28 13.54 25.67
N LYS A 340 12.61 12.72 24.68
CA LYS A 340 12.17 11.33 24.71
C LYS A 340 12.74 10.60 25.92
N LYS A 341 14.02 10.83 26.22
CA LYS A 341 14.62 10.17 27.37
C LYS A 341 13.99 10.63 28.67
N GLU A 342 13.58 11.90 28.72
CA GLU A 342 13.02 12.44 29.96
C GLU A 342 11.71 11.76 30.34
N THR A 343 10.75 11.72 29.43
CA THR A 343 9.41 11.23 29.75
C THR A 343 9.27 9.74 29.42
N GLY A 344 10.19 8.95 29.97
CA GLY A 344 10.04 7.51 29.92
C GLY A 344 10.75 6.80 28.79
N GLY A 345 11.84 7.36 28.27
CA GLY A 345 12.65 6.67 27.29
C GLY A 345 11.97 6.45 25.95
N VAL A 346 12.76 6.12 24.93
CA VAL A 346 12.25 5.92 23.58
C VAL A 346 11.47 4.61 23.56
N SER A 347 10.50 4.50 22.68
CA SER A 347 9.72 3.28 22.54
C SER A 347 10.58 2.11 22.08
N THR A 348 11.70 -10.46 7.19
CA THR A 348 11.87 -10.90 5.81
C THR A 348 13.16 -10.36 5.23
N GLU A 349 14.04 -11.27 4.79
CA GLU A 349 15.26 -10.87 4.12
C GLU A 349 15.66 -12.03 3.22
N TYR A 350 15.25 -11.97 1.96
CA TYR A 350 15.34 -13.12 1.06
C TYR A 350 16.24 -12.79 -0.12
N TYR A 351 17.48 -13.24 -0.04
CA TYR A 351 18.43 -13.11 -1.14
C TYR A 351 18.17 -14.24 -2.12
N SER A 352 18.86 -14.18 -3.25
CA SER A 352 18.80 -15.28 -4.19
C SER A 352 19.24 -16.56 -3.52
N LYS A 353 18.56 -17.66 -3.84
CA LYS A 353 18.91 -18.95 -3.28
C LYS A 353 20.21 -19.42 -3.91
N ALA A 354 21.31 -18.96 -3.30
CA ALA A 354 22.67 -19.20 -3.77
C ALA A 354 22.91 -20.65 -4.15
N HIS A 355 22.31 -21.57 -3.41
CA HIS A 355 22.50 -22.99 -3.69
C HIS A 355 21.96 -23.34 -5.06
N ASP A 356 22.88 -23.63 -5.99
CA ASP A 356 22.55 -24.09 -7.33
C ASP A 356 23.11 -25.48 -7.58
N SER A 357 22.91 -26.39 -6.62
CA SER A 357 23.69 -27.61 -6.45
C SER A 357 24.06 -28.31 -7.74
N GLU A 358 23.07 -28.72 -8.53
CA GLU A 358 23.39 -29.54 -9.69
C GLU A 358 22.35 -29.34 -10.79
N GLY A 359 22.47 -30.11 -11.86
CA GLY A 359 21.52 -30.04 -12.94
C GLY A 359 22.05 -29.45 -14.23
N SER A 360 21.70 -28.20 -14.49
CA SER A 360 21.63 -27.70 -15.86
C SER A 360 22.93 -27.76 -16.65
N ASP A 361 23.87 -26.84 -16.37
CA ASP A 361 25.06 -26.68 -17.21
C ASP A 361 24.73 -26.89 -18.69
N LEU A 362 23.83 -26.09 -19.26
CA LEU A 362 23.17 -26.45 -20.51
C LEU A 362 23.87 -25.98 -21.77
N PHE A 363 24.32 -24.73 -21.82
CA PHE A 363 24.91 -24.18 -23.05
C PHE A 363 23.93 -24.23 -24.23
N ILE A 364 22.90 -23.39 -24.21
CA ILE A 364 21.92 -23.30 -25.26
C ILE A 364 22.38 -22.25 -26.27
N PRO A 365 22.65 -22.64 -27.52
CA PRO A 365 23.08 -21.67 -28.53
C PRO A 365 21.91 -21.07 -29.29
N VAL A 366 22.20 -19.98 -30.00
CA VAL A 366 21.22 -19.32 -30.86
C VAL A 366 21.89 -18.86 -32.14
N THR A 367 21.15 -18.16 -33.00
CA THR A 367 21.72 -17.76 -34.28
C THR A 367 21.05 -16.53 -34.87
N PRO A 368 21.82 -15.51 -35.24
CA PRO A 368 21.26 -14.43 -36.04
C PRO A 368 21.09 -14.89 -37.47
N PRO A 369 19.93 -14.64 -38.07
CA PRO A 369 19.60 -15.35 -39.31
C PRO A 369 20.57 -15.10 -40.44
N GLU A 370 20.57 -13.90 -40.99
CA GLU A 370 21.53 -13.56 -42.02
C GLU A 370 21.45 -12.08 -42.37
N GLY A 371 22.55 -11.35 -42.27
CA GLY A 371 22.60 -10.03 -42.87
C GLY A 371 21.73 -8.97 -42.21
N ILE A 372 20.77 -9.38 -41.39
CA ILE A 372 19.95 -8.46 -40.61
C ILE A 372 20.86 -7.49 -39.86
N GLU A 373 20.64 -6.19 -40.06
CA GLU A 373 21.50 -5.20 -39.42
C GLU A 373 21.23 -5.14 -37.93
N THR A 374 21.94 -4.29 -37.22
CA THR A 374 21.62 -4.05 -35.81
C THR A 374 22.10 -2.65 -35.46
N LYS A 375 21.28 -1.91 -34.72
CA LYS A 375 21.56 -0.51 -34.50
C LYS A 375 21.24 -0.14 -33.06
N GLU A 376 21.78 1.01 -32.66
CA GLU A 376 21.73 1.48 -31.28
C GLU A 376 20.96 2.78 -31.23
N TRP A 377 19.78 2.75 -30.62
CA TRP A 377 18.96 3.94 -30.49
C TRP A 377 19.15 4.54 -29.11
N ILE A 378 19.09 5.87 -29.04
CA ILE A 378 19.35 6.59 -27.81
C ILE A 378 18.31 7.70 -27.68
N ILE A 379 17.90 7.98 -26.46
CA ILE A 379 16.92 9.01 -26.18
C ILE A 379 17.49 9.92 -25.10
N VAL A 380 17.36 11.23 -25.30
CA VAL A 380 17.77 12.20 -24.28
C VAL A 380 16.63 13.19 -24.10
N GLY A 381 16.45 13.67 -22.88
CA GLY A 381 15.47 14.71 -22.67
C GLY A 381 15.35 15.13 -21.23
N ARG A 382 14.42 16.05 -20.97
CA ARG A 382 14.19 16.55 -19.63
C ARG A 382 12.96 15.89 -19.05
N LEU A 383 13.07 15.48 -17.80
CA LEU A 383 11.96 14.90 -17.06
C LEU A 383 11.55 15.93 -16.01
N LYS A 384 10.25 16.01 -15.72
CA LYS A 384 9.72 17.13 -14.94
C LYS A 384 8.64 16.62 -13.99
N ALA A 385 8.59 17.22 -12.80
CA ALA A 385 7.56 16.90 -11.84
C ALA A 385 6.35 17.78 -12.09
N ALA A 386 5.17 17.28 -11.78
CA ALA A 386 3.97 18.09 -11.85
C ALA A 386 3.18 18.08 -10.56
N THR A 387 3.74 17.53 -9.51
CA THR A 387 3.15 17.54 -8.18
C THR A 387 4.24 17.16 -7.21
N PRO A 388 4.13 17.47 -5.92
CA PRO A 388 5.16 17.08 -4.97
C PRO A 388 5.44 15.58 -5.03
N PHE A 389 6.71 15.23 -4.89
CA PHE A 389 7.20 13.87 -5.11
C PHE A 389 8.00 13.40 -3.91
N TYR A 390 8.23 12.09 -3.84
CA TYR A 390 8.85 11.49 -2.66
C TYR A 390 9.34 10.09 -2.96
N PHE A 391 10.59 9.80 -2.59
CA PHE A 391 11.21 8.49 -2.74
C PHE A 391 11.60 7.99 -1.36
N GLY A 392 11.03 6.87 -0.94
CA GLY A 392 11.25 6.40 0.41
C GLY A 392 12.69 6.00 0.70
N VAL A 393 13.02 5.94 1.99
CA VAL A 393 14.30 5.44 2.46
C VAL A 393 14.16 5.27 3.96
N GLN A 394 14.92 4.34 4.52
CA GLN A 394 14.75 4.01 5.94
C GLN A 394 15.47 5.04 6.80
N GLN A 395 15.34 4.86 8.13
CA GLN A 395 15.91 5.79 9.09
C GLN A 395 17.38 6.06 8.83
N PRO A 396 17.89 7.21 9.27
CA PRO A 396 19.32 7.50 9.06
C PRO A 396 20.24 6.67 9.93
N SER A 397 19.77 6.29 11.13
CA SER A 397 20.59 5.47 12.01
C SER A 397 21.00 4.16 11.38
N ASP A 398 20.12 3.56 10.58
CA ASP A 398 20.44 2.34 9.84
C ASP A 398 21.54 2.56 8.82
N SER A 399 21.69 3.78 8.31
CA SER A 399 22.60 4.07 7.21
C SER A 399 24.07 3.80 7.55
N ILE A 400 24.39 3.40 8.77
CA ILE A 400 25.77 3.04 9.10
C ILE A 400 26.12 1.76 8.36
N PRO A 401 27.06 1.79 7.42
CA PRO A 401 27.24 0.64 6.53
C PRO A 401 28.04 -0.49 7.16
N GLY A 402 28.97 -0.18 8.04
CA GLY A 402 29.83 -1.23 8.56
C GLY A 402 29.11 -2.19 9.48
N LYS A 403 28.26 -1.67 10.36
CA LYS A 403 27.63 -2.46 11.43
C LYS A 403 26.17 -2.63 11.08
N GLU A 404 25.85 -3.75 10.43
CA GLU A 404 24.47 -4.05 10.06
C GLU A 404 23.74 -4.75 11.20
N ILE A 405 13.83 1.85 18.34
CA ILE A 405 14.46 3.15 18.44
C ILE A 405 14.01 4.05 17.30
N ASN A 406 13.26 5.09 17.63
CA ASN A 406 12.73 6.00 16.61
C ASN A 406 13.48 7.33 16.63
N GLU A 407 13.51 7.99 15.49
CA GLU A 407 14.23 9.23 15.31
C GLU A 407 13.24 10.39 15.20
N HIS A 408 13.76 11.56 14.85
CA HIS A 408 12.96 12.77 14.83
C HIS A 408 12.01 12.79 13.64
N THR A 409 12.53 12.66 12.43
CA THR A 409 11.75 12.99 11.26
C THR A 409 10.67 11.95 10.97
N SER A 410 10.98 10.68 11.17
CA SER A 410 10.11 9.51 11.06
C SER A 410 9.79 9.12 9.62
N PHE A 411 10.18 9.90 8.62
CA PHE A 411 10.06 9.48 7.23
C PHE A 411 10.99 10.37 6.40
N ASN A 412 12.17 9.87 6.07
CA ASN A 412 13.10 10.71 5.35
C ASN A 412 12.89 10.60 3.85
N ILE A 413 13.51 11.52 3.13
CA ILE A 413 13.58 11.47 1.68
C ILE A 413 15.02 11.17 1.28
N LEU A 414 15.18 10.38 0.23
CA LEU A 414 16.50 10.06 -0.28
C LEU A 414 17.26 11.35 -0.58
N LEU A 415 18.58 11.31 -0.40
CA LEU A 415 19.42 12.47 -0.62
C LEU A 415 20.85 12.02 -0.83
N ASP A 416 21.53 12.65 -1.79
CA ASP A 416 22.90 12.28 -2.10
C ASP A 416 23.87 13.10 -1.26
N LYS A 417 25.13 13.12 -1.66
CA LYS A 417 26.18 13.67 -0.81
C LYS A 417 26.01 15.16 -0.54
N GLU A 418 25.57 15.93 -1.53
CA GLU A 418 25.53 17.38 -1.39
C GLU A 418 24.13 17.92 -1.13
N ASN A 419 23.21 17.08 -0.67
CA ASN A 419 21.82 17.43 -0.43
C ASN A 419 21.08 17.82 -1.71
N ARG A 420 21.21 17.05 -2.77
CA ARG A 420 20.42 17.29 -3.97
C ARG A 420 19.41 16.17 -4.16
N TYR A 421 18.28 16.51 -4.78
CA TYR A 421 17.26 15.51 -5.03
C TYR A 421 17.68 14.57 -6.15
N ARG A 422 17.46 13.27 -5.94
CA ARG A 422 18.05 12.25 -6.78
C ARG A 422 17.04 11.15 -7.08
N ILE A 423 17.10 10.63 -8.30
CA ILE A 423 16.21 9.55 -8.73
C ILE A 423 17.04 8.31 -9.03
N PRO A 424 16.98 7.29 -8.18
CA PRO A 424 17.86 6.14 -8.38
C PRO A 424 17.38 5.24 -9.50
N ARG A 425 18.33 4.73 -10.29
CA ARG A 425 17.97 3.96 -11.46
C ARG A 425 17.04 2.81 -11.12
N SER A 426 17.07 2.34 -9.88
CA SER A 426 16.20 1.24 -9.50
C SER A 426 14.73 1.60 -9.72
N ALA A 427 14.31 2.75 -9.20
CA ALA A 427 12.90 3.12 -9.31
C ALA A 427 12.49 3.34 -10.75
N LEU A 428 13.30 4.08 -11.50
CA LEU A 428 12.97 4.34 -12.89
C LEU A 428 12.84 3.04 -13.67
N ARG A 429 13.80 2.12 -13.49
CA ARG A 429 13.71 0.84 -14.19
C ARG A 429 12.47 0.08 -13.80
N GLY A 430 12.16 0.02 -12.51
CA GLY A 430 10.97 -0.69 -12.08
C GLY A 430 9.72 -0.15 -12.73
N ALA A 431 9.57 1.18 -12.74
CA ALA A 431 8.37 1.77 -13.34
C ALA A 431 8.31 1.50 -14.83
N LEU A 432 9.45 1.60 -15.51
CA LEU A 432 9.47 1.28 -16.92
C LEU A 432 8.99 -0.14 -17.15
N ARG A 433 9.46 -1.08 -16.34
CA ARG A 433 9.02 -2.47 -16.50
C ARG A 433 7.52 -2.58 -16.30
N ARG A 434 6.99 -1.97 -15.25
CA ARG A 434 5.56 -2.12 -14.97
C ARG A 434 4.73 -1.62 -16.15
N ASP A 435 5.02 -0.41 -16.64
CA ASP A 435 4.21 0.12 -17.72
C ASP A 435 4.39 -0.68 -19.00
N LEU A 436 5.60 -1.14 -19.29
CA LEU A 436 5.77 -1.93 -20.50
C LEU A 436 5.02 -3.25 -20.41
N ARG A 437 5.04 -3.87 -19.23
CA ARG A 437 4.29 -5.10 -19.05
C ARG A 437 2.81 -4.88 -19.27
N THR A 438 2.28 -3.76 -18.79
CA THR A 438 0.89 -3.45 -19.13
C THR A 438 0.71 -3.30 -20.64
N ALA A 439 1.69 -2.70 -21.30
CA ALA A 439 1.57 -2.48 -22.74
C ALA A 439 1.45 -3.79 -23.51
N PHE A 440 2.26 -4.78 -23.16
CA PHE A 440 2.16 -6.07 -23.86
C PHE A 440 0.96 -6.90 -23.43
N GLY A 441 0.12 -6.39 -22.55
CA GLY A 441 -1.04 -7.15 -22.13
C GLY A 441 -0.76 -8.35 -21.26
N SER A 442 0.49 -8.81 -21.18
CA SER A 442 0.83 -9.94 -20.34
C SER A 442 2.34 -10.00 -20.19
N GLY A 443 2.78 -10.74 -19.17
CA GLY A 443 4.20 -10.89 -18.94
C GLY A 443 4.55 -11.76 -17.75
N CYS A 444 5.74 -12.35 -17.76
CA CYS A 444 6.16 -13.17 -16.64
C CYS A 444 6.25 -12.32 -15.38
N ASN A 445 5.71 -12.82 -14.29
CA ASN A 445 6.06 -12.29 -12.99
C ASN A 445 7.49 -12.68 -12.69
N VAL A 446 8.24 -11.77 -12.07
CA VAL A 446 9.69 -11.92 -12.00
C VAL A 446 10.04 -13.21 -11.26
N SER A 447 11.13 -13.83 -11.66
CA SER A 447 11.64 -15.05 -11.04
C SER A 447 12.95 -14.75 -10.35
N LEU A 448 13.38 -15.63 -9.47
CA LEU A 448 14.56 -15.40 -8.67
C LEU A 448 15.55 -16.54 -8.79
N GLY A 449 16.78 -16.22 -9.18
CA GLY A 449 17.83 -17.21 -9.23
C GLY A 449 17.52 -18.44 -10.05
N GLY A 450 16.75 -18.29 -11.12
CA GLY A 450 16.33 -19.45 -11.88
C GLY A 450 17.48 -20.14 -12.57
N GLN A 451 17.16 -21.25 -13.24
CA GLN A 451 18.18 -22.00 -13.97
C GLN A 451 18.16 -21.70 -15.46
N ILE A 452 17.01 -21.34 -16.02
CA ILE A 452 16.89 -21.07 -17.44
C ILE A 452 16.20 -19.73 -17.62
N LEU A 453 16.68 -18.94 -18.57
CA LEU A 453 16.12 -17.61 -18.76
C LEU A 453 14.71 -17.68 -19.29
N CYS A 454 13.79 -16.96 -18.66
CA CYS A 454 12.44 -16.82 -19.19
C CYS A 454 12.48 -16.17 -20.57
N ASN A 455 11.39 -16.30 -21.31
CA ASN A 455 11.30 -15.66 -22.62
C ASN A 455 9.92 -15.09 -22.91
N CYS A 456 9.18 -14.72 -21.89
CA CYS A 456 8.03 -13.86 -22.13
C CYS A 456 8.51 -12.60 -22.83
N LYS A 457 7.81 -12.21 -23.90
CA LYS A 457 8.25 -11.10 -24.74
C LYS A 457 8.71 -9.91 -23.92
N VAL A 458 8.04 -9.64 -22.80
CA VAL A 458 8.43 -8.51 -21.96
C VAL A 458 9.90 -8.62 -21.54
N CYS A 459 10.35 -9.82 -21.19
CA CYS A 459 11.74 -9.97 -20.83
C CYS A 459 12.63 -9.82 -22.06
N ILE A 460 12.18 -10.34 -23.20
CA ILE A 460 13.01 -10.28 -24.40
C ILE A 460 13.24 -8.84 -24.80
N GLU A 461 12.35 -7.95 -24.38
CA GLU A 461 12.63 -6.53 -24.58
C GLU A 461 13.50 -5.99 -23.45
N MET A 462 13.07 -6.18 -22.20
CA MET A 462 13.75 -5.56 -21.08
C MET A 462 15.22 -5.92 -21.01
N ARG A 463 15.63 -7.03 -21.61
CA ARG A 463 17.05 -7.36 -21.55
C ARG A 463 17.89 -6.50 -22.48
N ARG A 464 17.32 -5.48 -23.11
CA ARG A 464 18.09 -4.58 -23.96
C ARG A 464 17.84 -3.12 -23.63
N ILE A 465 17.89 -2.75 -22.36
CA ILE A 465 17.54 -1.41 -21.92
C ILE A 465 18.48 -0.99 -20.81
N THR A 466 19.19 0.11 -21.00
CA THR A 466 20.14 0.62 -20.02
C THR A 466 19.80 2.07 -19.70
N LEU A 467 19.33 2.30 -18.48
CA LEU A 467 18.95 3.64 -18.03
C LEU A 467 20.15 4.32 -17.40
N LYS A 468 19.94 5.46 -16.75
CA LYS A 468 21.03 6.21 -16.15
C LYS A 468 20.53 6.98 -14.95
N ASP A 469 21.36 7.06 -13.92
CA ASP A 469 21.03 7.81 -12.72
C ASP A 469 20.89 9.29 -13.05
N SER A 470 20.27 10.04 -12.14
CA SER A 470 19.91 11.42 -12.38
C SER A 470 19.96 12.22 -11.08
N VAL A 471 20.45 13.46 -11.16
CA VAL A 471 20.54 14.32 -10.00
C VAL A 471 19.99 15.69 -10.38
N SER A 472 19.33 16.33 -9.42
CA SER A 472 18.71 17.62 -9.65
C SER A 472 19.76 18.72 -9.77
N ASP A 473 19.28 19.96 -9.83
CA ASP A 473 20.15 21.11 -9.77
C ASP A 473 19.92 21.95 -8.53
N PHE A 474 18.70 21.92 -8.00
CA PHE A 474 18.37 22.65 -6.78
C PHE A 474 19.09 22.01 -5.60
N SER A 475 19.24 22.75 -4.50
CA SER A 475 19.96 22.15 -3.39
C SER A 475 19.43 22.55 -2.01
N GLU A 476 18.19 23.00 -1.87
CA GLU A 476 17.76 23.53 -0.59
C GLU A 476 16.85 22.55 0.14
N PRO A 477 16.65 22.73 1.44
CA PRO A 477 15.97 21.72 2.25
C PRO A 477 14.55 21.47 1.77
N PRO A 478 13.98 20.33 2.10
CA PRO A 478 12.62 20.02 1.69
C PRO A 478 11.61 20.51 2.71
N GLU A 479 10.34 20.28 2.39
CA GLU A 479 9.28 20.74 3.27
C GLU A 479 8.67 19.56 4.02
N ILE A 480 7.85 19.90 5.01
CA ILE A 480 7.24 18.92 5.90
C ILE A 480 5.74 18.97 5.72
N ARG A 481 5.10 17.82 5.89
CA ARG A 481 3.65 17.72 5.98
C ARG A 481 3.31 16.81 7.14
N TYR A 482 2.11 16.93 7.67
CA TYR A 482 1.67 16.08 8.76
C TYR A 482 0.46 15.27 8.34
N ARG A 483 0.24 14.18 9.05
CA ARG A 483 -0.92 13.32 8.83
C ARG A 483 -1.36 12.74 10.15
N ILE A 484 -2.67 12.61 10.31
CA ILE A 484 -3.26 12.04 11.50
C ILE A 484 -4.36 11.07 11.10
N ALA A 485 -4.97 10.45 12.09
CA ALA A 485 -6.07 9.53 11.89
C ALA A 485 -7.25 9.97 12.73
N LYS A 486 -8.45 9.72 12.24
CA LYS A 486 -9.65 10.14 12.94
C LYS A 486 -10.49 8.94 13.31
N ASN A 487 -10.64 8.71 14.60
CA ASN A 487 -11.50 7.66 15.11
C ASN A 487 -12.94 7.92 14.68
N PRO A 488 -13.50 7.13 13.77
CA PRO A 488 -14.89 7.38 13.38
C PRO A 488 -15.86 7.13 14.50
N GLY A 489 -15.40 6.58 15.61
CA GLY A 489 -16.29 6.38 16.75
C GLY A 489 -16.87 7.68 17.26
N THR A 490 -16.01 8.69 17.46
CA THR A 490 -16.44 9.95 18.02
C THR A 490 -15.87 11.16 17.30
N ALA A 491 -15.47 11.03 16.04
CA ALA A 491 -15.13 12.16 15.18
C ALA A 491 -14.00 13.01 15.72
N THR A 492 -13.39 12.63 16.83
CA THR A 492 -12.27 13.35 17.40
C THR A 492 -10.99 12.99 16.65
N VAL A 493 -9.86 13.31 17.26
CA VAL A 493 -8.60 12.80 16.76
C VAL A 493 -8.34 11.42 17.35
N GLU A 494 -7.88 10.50 16.52
CA GLU A 494 -7.68 9.13 16.98
C GLU A 494 -6.38 9.04 17.79
N ASP A 495 -6.45 8.30 18.90
CA ASP A 495 -5.33 8.19 19.82
C ASP A 495 -4.08 7.67 19.12
N GLY A 496 -2.93 8.16 19.56
CA GLY A 496 -1.65 7.60 19.18
C GLY A 496 -1.31 7.64 17.72
N SER A 497 -2.00 8.45 16.92
CA SER A 497 -1.71 8.54 15.50
C SER A 497 -1.37 9.98 15.17
N LEU A 498 -0.09 10.21 14.84
CA LEU A 498 0.35 11.52 14.37
C LEU A 498 1.73 11.34 13.80
N PHE A 499 1.95 11.75 12.56
CA PHE A 499 3.31 11.66 12.05
C PHE A 499 3.50 12.65 10.92
N ASP A 500 4.71 12.69 10.40
CA ASP A 500 5.11 13.68 9.43
C ASP A 500 5.84 13.02 8.27
N ILE A 501 5.94 13.76 7.18
CA ILE A 501 6.53 13.28 5.94
C ILE A 501 7.31 14.42 5.33
N GLU A 502 8.50 14.12 4.82
CA GLU A 502 9.24 15.09 4.03
C GLU A 502 8.83 14.94 2.58
N VAL A 503 8.64 16.06 1.89
CA VAL A 503 8.40 16.04 0.46
C VAL A 503 9.17 17.18 -0.18
N GLY A 504 9.28 17.13 -1.49
CA GLY A 504 10.08 18.07 -2.22
C GLY A 504 9.27 19.09 -2.98
N PRO A 505 9.92 20.14 -3.44
CA PRO A 505 9.22 21.16 -4.21
C PRO A 505 8.81 20.59 -5.56
N GLU A 506 7.71 21.12 -6.07
CA GLU A 506 7.24 20.70 -7.39
C GLU A 506 7.88 21.56 -8.46
N GLY A 507 7.61 21.21 -9.71
CA GLY A 507 8.17 21.95 -10.81
C GLY A 507 9.66 21.81 -10.98
N LEU A 508 10.27 20.75 -10.45
CA LEU A 508 11.69 20.56 -10.63
C LEU A 508 11.96 19.74 -11.89
N THR A 509 13.23 19.67 -12.28
CA THR A 509 13.62 19.00 -13.51
C THR A 509 14.73 17.98 -13.24
N PHE A 510 14.97 17.12 -14.22
CA PHE A 510 16.05 16.16 -14.20
C PHE A 510 16.47 15.81 -15.62
N PRO A 511 17.70 15.35 -15.81
CA PRO A 511 18.07 14.79 -17.11
C PRO A 511 17.70 13.31 -17.17
N PHE A 512 17.35 12.84 -18.36
CA PHE A 512 16.85 11.48 -18.51
C PHE A 512 17.34 10.91 -19.83
N VAL A 513 17.98 9.75 -19.75
CA VAL A 513 18.76 9.16 -20.82
C VAL A 513 18.45 7.68 -20.92
N LEU A 514 18.13 7.21 -22.12
CA LEU A 514 17.65 5.83 -22.28
C LEU A 514 18.20 5.23 -23.56
N ARG A 515 18.84 4.06 -23.42
CA ARG A 515 19.52 3.42 -24.54
C ARG A 515 18.76 2.16 -24.93
N TYR A 516 18.93 1.74 -26.18
CA TYR A 516 18.32 0.52 -26.69
C TYR A 516 19.19 -0.01 -27.82
N ARG A 517 19.22 -1.33 -27.98
CA ARG A 517 20.07 -2.00 -28.95
C ARG A 517 19.30 -3.15 -29.58
N GLY A 518 19.27 -3.20 -30.91
CA GLY A 518 18.60 -4.31 -31.55
C GLY A 518 18.30 -4.10 -33.02
N HIS A 519 17.23 -4.75 -33.47
CA HIS A 519 16.93 -4.89 -34.89
C HIS A 519 15.78 -4.01 -35.37
N LYS A 520 14.76 -3.79 -34.55
CA LYS A 520 13.68 -2.91 -34.94
C LYS A 520 13.08 -2.28 -33.69
N PHE A 521 12.81 -0.98 -33.77
CA PHE A 521 12.40 -0.23 -32.61
C PHE A 521 10.99 -0.67 -32.21
N PRO A 522 10.83 -1.39 -31.11
CA PRO A 522 9.54 -2.01 -30.81
C PRO A 522 8.44 -0.97 -30.65
N GLU A 523 7.29 -1.25 -31.26
CA GLU A 523 6.20 -0.29 -31.28
C GLU A 523 5.74 0.05 -29.88
N GLN A 524 5.80 -0.90 -28.96
CA GLN A 524 5.25 -0.65 -27.63
C GLN A 524 6.18 0.23 -26.81
N LEU A 525 7.48 0.16 -27.06
CA LEU A 525 8.37 1.14 -26.45
C LEU A 525 7.99 2.55 -26.87
N SER A 526 7.80 2.76 -28.17
CA SER A 526 7.35 4.07 -28.63
C SER A 526 6.01 4.42 -28.02
N SER A 527 5.15 3.43 -27.83
CA SER A 527 3.87 3.68 -27.17
C SER A 527 4.09 4.25 -25.78
N VAL A 528 4.91 3.60 -24.96
CA VAL A 528 5.12 4.07 -23.60
C VAL A 528 5.77 5.44 -23.60
N ILE A 529 6.73 5.67 -24.49
CA ILE A 529 7.36 6.98 -24.54
C ILE A 529 6.32 8.05 -24.82
N ARG A 530 5.44 7.83 -25.81
CA ARG A 530 4.36 8.77 -26.04
C ARG A 530 3.52 8.96 -24.79
N TYR A 531 3.12 7.86 -24.16
CA TYR A 531 2.21 7.93 -23.01
C TYR A 531 2.84 8.72 -21.87
N TRP A 532 4.15 8.77 -21.80
CA TRP A 532 4.78 9.63 -20.81
C TRP A 532 4.90 11.07 -21.27
N GLU A 533 4.78 11.34 -22.57
CA GLU A 533 5.00 12.69 -23.06
C GLU A 533 3.87 13.61 -22.60
N GLU A 534 4.09 14.91 -22.70
CA GLU A 534 3.10 15.93 -22.37
C GLU A 534 3.11 17.01 -23.44
N ASN A 535 2.03 17.09 -24.21
CA ASN A 535 1.85 18.13 -25.20
C ASN A 535 0.52 18.82 -24.95
N ASP A 536 0.31 19.95 -25.61
CA ASP A 536 -0.85 20.79 -25.36
C ASP A 536 -2.13 19.97 -25.36
N GLY A 537 -3.01 20.27 -24.40
CA GLY A 537 -4.23 19.51 -24.24
C GLY A 537 -4.06 18.11 -23.72
N LYS A 538 -2.85 17.74 -23.32
CA LYS A 538 -2.59 16.41 -22.81
C LYS A 538 -1.57 16.48 -21.68
N ASN A 539 -1.91 15.88 -20.55
CA ASN A 539 -1.05 15.88 -19.37
C ASN A 539 -0.31 14.56 -19.28
N GLY A 540 0.97 14.62 -18.90
CA GLY A 540 1.74 13.40 -18.78
C GLY A 540 1.21 12.50 -17.67
N MET A 541 1.65 11.25 -17.68
CA MET A 541 1.11 10.28 -16.75
C MET A 541 2.18 9.32 -16.25
N ALA A 542 3.42 9.76 -16.19
CA ALA A 542 4.52 8.90 -15.73
C ALA A 542 4.54 8.89 -14.21
N TRP A 543 4.22 7.75 -13.61
CA TRP A 543 4.24 7.64 -12.16
C TRP A 543 5.55 7.00 -11.70
N LEU A 544 6.15 7.55 -10.67
CA LEU A 544 7.36 7.01 -10.09
C LEU A 544 7.31 7.16 -8.58
N GLY A 545 8.14 6.39 -7.90
CA GLY A 545 8.26 6.51 -6.47
C GLY A 545 7.00 6.10 -5.74
N GLY A 546 7.17 5.88 -4.43
CA GLY A 546 6.09 5.43 -3.58
C GLY A 546 5.02 6.49 -3.41
N LEU A 547 4.08 6.17 -2.51
CA LEU A 547 2.98 7.08 -2.18
C LEU A 547 2.22 7.52 -3.43
N ASP A 548 1.86 6.55 -4.27
CA ASP A 548 1.04 6.86 -5.42
C ASP A 548 -0.38 7.23 -5.00
N SER A 549 -0.82 6.76 -3.84
CA SER A 549 -2.21 6.92 -3.47
C SER A 549 -2.58 8.39 -3.31
N THR A 550 -1.86 9.11 -2.45
CA THR A 550 -2.20 10.49 -2.18
C THR A 550 -1.65 11.44 -3.22
N GLY A 551 -1.32 10.95 -4.41
CA GLY A 551 -0.99 11.82 -5.50
C GLY A 551 0.39 12.42 -5.48
N LYS A 552 1.39 11.66 -5.08
CA LYS A 552 2.76 12.12 -5.15
C LYS A 552 3.52 11.35 -6.22
N GLY A 553 4.17 12.06 -7.12
CA GLY A 553 5.09 11.45 -8.04
C GLY A 553 4.68 11.41 -9.48
N ARG A 554 3.69 12.20 -9.89
CA ARG A 554 3.36 12.29 -11.30
C ARG A 554 4.47 13.05 -12.00
N PHE A 555 4.95 12.53 -13.12
CA PHE A 555 5.97 13.21 -13.89
C PHE A 555 5.61 13.23 -15.37
N ALA A 556 6.30 14.08 -16.11
CA ALA A 556 6.04 14.26 -17.53
C ALA A 556 7.33 14.63 -18.23
N LEU A 557 7.41 14.36 -19.52
CA LEU A 557 8.64 14.61 -20.26
C LEU A 557 8.55 15.88 -21.06
N LYS A 558 9.70 16.33 -21.57
CA LYS A 558 9.68 17.35 -22.60
C LYS A 558 11.07 17.46 -23.23
N ASP A 559 11.06 17.96 -24.47
CA ASP A 559 12.25 18.08 -25.30
C ASP A 559 12.84 16.72 -25.66
N ILE A 560 11.96 15.74 -25.85
CA ILE A 560 12.41 14.42 -26.24
C ILE A 560 13.15 14.51 -27.55
N LYS A 561 14.42 14.12 -27.54
CA LYS A 561 15.21 14.08 -28.77
C LYS A 561 15.90 12.74 -28.89
N ILE A 562 15.65 12.07 -30.02
CA ILE A 562 16.11 10.70 -30.25
C ILE A 562 17.26 10.76 -31.23
N PHE A 563 18.22 9.85 -31.07
CA PHE A 563 19.32 9.74 -32.00
C PHE A 563 19.53 8.26 -32.33
N GLU A 564 20.14 8.01 -33.48
CA GLU A 564 20.21 6.67 -34.04
C GLU A 564 21.63 6.39 -34.50
N TRP A 565 22.12 5.20 -34.13
CA TRP A 565 23.50 4.78 -34.32
C TRP A 565 23.52 3.59 -35.26
N ASP A 566 24.18 3.75 -36.40
CA ASP A 566 24.29 2.69 -37.40
C ASP A 566 25.55 1.88 -37.10
N LEU A 567 25.35 0.69 -36.52
CA LEU A 567 26.49 -0.13 -36.13
C LEU A 567 27.10 -0.89 -37.30
N ASN A 568 26.26 -1.50 -38.14
CA ASN A 568 26.75 -2.51 -39.08
C ASN A 568 27.76 -1.94 -40.06
N GLN A 569 27.83 -0.62 -40.19
CA GLN A 569 28.77 0.01 -41.10
C GLN A 569 29.85 0.82 -40.42
N LYS A 570 29.57 1.46 -39.29
CA LYS A 570 30.43 2.47 -38.73
C LYS A 570 30.90 2.12 -37.32
N ILE A 571 31.31 0.87 -37.11
CA ILE A 571 31.66 0.43 -35.77
C ILE A 571 32.86 1.20 -35.26
N ASN A 572 33.73 1.68 -36.15
CA ASN A 572 34.89 2.42 -35.68
C ASN A 572 34.49 3.77 -35.10
N GLU A 573 33.43 4.37 -35.61
CA GLU A 573 32.98 5.65 -35.06
C GLU A 573 32.41 5.47 -33.66
N TYR A 574 31.58 4.44 -33.47
CA TYR A 574 31.11 4.10 -32.14
C TYR A 574 32.27 3.84 -31.20
N ILE A 575 33.26 3.08 -31.64
CA ILE A 575 34.33 2.70 -30.73
C ILE A 575 35.26 3.87 -30.49
N LYS A 576 35.23 4.87 -31.36
CA LYS A 576 36.01 6.06 -31.12
C LYS A 576 35.32 6.98 -30.13
N GLU A 577 34.02 7.14 -30.26
CA GLU A 577 33.28 8.03 -29.38
C GLU A 577 32.83 7.35 -28.09
N ARG A 578 33.16 6.08 -27.90
CA ARG A 578 32.90 5.39 -26.65
C ARG A 578 31.41 5.40 -26.31
N GLY A 579 30.60 5.59 -27.33
CA GLY A 579 29.17 5.60 -27.14
C GLY A 579 28.62 6.88 -26.55
N MET A 580 29.41 7.94 -26.55
CA MET A 580 29.00 9.22 -26.00
C MET A 580 28.62 9.12 -24.52
N ARG A 581 28.92 7.97 -23.90
CA ARG A 581 28.53 7.77 -22.52
C ARG A 581 29.33 8.69 -21.61
N GLY A 582 28.66 9.74 -21.13
CA GLY A 582 29.31 10.75 -20.32
C GLY A 582 29.28 12.15 -20.88
N LYS A 583 28.47 12.40 -21.90
CA LYS A 583 28.40 13.72 -22.51
C LYS A 583 26.95 14.07 -22.87
N GLU A 584 26.01 13.39 -22.22
CA GLU A 584 24.62 13.38 -22.67
C GLU A 584 24.03 14.78 -22.75
N LYS A 585 24.31 15.64 -21.77
CA LYS A 585 23.77 16.99 -21.81
C LYS A 585 24.22 17.73 -23.07
N GLU A 586 25.47 17.53 -23.48
CA GLU A 586 25.93 18.10 -24.74
C GLU A 586 25.02 17.66 -25.88
N LEU A 587 24.73 16.36 -25.94
CA LEU A 587 23.88 15.86 -27.01
C LEU A 587 22.50 16.50 -26.96
N LEU A 588 21.97 16.73 -25.76
CA LEU A 588 20.65 17.34 -25.66
C LEU A 588 20.64 18.76 -26.18
N GLU A 589 21.54 19.60 -25.67
CA GLU A 589 21.49 21.03 -25.94
C GLU A 589 22.11 21.40 -27.29
N MET A 590 22.66 20.44 -28.02
CA MET A 590 23.36 20.79 -29.24
C MET A 590 22.42 20.77 -30.44
N GLY A 591 22.71 21.63 -31.40
CA GLY A 591 22.04 21.56 -32.68
C GLY A 591 22.63 20.47 -33.56
N GLU A 592 21.79 19.95 -34.45
CA GLU A 592 22.17 18.79 -35.25
C GLU A 592 23.38 19.06 -36.15
N SER A 593 23.81 20.32 -36.26
CA SER A 593 24.88 20.64 -37.20
C SER A 593 26.18 19.93 -36.88
N SER A 594 26.77 20.20 -35.72
CA SER A 594 28.08 19.65 -35.38
C SER A 594 27.98 18.30 -34.69
N LEU A 595 26.93 17.54 -34.96
CA LEU A 595 26.80 16.21 -34.40
C LEU A 595 28.04 15.38 -34.73
N PRO A 596 28.43 14.45 -33.86
CA PRO A 596 29.55 13.57 -34.21
C PRO A 596 29.15 12.61 -35.32
N ASP A 597 30.07 12.43 -36.26
CA ASP A 597 29.80 11.59 -37.42
C ASP A 597 29.38 10.18 -36.99
N GLY A 598 28.51 9.57 -37.79
CA GLY A 598 27.99 8.26 -37.49
C GLY A 598 26.76 8.26 -36.61
N LEU A 599 26.15 9.40 -36.37
CA LEU A 599 24.98 9.52 -35.52
C LEU A 599 23.97 10.41 -36.22
N ILE A 600 22.73 9.94 -36.37
CA ILE A 600 21.77 10.72 -37.14
C ILE A 600 20.41 10.74 -36.45
N PRO A 601 19.59 11.77 -36.67
CA PRO A 601 18.31 11.85 -35.96
C PRO A 601 17.31 10.84 -36.49
N TYR A 602 16.54 10.26 -35.58
CA TYR A 602 15.48 9.35 -35.97
C TYR A 602 14.41 10.11 -36.72
N LYS A 603 13.67 9.40 -37.57
CA LYS A 603 12.63 10.05 -38.36
C LYS A 603 11.24 9.48 -38.15
N PHE A 604 11.09 8.15 -38.19
CA PHE A 604 9.77 7.53 -38.26
C PHE A 604 9.15 7.31 -36.89
N PHE A 605 9.53 8.12 -35.90
CA PHE A 605 8.87 8.09 -34.61
C PHE A 605 7.41 8.48 -34.81
N GLU A 606 6.50 7.51 -34.68
CA GLU A 606 5.10 7.79 -34.98
C GLU A 606 4.47 8.61 -33.87
N GLU A 607 3.36 9.27 -34.21
CA GLU A 607 2.67 10.12 -33.26
C GLU A 607 1.80 9.27 -32.32
N ARG A 608 0.95 9.96 -31.58
CA ARG A 608 0.19 9.29 -30.52
C ARG A 608 -0.94 8.44 -31.08
N GLU A 609 -1.44 8.79 -32.28
CA GLU A 609 -2.67 8.16 -32.76
C GLU A 609 -2.43 6.84 -33.50
N CYS A 610 -1.33 6.70 -34.22
CA CYS A 610 -1.16 5.51 -35.06
C CYS A 610 -0.76 4.28 -34.26
N LEU A 611 -0.28 4.46 -33.03
CA LEU A 611 0.23 3.35 -32.24
C LEU A 611 -0.93 2.50 -31.74
N PHE A 612 -0.82 1.18 -31.92
CA PHE A 612 -1.93 0.30 -31.57
C PHE A 612 -2.07 0.08 -30.07
N PRO A 613 -1.04 -0.35 -29.34
CA PRO A 613 -1.25 -0.59 -27.90
C PRO A 613 -1.71 0.64 -27.15
N TYR A 614 -1.17 1.82 -27.52
CA TYR A 614 -1.54 3.05 -26.85
C TYR A 614 -3.04 3.27 -26.87
N LYS A 615 -3.64 3.25 -28.05
CA LYS A 615 -5.09 3.43 -28.13
C LYS A 615 -5.82 2.21 -27.59
N GLU A 616 -5.14 1.06 -27.55
CA GLU A 616 -5.83 -0.16 -27.18
C GLU A 616 -5.78 -0.42 -25.68
N ASN A 617 -4.61 -0.27 -25.07
CA ASN A 617 -4.45 -0.67 -23.67
C ASN A 617 -4.04 0.47 -22.76
N LEU A 618 -3.08 1.30 -23.16
CA LEU A 618 -2.54 2.30 -22.23
C LEU A 618 -3.56 3.39 -21.93
N LYS A 619 -3.97 4.14 -22.95
CA LYS A 619 -4.72 5.37 -22.72
C LYS A 619 -5.96 5.16 -21.86
N PRO A 620 -6.77 4.14 -22.09
CA PRO A 620 -7.97 3.99 -21.26
C PRO A 620 -7.67 3.34 -19.92
N GLN A 621 -6.42 3.30 -19.49
CA GLN A 621 -6.04 2.65 -18.25
C GLN A 621 -5.98 3.66 -17.11
N TRP A 622 -6.42 4.89 -17.38
CA TRP A 622 -6.59 5.91 -16.36
C TRP A 622 -7.59 6.96 -16.81
N SER A 623 -8.74 7.02 -16.16
CA SER A 623 -9.72 8.06 -16.45
C SER A 623 -9.28 9.35 -15.77
N GLU A 624 -10.12 10.38 -15.77
CA GLU A 624 -9.73 11.61 -15.11
C GLU A 624 -10.93 12.50 -14.81
N VAL A 625 -11.12 12.88 -13.56
CA VAL A 625 -12.17 13.81 -13.19
C VAL A 625 -11.51 15.08 -12.70
N GLN A 626 -12.09 16.23 -13.02
CA GLN A 626 -11.55 17.52 -12.64
C GLN A 626 -12.70 18.51 -12.46
N TYR A 627 -12.68 19.25 -11.36
CA TYR A 627 -13.84 20.08 -11.04
C TYR A 627 -13.44 21.19 -10.08
N THR A 628 -14.34 22.15 -9.95
CA THR A 628 -14.11 23.34 -9.15
C THR A 628 -15.18 23.51 -8.09
N ILE A 629 -14.77 24.02 -6.93
CA ILE A 629 -15.62 24.18 -5.77
C ILE A 629 -15.65 25.65 -5.40
N GLU A 630 -16.83 26.15 -5.02
CA GLU A 630 -17.01 27.53 -4.63
C GLU A 630 -17.42 27.57 -3.16
N VAL A 631 -16.63 28.29 -2.37
CA VAL A 631 -16.75 28.36 -0.92
C VAL A 631 -17.25 29.74 -0.53
N GLY A 632 -18.16 29.80 0.44
CA GLY A 632 -18.79 31.05 0.78
C GLY A 632 -18.40 31.70 2.09
N SER A 633 -17.55 31.07 2.89
CA SER A 633 -17.19 31.55 4.21
C SER A 633 -15.69 31.48 4.38
N PRO A 634 -15.15 31.98 5.49
CA PRO A 634 -13.71 31.88 5.70
C PRO A 634 -13.25 30.43 5.72
N LEU A 635 -12.04 30.20 5.22
CA LEU A 635 -11.46 28.87 5.10
C LEU A 635 -10.12 28.85 5.81
N LEU A 636 -9.86 27.77 6.55
CA LEU A 636 -8.67 27.68 7.38
C LEU A 636 -8.25 26.22 7.54
N THR A 637 -7.01 25.92 7.17
CA THR A 637 -6.39 24.63 7.45
C THR A 637 -5.21 24.90 8.39
N ALA A 638 -5.37 24.51 9.65
CA ALA A 638 -4.43 24.92 10.68
C ALA A 638 -3.03 24.39 10.41
N ASP A 639 -2.03 25.19 10.77
CA ASP A 639 -0.62 24.78 10.69
C ASP A 639 0.13 25.63 11.71
N THR A 640 0.36 25.07 12.89
CA THR A 640 0.82 25.89 14.00
C THR A 640 2.26 26.35 13.82
N ILE A 641 3.07 25.55 13.13
CA ILE A 641 4.51 25.78 13.13
C ILE A 641 4.84 27.07 12.38
N SER A 642 4.40 27.15 11.12
CA SER A 642 4.65 28.36 10.34
C SER A 642 4.13 29.59 11.06
N ALA A 643 3.09 29.43 11.87
CA ALA A 643 2.66 30.53 12.72
C ALA A 643 3.74 30.88 13.73
N LEU A 644 4.24 29.88 14.46
CA LEU A 644 5.24 30.14 15.49
C LEU A 644 6.49 30.79 14.93
N THR A 645 6.85 30.52 13.68
CA THR A 645 8.13 30.99 13.16
C THR A 645 8.00 32.08 12.10
N GLU A 646 7.05 33.00 12.25
CA GLU A 646 6.91 34.01 11.22
C GLU A 646 6.42 35.32 11.82
N PRO A 647 6.94 36.46 11.35
CA PRO A 647 6.52 37.75 11.91
C PRO A 647 5.04 38.01 11.74
N GLY A 648 4.40 38.44 12.81
CA GLY A 648 2.97 38.72 12.79
C GLY A 648 2.26 38.32 14.06
N ASN A 649 2.80 37.35 14.79
CA ASN A 649 2.27 36.93 16.09
C ASN A 649 0.83 36.47 15.97
N ARG A 650 0.64 35.37 15.24
CA ARG A 650 -0.66 34.75 15.11
C ARG A 650 -0.61 33.35 15.73
N ASP A 651 -1.75 32.68 15.75
CA ASP A 651 -1.79 31.35 16.36
C ASP A 651 -2.19 30.28 15.36
N ALA A 652 -2.61 30.66 14.16
CA ALA A 652 -2.96 29.70 13.12
C ALA A 652 -3.07 30.46 11.82
N ILE A 653 -2.40 29.96 10.78
CA ILE A 653 -2.43 30.62 9.50
C ILE A 653 -2.81 29.60 8.44
N ALA A 654 -3.11 30.10 7.25
CA ALA A 654 -3.44 29.21 6.15
C ALA A 654 -2.22 28.43 5.71
N TYR A 655 -2.42 27.14 5.44
CA TYR A 655 -1.33 26.30 5.00
C TYR A 655 -0.85 26.74 3.63
N LYS A 656 0.46 26.73 3.44
CA LYS A 656 1.05 27.15 2.18
C LYS A 656 1.89 26.02 1.61
N LYS A 657 2.31 26.19 0.37
CA LYS A 657 3.26 25.29 -0.27
C LYS A 657 4.02 26.06 -1.34
N ARG A 658 5.31 25.74 -1.47
CA ARG A 658 6.16 26.50 -2.37
C ARG A 658 6.20 25.83 -3.73
N VAL A 659 6.83 26.50 -4.69
CA VAL A 659 6.89 26.05 -6.07
C VAL A 659 8.21 26.48 -6.67
N TYR A 660 8.92 25.55 -7.28
CA TYR A 660 10.10 25.91 -8.05
C TYR A 660 9.71 26.14 -9.51
N ASN A 661 9.77 27.39 -9.93
CA ASN A 661 9.51 27.76 -11.31
C ASN A 661 10.69 27.34 -12.15
N ASP A 662 10.42 26.93 -13.39
CA ASP A 662 11.53 26.59 -14.28
C ASP A 662 12.12 27.83 -14.94
N GLY A 663 11.39 28.94 -14.93
CA GLY A 663 11.84 30.11 -15.67
C GLY A 663 13.10 30.71 -15.09
N ASN A 664 13.03 31.20 -13.85
CA ASN A 664 14.13 31.95 -13.26
C ASN A 664 15.05 31.09 -12.42
N ASN A 665 14.72 29.81 -12.25
CA ASN A 665 15.57 28.86 -11.53
C ASN A 665 15.67 29.22 -10.05
N ALA A 666 14.54 29.62 -9.47
CA ALA A 666 14.49 29.93 -8.05
C ALA A 666 13.05 29.82 -7.58
N ILE A 667 12.88 29.66 -6.28
CA ILE A 667 11.55 29.56 -5.69
C ILE A 667 10.76 30.82 -6.02
N GLU A 668 9.45 30.67 -6.10
CA GLU A 668 8.61 31.81 -6.41
C GLU A 668 8.68 32.82 -5.27
N PRO A 669 8.67 34.12 -5.56
CA PRO A 669 8.64 35.10 -4.47
C PRO A 669 7.37 35.05 -3.65
N GLU A 670 6.28 34.52 -4.21
CA GLU A 670 5.00 34.47 -3.52
C GLU A 670 4.52 33.03 -3.41
N PRO A 671 4.22 32.52 -2.23
CA PRO A 671 3.78 31.14 -2.10
C PRO A 671 2.27 31.03 -2.15
N ARG A 672 1.78 29.88 -2.64
CA ARG A 672 0.36 29.70 -2.91
C ARG A 672 -0.34 29.02 -1.75
N PHE A 673 -1.57 29.44 -1.48
CA PHE A 673 -2.40 28.77 -0.51
C PHE A 673 -3.06 27.56 -1.16
N ALA A 674 -3.58 26.66 -0.34
CA ALA A 674 -4.16 25.43 -0.86
C ALA A 674 -4.85 24.68 0.26
N VAL A 675 -5.27 23.46 -0.06
CA VAL A 675 -5.75 22.49 0.92
C VAL A 675 -5.15 21.15 0.53
N LYS A 676 -4.47 20.51 1.47
CA LYS A 676 -3.64 19.36 1.13
C LYS A 676 -4.48 18.18 0.69
N SER A 677 -3.87 17.30 -0.10
CA SER A 677 -4.60 16.17 -0.67
C SER A 677 -5.14 15.24 0.39
N GLU A 678 -4.29 14.85 1.35
CA GLU A 678 -4.73 13.91 2.38
C GLU A 678 -6.11 14.27 2.92
N THR A 679 -6.38 15.56 3.09
CA THR A 679 -7.71 15.98 3.50
C THR A 679 -8.75 15.61 2.46
N HIS A 680 -8.43 15.84 1.19
CA HIS A 680 -9.34 15.46 0.11
C HIS A 680 -9.71 14.00 0.24
N ARG A 681 -8.69 13.15 0.34
CA ARG A 681 -8.90 11.71 0.41
C ARG A 681 -9.71 11.34 1.62
N GLY A 682 -9.34 11.86 2.79
CA GLY A 682 -10.10 11.54 3.98
C GLY A 682 -11.57 11.91 3.84
N ILE A 683 -11.83 13.06 3.24
CA ILE A 683 -13.22 13.49 3.10
C ILE A 683 -13.99 12.49 2.27
N PHE A 684 -13.49 12.17 1.09
CA PHE A 684 -14.22 11.21 0.25
C PHE A 684 -14.36 9.87 0.96
N ARG A 685 -13.32 9.44 1.65
CA ARG A 685 -13.35 8.14 2.31
C ARG A 685 -14.45 8.09 3.35
N THR A 686 -14.44 9.04 4.27
CA THR A 686 -15.47 9.02 5.30
C THR A 686 -16.85 9.15 4.68
N ALA A 687 -16.96 9.89 3.57
CA ALA A 687 -18.25 10.04 2.93
C ALA A 687 -18.80 8.69 2.46
N VAL A 688 -18.06 8.01 1.60
CA VAL A 688 -18.51 6.71 1.10
C VAL A 688 -18.75 5.76 2.25
N GLY A 689 -17.86 5.77 3.26
CA GLY A 689 -18.03 4.87 4.37
C GLY A 689 -19.34 5.07 5.09
N ARG A 690 -19.60 6.29 5.56
CA ARG A 690 -20.85 6.54 6.27
C ARG A 690 -22.05 6.24 5.40
N ARG A 691 -21.93 6.44 4.08
CA ARG A 691 -23.05 6.12 3.22
C ARG A 691 -23.35 4.63 3.22
N THR A 692 -22.34 3.80 2.98
CA THR A 692 -22.59 2.37 2.87
C THR A 692 -22.91 1.75 4.21
N GLY A 693 -22.52 2.39 5.30
CA GLY A 693 -22.82 1.87 6.62
C GLY A 693 -21.89 0.79 7.12
N ASP A 694 -20.68 0.69 6.56
CA ASP A 694 -19.76 -0.36 6.96
C ASP A 694 -18.46 0.16 7.54
N LEU A 695 -18.36 1.47 7.80
CA LEU A 695 -17.10 2.02 8.28
C LEU A 695 -16.74 1.47 9.66
N GLY A 696 -17.73 1.35 10.54
CA GLY A 696 -17.46 0.87 11.89
C GLY A 696 -17.32 -0.63 11.98
N LYS A 697 -16.27 -1.18 11.39
CA LYS A 697 -15.99 -2.60 11.46
C LYS A 697 -14.50 -2.83 11.69
N GLU A 698 -14.19 -3.92 12.38
CA GLU A 698 -12.83 -4.20 12.82
C GLU A 698 -12.25 -5.51 12.30
N ASP A 699 -13.07 -6.53 12.09
CA ASP A 699 -12.59 -7.80 11.53
C ASP A 699 -12.30 -7.57 10.05
N HIS A 700 -11.06 -7.24 9.75
CA HIS A 700 -10.64 -6.88 8.39
C HIS A 700 -9.70 -7.94 7.83
N GLU A 701 -9.95 -9.20 8.18
CA GLU A 701 -9.22 -10.28 7.53
C GLU A 701 -9.66 -10.41 6.07
N ASP A 702 -10.96 -10.41 5.82
CA ASP A 702 -11.50 -10.16 4.49
C ASP A 702 -12.75 -9.32 4.69
N CYS A 703 -12.56 -8.00 4.78
CA CYS A 703 -13.65 -7.07 4.93
C CYS A 703 -14.16 -6.68 3.56
N THR A 704 -15.00 -7.55 3.01
CA THR A 704 -15.57 -7.41 1.67
C THR A 704 -16.82 -6.56 1.83
N CYS A 705 -16.63 -5.25 1.75
CA CYS A 705 -17.70 -4.33 2.10
C CYS A 705 -17.82 -3.18 1.11
N ASP A 706 -17.33 -3.37 -0.11
CA ASP A 706 -17.48 -2.42 -1.20
C ASP A 706 -16.64 -1.17 -0.97
N MET A 707 -16.06 -1.04 0.21
CA MET A 707 -15.12 0.04 0.48
C MET A 707 -13.68 -0.40 0.37
N CYS A 708 -13.34 -1.49 1.06
CA CYS A 708 -11.98 -1.99 1.00
C CYS A 708 -11.65 -2.54 -0.38
N ILE A 709 -12.63 -2.60 -1.27
CA ILE A 709 -12.32 -2.92 -2.66
C ILE A 709 -11.84 -1.66 -3.38
N ILE A 710 -12.43 -0.51 -3.06
CA ILE A 710 -12.13 0.69 -3.81
C ILE A 710 -10.88 1.37 -3.28
N PHE A 711 -10.91 1.81 -2.04
CA PHE A 711 -9.83 2.61 -1.47
C PHE A 711 -8.62 1.77 -1.10
N GLY A 712 -8.68 0.47 -1.30
CA GLY A 712 -7.56 -0.38 -0.94
C GLY A 712 -7.38 -0.48 0.56
N ASN A 713 -6.54 -1.44 0.94
CA ASN A 713 -6.17 -1.61 2.34
C ASN A 713 -4.84 -2.35 2.37
N GLU A 714 -4.48 -2.88 3.54
CA GLU A 714 -3.15 -3.46 3.72
C GLU A 714 -2.91 -4.66 2.82
N HIS A 715 -3.89 -5.08 2.02
CA HIS A 715 -3.72 -6.23 1.15
C HIS A 715 -3.62 -5.88 -0.33
N GLU A 716 -4.35 -4.89 -0.80
CA GLU A 716 -4.31 -4.50 -2.21
C GLU A 716 -4.01 -3.02 -2.33
N SER A 717 -3.53 -2.62 -3.50
CA SER A 717 -3.39 -1.20 -3.77
C SER A 717 -4.76 -0.54 -3.82
N SER A 718 -4.74 0.78 -3.88
CA SER A 718 -5.97 1.52 -4.00
C SER A 718 -6.28 1.80 -5.46
N LYS A 719 -7.57 1.95 -5.76
CA LYS A 719 -8.02 2.09 -7.13
C LYS A 719 -8.24 3.52 -7.55
N ILE A 720 -8.01 4.48 -6.66
CA ILE A 720 -8.34 5.88 -6.91
C ILE A 720 -7.21 6.74 -6.37
N ARG A 721 -6.98 7.90 -6.98
CA ARG A 721 -5.87 8.75 -6.57
C ARG A 721 -6.29 10.22 -6.61
N PHE A 722 -5.82 10.99 -5.64
CA PHE A 722 -6.17 12.40 -5.52
C PHE A 722 -4.97 13.29 -5.81
N GLU A 723 -5.25 14.53 -6.16
CA GLU A 723 -4.24 15.58 -6.26
C GLU A 723 -4.62 16.70 -5.32
N ASP A 724 -3.91 17.82 -5.42
CA ASP A 724 -4.07 18.86 -4.42
C ASP A 724 -5.00 19.96 -4.90
N LEU A 725 -5.76 20.52 -3.95
CA LEU A 725 -6.70 21.60 -4.23
C LEU A 725 -5.95 22.92 -4.23
N GLU A 726 -5.92 23.60 -5.37
CA GLU A 726 -5.20 24.84 -5.52
C GLU A 726 -6.17 26.00 -5.59
N LEU A 727 -5.72 27.18 -5.19
CA LEU A 727 -6.55 28.37 -5.27
C LEU A 727 -6.17 29.19 -6.50
N ILE A 728 -7.17 29.74 -7.19
CA ILE A 728 -6.92 30.39 -8.47
C ILE A 728 -7.40 31.83 -8.55
N ASN A 729 -8.43 32.25 -7.82
CA ASN A 729 -8.94 33.61 -7.94
C ASN A 729 -8.50 34.47 -6.77
N GLY A 730 -7.28 34.28 -6.29
CA GLY A 730 -6.83 35.03 -5.13
C GLY A 730 -6.61 36.50 -5.41
N ASN A 731 -6.00 36.83 -6.55
CA ASN A 731 -5.64 38.21 -6.82
C ASN A 731 -6.85 39.13 -6.85
N GLU A 732 -8.05 38.60 -7.11
CA GLU A 732 -9.23 39.47 -7.17
C GLU A 732 -9.46 40.17 -5.84
N PHE A 733 -9.12 39.52 -4.73
CA PHE A 733 -9.23 40.15 -3.43
C PHE A 733 -8.04 41.07 -3.20
N GLU A 734 -8.19 42.01 -2.27
CA GLU A 734 -7.06 42.84 -1.88
C GLU A 734 -6.66 42.60 -0.43
N LYS A 735 -7.41 41.79 0.31
CA LYS A 735 -7.03 41.43 1.67
C LYS A 735 -7.38 39.97 1.86
N LEU A 736 -6.43 39.09 1.56
CA LEU A 736 -6.74 37.66 1.53
C LEU A 736 -7.06 37.12 2.92
N GLU A 737 -6.40 37.64 3.93
CA GLU A 737 -6.63 37.19 5.30
C GLU A 737 -7.57 38.15 6.03
N LYS A 738 -7.92 37.77 7.26
CA LYS A 738 -8.76 38.59 8.10
C LYS A 738 -8.54 38.20 9.55
N HIS A 739 -8.10 39.15 10.35
CA HIS A 739 -7.73 38.90 11.74
C HIS A 739 -9.00 38.81 12.56
N ILE A 740 -9.21 37.67 13.22
CA ILE A 740 -10.44 37.43 13.95
C ILE A 740 -10.08 36.95 15.35
N ASP A 741 -10.88 37.33 16.35
CA ASP A 741 -10.62 36.95 17.72
C ASP A 741 -11.75 36.09 18.28
N HIS A 742 -11.46 35.41 19.38
CA HIS A 742 -12.44 34.56 20.06
C HIS A 742 -12.07 34.48 21.52
N VAL A 743 -13.07 34.28 22.37
CA VAL A 743 -12.86 34.29 23.81
C VAL A 743 -14.01 33.57 24.48
N ALA A 744 -13.70 32.85 25.54
CA ALA A 744 -14.71 32.18 26.34
C ALA A 744 -15.33 33.18 27.30
N ILE A 745 -16.44 32.79 27.91
CA ILE A 745 -17.07 33.58 28.97
C ILE A 745 -17.48 32.64 30.09
N ASP A 746 -17.04 32.95 31.30
CA ASP A 746 -17.44 32.14 32.45
C ASP A 746 -18.93 32.26 32.67
N ARG A 747 -19.60 31.11 32.74
CA ARG A 747 -21.05 31.11 32.82
C ARG A 747 -21.55 31.69 34.13
N PHE A 748 -20.67 31.95 35.09
CA PHE A 748 -21.13 32.51 36.36
C PHE A 748 -20.89 34.01 36.44
N THR A 749 -19.65 34.44 36.24
CA THR A 749 -19.36 35.86 36.38
C THR A 749 -19.89 36.66 35.20
N GLY A 750 -19.84 36.11 34.00
CA GLY A 750 -20.22 36.84 32.81
C GLY A 750 -19.07 37.50 32.08
N GLY A 751 -17.89 37.56 32.69
CA GLY A 751 -16.74 38.16 32.06
C GLY A 751 -15.79 37.12 31.48
N ALA A 752 -14.75 37.62 30.82
CA ALA A 752 -13.78 36.73 30.20
C ALA A 752 -13.04 35.94 31.26
N LEU A 753 -12.70 34.70 30.92
CA LEU A 753 -11.99 33.84 31.87
C LEU A 753 -10.54 34.28 31.99
N ASP A 754 -9.75 33.50 32.73
CA ASP A 754 -8.37 33.87 32.99
C ASP A 754 -7.52 33.87 31.72
N LYS A 755 -7.42 32.72 31.05
CA LYS A 755 -6.44 32.54 29.99
C LYS A 755 -7.06 32.00 28.71
N ALA A 756 -8.15 32.61 28.26
CA ALA A 756 -8.87 32.06 27.12
C ALA A 756 -9.26 33.11 26.10
N LYS A 757 -8.30 33.92 25.64
CA LYS A 757 -8.54 34.85 24.56
C LYS A 757 -7.55 34.58 23.43
N PHE A 758 -8.03 33.97 22.36
CA PHE A 758 -7.14 33.60 21.28
C PHE A 758 -7.68 34.18 19.97
N ASP A 759 -7.05 33.80 18.87
CA ASP A 759 -7.37 34.44 17.60
C ASP A 759 -6.99 33.52 16.46
N THR A 760 -7.57 33.80 15.30
CA THR A 760 -7.28 33.06 14.08
C THR A 760 -7.13 34.04 12.93
N TYR A 761 -6.63 33.52 11.82
CA TYR A 761 -6.15 34.33 10.71
C TYR A 761 -6.53 33.72 9.37
N PRO A 762 -7.79 33.37 9.14
CA PRO A 762 -8.13 32.56 7.97
C PRO A 762 -8.25 33.37 6.71
N LEU A 763 -8.59 32.66 5.63
CA LEU A 763 -8.79 33.31 4.33
C LEU A 763 -10.13 34.03 4.31
N ALA A 764 -10.19 35.12 3.55
CA ALA A 764 -11.37 35.99 3.56
C ALA A 764 -12.36 35.50 2.51
N GLY A 765 -13.25 34.60 2.92
CA GLY A 765 -14.27 34.07 2.05
C GLY A 765 -15.64 34.61 2.43
N SER A 766 -16.29 35.25 1.47
CA SER A 766 -17.54 35.95 1.68
C SER A 766 -18.67 35.31 0.89
N PRO A 767 -19.92 35.49 1.32
CA PRO A 767 -21.03 34.84 0.60
C PRO A 767 -21.26 35.39 -0.80
N LYS A 768 -20.97 36.66 -1.05
CA LYS A 768 -21.22 37.22 -2.37
C LYS A 768 -19.96 37.34 -3.22
N LYS A 769 -18.80 37.04 -2.67
CA LYS A 769 -17.54 37.07 -3.40
C LYS A 769 -16.77 35.81 -3.04
N PRO A 770 -17.25 34.66 -3.51
CA PRO A 770 -16.79 33.40 -2.95
C PRO A 770 -15.39 33.05 -3.41
N LEU A 771 -14.81 32.05 -2.74
CA LEU A 771 -13.51 31.52 -3.09
C LEU A 771 -13.66 30.38 -4.08
N LYS A 772 -12.68 30.24 -4.96
CA LYS A 772 -12.70 29.24 -6.02
C LYS A 772 -11.50 28.31 -5.85
N LEU A 773 -11.77 27.02 -5.76
CA LEU A 773 -10.72 26.00 -5.65
C LEU A 773 -10.89 25.00 -6.79
N LYS A 774 -9.79 24.59 -7.41
CA LYS A 774 -9.83 23.68 -8.54
C LYS A 774 -9.01 22.45 -8.23
N GLY A 775 -9.56 21.27 -8.49
CA GLY A 775 -8.85 20.05 -8.18
C GLY A 775 -9.34 18.89 -9.00
N ARG A 776 -8.50 17.85 -9.05
CA ARG A 776 -8.78 16.72 -9.92
C ARG A 776 -8.36 15.44 -9.21
N PHE A 777 -8.87 14.31 -9.72
CA PHE A 777 -8.53 13.01 -9.18
C PHE A 777 -8.82 11.94 -10.23
N TRP A 778 -8.04 10.87 -10.18
CA TRP A 778 -8.05 9.82 -11.20
C TRP A 778 -8.68 8.54 -10.68
N ILE A 779 -9.32 7.81 -11.60
CA ILE A 779 -9.91 6.51 -11.33
C ILE A 779 -9.21 5.48 -12.21
N LYS A 780 -8.75 4.40 -11.59
CA LYS A 780 -8.18 3.29 -12.35
C LYS A 780 -9.27 2.59 -13.14
N LYS A 781 -8.93 2.20 -14.37
CA LYS A 781 -9.91 1.55 -15.22
C LYS A 781 -10.28 0.18 -14.65
N GLY A 782 -11.53 -0.19 -14.81
CA GLY A 782 -11.98 -1.49 -14.36
C GLY A 782 -13.10 -1.43 -13.35
N PHE A 783 -13.54 -0.22 -13.01
CA PHE A 783 -14.65 -0.10 -12.09
C PHE A 783 -15.92 -0.67 -12.69
N SER A 784 -16.75 -1.26 -11.83
CA SER A 784 -18.09 -1.65 -12.24
C SER A 784 -18.99 -0.42 -12.33
N GLY A 785 -20.28 -0.66 -12.52
CA GLY A 785 -21.22 0.45 -12.49
C GLY A 785 -21.49 0.95 -11.08
N ASP A 786 -21.66 0.04 -10.14
CA ASP A 786 -22.03 0.42 -8.78
C ASP A 786 -21.02 1.36 -8.16
N HIS A 787 -19.74 1.17 -8.43
CA HIS A 787 -18.75 2.01 -7.78
C HIS A 787 -18.73 3.40 -8.39
N LYS A 788 -18.93 3.51 -9.71
CA LYS A 788 -19.18 4.82 -10.28
C LYS A 788 -20.37 5.49 -9.60
N LEU A 789 -21.43 4.71 -9.35
CA LEU A 789 -22.59 5.27 -8.68
C LEU A 789 -22.23 5.79 -7.29
N LEU A 790 -21.44 5.02 -6.54
CA LEU A 790 -21.11 5.43 -5.18
C LEU A 790 -20.28 6.70 -5.18
N ILE A 791 -19.27 6.78 -6.05
CA ILE A 791 -18.45 7.98 -6.09
C ILE A 791 -19.30 9.19 -6.45
N THR A 792 -20.18 9.04 -7.44
CA THR A 792 -21.03 10.16 -7.82
C THR A 792 -21.95 10.58 -6.69
N THR A 793 -22.50 9.60 -5.96
CA THR A 793 -23.33 9.94 -4.81
C THR A 793 -22.55 10.73 -3.78
N ALA A 794 -21.32 10.31 -3.49
CA ALA A 794 -20.52 11.03 -2.52
C ALA A 794 -20.25 12.45 -2.99
N LEU A 795 -20.00 12.63 -4.28
CA LEU A 795 -19.76 13.98 -4.78
C LEU A 795 -21.01 14.84 -4.62
N SER A 796 -22.18 14.28 -4.92
CA SER A 796 -23.39 15.06 -4.72
C SER A 796 -23.58 15.42 -3.26
N ASP A 797 -23.22 14.50 -2.36
CA ASP A 797 -23.36 14.77 -0.94
C ASP A 797 -22.45 15.92 -0.52
N ILE A 798 -21.20 15.90 -0.97
CA ILE A 798 -20.30 16.98 -0.61
C ILE A 798 -20.76 18.30 -1.25
N ARG A 799 -21.53 18.21 -2.33
CA ARG A 799 -22.11 19.42 -2.90
C ARG A 799 -23.26 19.94 -2.05
N ASP A 800 -24.02 19.06 -1.43
CA ASP A 800 -25.11 19.52 -0.57
C ASP A 800 -24.61 20.26 0.66
N GLY A 801 -23.32 20.25 0.92
CA GLY A 801 -22.78 20.95 2.07
C GLY A 801 -22.78 20.16 3.36
N LEU A 802 -22.68 18.83 3.28
CA LEU A 802 -22.74 18.03 4.49
C LEU A 802 -21.37 17.85 5.14
N TYR A 803 -20.31 18.33 4.51
CA TYR A 803 -18.96 18.09 5.00
C TYR A 803 -18.13 19.36 4.86
N PRO A 804 -17.69 19.94 5.96
CA PRO A 804 -16.95 21.20 5.87
C PRO A 804 -15.47 20.97 5.65
N LEU A 805 -14.92 21.75 4.71
CA LEU A 805 -13.50 21.71 4.40
C LEU A 805 -12.72 22.48 5.45
N GLY A 806 -11.75 21.83 6.05
CA GLY A 806 -10.88 22.52 6.98
C GLY A 806 -11.31 22.37 8.42
N SER A 807 -10.74 23.22 9.26
CA SER A 807 -10.97 23.13 10.69
C SER A 807 -12.18 23.94 11.11
N LYS A 808 -12.58 23.72 12.36
CA LYS A 808 -13.61 24.54 13.00
C LYS A 808 -14.91 24.53 12.20
N GLY A 809 -15.49 23.34 12.03
CA GLY A 809 -16.75 23.25 11.34
C GLY A 809 -17.87 23.96 12.08
N GLY A 810 -18.11 23.56 13.32
CA GLY A 810 -19.32 23.95 14.02
C GLY A 810 -19.57 25.44 14.07
N VAL A 811 -18.55 26.25 13.79
CA VAL A 811 -18.72 27.69 13.83
C VAL A 811 -18.72 28.29 12.42
N GLY A 812 -18.78 27.46 11.39
CA GLY A 812 -19.05 27.94 10.06
C GLY A 812 -17.85 28.21 9.18
N TYR A 813 -16.64 27.99 9.67
CA TYR A 813 -15.49 28.08 8.81
C TYR A 813 -15.59 27.00 7.74
N GLY A 814 -15.25 27.36 6.51
CA GLY A 814 -15.16 26.37 5.46
C GLY A 814 -16.44 25.63 5.14
N TRP A 815 -17.41 26.30 4.54
CA TRP A 815 -18.60 25.63 4.05
C TRP A 815 -18.63 25.72 2.53
N VAL A 816 -18.99 24.63 1.87
CA VAL A 816 -19.08 24.63 0.42
C VAL A 816 -20.43 25.22 0.01
N ALA A 817 -20.45 25.91 -1.11
CA ALA A 817 -21.69 26.47 -1.61
C ALA A 817 -22.01 25.98 -3.01
N GLY A 818 -21.00 25.76 -3.84
CA GLY A 818 -21.31 25.31 -5.19
C GLY A 818 -20.25 24.39 -5.75
N ILE A 819 -20.65 23.65 -6.78
CA ILE A 819 -19.77 22.73 -7.47
C ILE A 819 -19.98 22.89 -8.97
N SER A 820 -18.90 22.82 -9.74
CA SER A 820 -18.99 22.82 -11.19
C SER A 820 -18.04 21.79 -11.77
N ILE A 821 -18.60 20.84 -12.52
CA ILE A 821 -17.84 19.82 -13.23
C ILE A 821 -17.49 20.38 -14.61
N ASP A 822 -16.28 20.13 -15.06
CA ASP A 822 -15.84 20.61 -16.36
C ASP A 822 -16.42 19.72 -17.45
N ASP A 823 -15.93 19.88 -18.68
CA ASP A 823 -16.47 19.18 -19.83
C ASP A 823 -15.77 17.86 -20.13
N ASN A 824 -14.45 17.81 -20.08
CA ASN A 824 -13.71 16.64 -20.51
C ASN A 824 -13.97 15.41 -19.64
N VAL A 825 -14.75 15.54 -18.57
CA VAL A 825 -15.14 14.39 -17.76
C VAL A 825 -15.84 13.38 -18.65
N PRO A 826 -15.75 12.07 -18.37
CA PRO A 826 -16.64 11.12 -19.03
C PRO A 826 -18.10 11.54 -18.89
N ASP A 827 -18.87 11.32 -19.95
CA ASP A 827 -20.23 11.84 -20.02
C ASP A 827 -21.14 11.19 -18.99
N ASP A 828 -20.94 9.90 -18.72
CA ASP A 828 -21.79 9.21 -17.77
C ASP A 828 -21.74 9.86 -16.40
N PHE A 829 -20.53 10.16 -15.91
CA PHE A 829 -20.39 10.91 -14.67
C PHE A 829 -21.13 12.24 -14.74
N LYS A 830 -20.94 12.96 -15.85
CA LYS A 830 -21.57 14.27 -16.01
C LYS A 830 -23.06 14.18 -15.80
N GLU A 831 -23.73 13.32 -16.58
CA GLU A 831 -25.17 13.24 -16.50
C GLU A 831 -25.63 12.64 -15.17
N MET A 832 -24.84 11.72 -14.61
CA MET A 832 -25.18 11.15 -13.31
C MET A 832 -25.23 12.24 -12.25
N ILE A 833 -24.37 13.25 -12.37
CA ILE A 833 -24.41 14.34 -11.41
C ILE A 833 -25.52 15.31 -11.74
N ASN A 834 -25.60 15.74 -13.00
CA ASN A 834 -26.58 16.77 -13.36
C ASN A 834 -28.01 16.31 -13.13
N LYS A 835 -28.29 15.01 -13.27
CA LYS A 835 -29.67 14.55 -13.11
C LYS A 835 -30.17 14.80 -11.69
N THR A 836 -29.27 14.81 -10.71
CA THR A 836 -29.66 15.02 -9.33
C THR A 836 -29.42 16.47 -8.91
N ASN A 837 -43.81 27.90 6.05
CA ASN A 837 -44.75 28.98 5.81
C ASN A 837 -45.09 29.72 7.12
N ASN A 838 -44.14 30.52 7.60
CA ASN A 838 -44.35 31.39 8.76
C ASN A 838 -44.75 30.58 10.00
N ASP A 839 -43.82 29.74 10.44
CA ASP A 839 -44.08 28.86 11.57
C ASP A 839 -43.99 29.60 12.89
N TYR A 840 -45.01 30.36 13.25
CA TYR A 840 -45.01 31.07 14.51
C TYR A 840 -45.21 30.11 15.67
N VAL A 841 -44.98 30.59 16.89
CA VAL A 841 -45.19 29.80 18.09
C VAL A 841 -45.64 30.73 19.21
N HIS A 842 -46.38 30.18 20.17
CA HIS A 842 -46.85 30.93 21.31
C HIS A 842 -46.33 30.31 22.61
N PRO A 843 -45.84 31.09 23.55
CA PRO A 843 -45.11 30.56 24.69
C PRO A 843 -45.98 30.23 25.89
N GLY A 844 -45.35 29.88 27.01
CA GLY A 844 -46.03 29.97 28.30
C GLY A 844 -46.68 31.33 28.47
N HIS A 845 -46.02 32.38 27.96
CA HIS A 845 -46.64 33.59 27.44
C HIS A 845 -47.12 34.57 28.50
N GLN A 846 -47.18 34.20 29.76
CA GLN A 846 -47.77 35.07 30.77
C GLN A 846 -46.80 35.38 31.91
N SER A 847 -45.50 35.22 31.66
CA SER A 847 -44.52 35.61 32.67
C SER A 847 -44.55 37.08 33.07
N PRO A 848 -44.79 38.04 32.16
CA PRO A 848 -44.78 39.46 32.56
C PRO A 848 -45.61 39.76 33.80
N LYS A 849 -44.99 40.46 34.74
CA LYS A 849 -45.60 40.86 36.01
C LYS A 849 -45.29 42.31 36.31
N GLN A 850 -45.54 42.73 37.55
CA GLN A 850 -45.34 44.12 38.03
C GLN A 850 -45.87 45.13 37.01
N ASP A 851 -47.20 45.07 36.85
CA ASP A 851 -47.90 45.76 35.77
C ASP A 851 -47.45 47.20 35.56
N HIS A 852 -47.46 48.01 36.63
CA HIS A 852 -47.08 49.42 36.48
C HIS A 852 -46.71 49.99 37.84
N LYS A 853 -45.44 50.39 37.99
CA LYS A 853 -44.96 51.07 39.20
C LYS A 853 -44.42 52.46 38.89
N ASN A 854 -43.46 52.56 37.97
CA ASN A 854 -42.92 53.81 37.46
C ASN A 854 -42.28 54.69 38.54
N LYS A 855 -41.81 54.10 39.64
CA LYS A 855 -41.16 54.89 40.67
C LYS A 855 -39.82 54.28 41.08
N ASN A 856 -39.72 52.96 41.00
CA ASN A 856 -38.58 52.25 41.56
C ASN A 856 -37.46 52.12 40.54
N ILE A 857 -36.31 51.64 41.02
CA ILE A 857 -35.12 51.43 40.20
C ILE A 857 -34.66 50.00 40.36
N TYR A 858 -34.38 49.35 39.23
CA TYR A 858 -34.05 47.93 39.23
C TYR A 858 -32.56 47.72 38.94
N TYR A 859 -32.09 46.52 39.26
CA TYR A 859 -30.70 46.20 39.08
C TYR A 859 -30.42 45.82 37.63
N PRO A 860 -29.21 46.10 37.12
CA PRO A 860 -28.93 45.78 35.72
C PRO A 860 -28.96 44.30 35.39
N HIS A 861 -28.42 43.44 36.25
CA HIS A 861 -28.39 42.01 35.97
C HIS A 861 -29.09 41.26 37.09
N TYR A 862 -29.11 39.94 36.96
CA TYR A 862 -29.77 39.11 37.95
C TYR A 862 -29.16 37.72 37.93
N PHE A 863 -29.47 36.95 38.98
CA PHE A 863 -28.91 35.63 39.18
C PHE A 863 -30.00 34.57 39.16
N LEU A 864 -29.75 33.49 38.44
CA LEU A 864 -30.69 32.38 38.33
C LEU A 864 -30.15 31.17 39.07
N ASP A 865 -31.01 30.54 39.87
CA ASP A 865 -30.66 29.35 40.63
C ASP A 865 -31.23 28.13 39.93
N SER A 866 -30.51 27.02 39.97
CA SER A 866 -30.86 25.84 39.21
C SER A 866 -31.08 24.59 40.04
N GLY A 867 -30.39 24.45 41.17
CA GLY A 867 -30.39 23.18 41.88
C GLY A 867 -29.28 22.29 41.33
N SER A 868 -29.09 21.16 42.02
CA SER A 868 -27.95 20.29 41.76
C SER A 868 -28.33 18.99 41.07
N LYS A 869 -29.59 18.58 41.16
CA LYS A 869 -30.01 17.29 40.60
C LYS A 869 -29.86 17.36 39.09
N VAL A 870 -28.81 16.72 38.56
CA VAL A 870 -28.53 16.71 37.14
C VAL A 870 -28.49 15.27 36.67
N TYR A 871 -29.05 15.01 35.49
CA TYR A 871 -29.17 13.66 34.96
C TYR A 871 -28.08 13.45 33.92
N ARG A 872 -27.33 12.37 34.07
CA ARG A 872 -26.26 12.01 33.14
C ARG A 872 -26.68 10.77 32.38
N GLU A 873 -26.10 10.59 31.20
CA GLU A 873 -26.40 9.46 30.33
C GLU A 873 -25.10 8.85 29.84
N LYS A 874 -25.02 7.53 29.88
CA LYS A 874 -23.78 6.85 29.52
C LYS A 874 -23.71 6.54 28.02
N ASP A 875 -24.75 5.94 27.46
CA ASP A 875 -24.72 5.45 26.08
C ASP A 875 -24.83 6.64 25.13
N ILE A 876 -23.67 7.16 24.74
CA ILE A 876 -23.62 8.28 23.81
C ILE A 876 -24.07 7.82 22.44
N ILE A 877 -24.30 8.78 21.54
CA ILE A 877 -24.66 8.45 20.17
C ILE A 877 -23.45 8.59 19.28
N THR A 878 -23.17 7.55 18.49
CA THR A 878 -21.98 7.57 17.67
C THR A 878 -22.21 8.39 16.40
N HIS A 879 -21.14 8.52 15.63
CA HIS A 879 -21.17 9.24 14.36
C HIS A 879 -20.99 8.34 13.15
N GLU A 880 -20.78 7.04 13.36
CA GLU A 880 -20.26 6.19 12.31
C GLU A 880 -21.20 6.02 11.12
N GLU A 881 -22.48 6.31 11.26
CA GLU A 881 -23.38 6.32 10.10
C GLU A 881 -24.70 6.95 10.50
N PHE A 882 -25.46 7.37 9.51
CA PHE A 882 -26.78 7.95 9.72
C PHE A 882 -27.72 6.82 10.12
N THR A 883 -27.89 6.62 11.42
CA THR A 883 -28.87 5.65 11.88
C THR A 883 -30.26 6.06 11.41
N GLU A 884 -31.05 5.08 11.00
CA GLU A 884 -32.26 5.38 10.24
C GLU A 884 -33.36 5.95 11.11
N GLU A 885 -33.26 5.77 12.43
CA GLU A 885 -34.36 6.14 13.30
C GLU A 885 -34.28 7.59 13.74
N LEU A 886 -33.16 8.26 13.49
CA LEU A 886 -33.01 9.65 13.91
C LEU A 886 -33.41 10.58 12.78
N LEU A 887 -33.06 11.86 12.94
CA LEU A 887 -33.37 12.88 11.95
C LEU A 887 -32.07 13.53 11.48
N SER A 888 -32.14 14.24 10.36
CA SER A 888 -31.02 14.99 9.84
C SER A 888 -31.50 15.99 8.81
N GLY A 889 -31.12 17.25 9.01
CA GLY A 889 -31.53 18.29 8.07
C GLY A 889 -30.99 19.65 8.45
N LYS A 890 -31.75 20.67 8.07
CA LYS A 890 -31.30 22.04 8.27
C LYS A 890 -32.50 22.94 8.54
N ILE A 891 -32.20 24.12 9.06
CA ILE A 891 -33.19 25.13 9.41
C ILE A 891 -32.69 26.47 8.89
N ASN A 892 -33.57 27.21 8.22
CA ASN A 892 -33.27 28.58 7.82
C ASN A 892 -34.05 29.52 8.71
N CYS A 893 -33.38 30.52 9.26
CA CYS A 893 -34.01 31.44 10.18
C CYS A 893 -33.59 32.88 9.87
N LYS A 894 -34.51 33.80 10.15
CA LYS A 894 -34.29 35.22 10.01
C LYS A 894 -34.21 35.84 11.40
N LEU A 895 -33.26 36.74 11.57
CA LEU A 895 -32.98 37.39 12.84
C LEU A 895 -33.34 38.86 12.71
N GLU A 896 -34.07 39.38 13.69
CA GLU A 896 -34.49 40.77 13.68
C GLU A 896 -34.11 41.44 14.98
N THR A 897 -33.60 42.65 14.88
CA THR A 897 -33.11 43.41 16.02
C THR A 897 -34.25 44.22 16.62
N LEU A 898 -34.16 44.51 17.91
CA LEU A 898 -35.19 45.30 18.58
C LEU A 898 -34.67 46.67 19.01
N THR A 899 -33.52 46.70 19.66
CA THR A 899 -32.84 47.92 20.09
C THR A 899 -31.54 48.01 19.30
N PRO A 900 -30.80 49.11 19.43
CA PRO A 900 -29.54 49.21 18.69
C PRO A 900 -28.60 48.06 19.00
N LEU A 901 -27.69 47.80 18.07
CA LEU A 901 -26.79 46.67 18.13
C LEU A 901 -25.35 47.14 17.95
N ILE A 902 -24.41 46.44 18.58
CA ILE A 902 -22.99 46.72 18.42
C ILE A 902 -22.24 45.40 18.35
N ILE A 903 -21.45 45.23 17.30
CA ILE A 903 -20.56 44.07 17.17
C ILE A 903 -19.21 44.57 16.69
N PRO A 904 -18.21 44.66 17.56
CA PRO A 904 -16.97 45.32 17.17
C PRO A 904 -16.09 44.40 16.35
N ASP A 905 -15.30 45.01 15.45
CA ASP A 905 -14.25 44.32 14.72
C ASP A 905 -12.91 44.65 15.38
N THR A 906 -12.28 43.64 15.97
CA THR A 906 -11.06 43.85 16.73
C THR A 906 -9.81 43.81 15.84
N SER A 907 -9.99 43.86 14.52
CA SER A 907 -8.81 43.84 13.65
C SER A 907 -8.05 45.16 13.71
N ASP A 908 -8.75 46.25 13.97
CA ASP A 908 -8.18 47.59 13.88
C ASP A 908 -8.49 48.37 15.16
N GLU A 909 -7.61 49.31 15.48
CA GLU A 909 -7.82 50.19 16.62
C GLU A 909 -8.27 51.58 16.21
N ASN A 910 -7.85 52.03 15.03
CA ASN A 910 -8.18 53.36 14.54
C ASN A 910 -8.95 53.29 13.23
N GLY A 911 -9.94 52.39 13.18
CA GLY A 911 -10.77 52.29 11.99
C GLY A 911 -11.51 53.56 11.66
N LEU A 912 -11.81 54.37 12.67
CA LEU A 912 -12.53 55.62 12.46
C LEU A 912 -11.59 56.80 12.25
N LYS A 913 -10.28 56.57 12.20
CA LYS A 913 -9.30 57.62 12.04
C LYS A 913 -9.44 58.67 13.13
N LEU A 914 -9.50 58.22 14.37
CA LEU A 914 -9.65 59.12 15.50
C LEU A 914 -8.42 59.20 16.38
N GLN A 915 -7.52 58.21 16.31
CA GLN A 915 -6.32 58.25 17.13
C GLN A 915 -5.39 59.40 16.73
N GLY A 916 -5.64 60.04 15.59
CA GLY A 916 -4.79 61.15 15.19
C GLY A 916 -4.83 62.30 16.17
N ASN A 917 -6.00 62.55 16.75
CA ASN A 917 -6.14 63.67 17.67
C ASN A 917 -6.32 63.23 19.12
N LYS A 918 -6.91 62.07 19.34
CA LYS A 918 -7.27 61.61 20.68
C LYS A 918 -6.49 60.34 20.98
N PRO A 919 -5.23 60.47 21.41
CA PRO A 919 -4.39 59.28 21.57
C PRO A 919 -4.90 58.38 22.69
N GLY A 920 -4.83 57.08 22.45
CA GLY A 920 -5.28 56.10 23.41
C GLY A 920 -6.74 55.75 23.34
N HIS A 921 -7.50 56.38 22.45
CA HIS A 921 -8.93 56.13 22.33
C HIS A 921 -9.14 55.14 21.19
N LYS A 922 -9.84 54.05 21.47
CA LYS A 922 -9.99 53.00 20.48
C LYS A 922 -11.23 53.24 19.61
N ASN A 923 -11.11 52.89 18.34
CA ASN A 923 -12.15 53.13 17.35
C ASN A 923 -12.51 51.82 16.67
N TYR A 924 -13.80 51.52 16.58
CA TYR A 924 -14.21 50.24 16.04
C TYR A 924 -15.25 50.40 14.94
N LYS A 925 -15.00 49.77 13.80
CA LYS A 925 -15.99 49.60 12.76
C LYS A 925 -16.78 48.32 13.00
N PHE A 926 -17.96 48.27 12.39
CA PHE A 926 -18.79 47.08 12.56
C PHE A 926 -18.14 45.87 11.87
N PHE A 927 -18.34 44.71 12.47
CA PHE A 927 -17.72 43.49 11.96
C PHE A 927 -18.14 43.23 10.53
N ASN A 928 -17.20 43.37 9.61
CA ASN A 928 -17.55 43.33 8.20
C ASN A 928 -16.53 42.50 7.44
N ILE A 929 -16.98 41.98 6.30
CA ILE A 929 -16.13 41.23 5.39
C ILE A 929 -16.35 41.78 3.99
N ASN A 930 -15.33 42.42 3.43
CA ASN A 930 -15.40 43.01 2.10
C ASN A 930 -16.52 44.03 2.00
N GLY A 931 -16.87 44.67 3.11
CA GLY A 931 -17.96 45.60 3.13
C GLY A 931 -19.34 44.97 3.21
N GLU A 932 -19.43 43.67 3.41
CA GLU A 932 -20.71 43.00 3.54
C GLU A 932 -20.95 42.66 5.00
N LEU A 933 -21.77 43.47 5.67
CA LEU A 933 -21.96 43.33 7.11
C LEU A 933 -22.45 41.93 7.44
N MET A 934 -21.86 41.32 8.46
CA MET A 934 -22.19 39.97 8.88
C MET A 934 -22.06 39.86 10.39
N ILE A 935 -22.51 38.73 10.92
CA ILE A 935 -22.37 38.41 12.34
C ILE A 935 -21.56 37.12 12.45
N PRO A 936 -20.53 37.07 13.28
CA PRO A 936 -19.75 35.84 13.41
C PRO A 936 -20.56 34.78 14.12
N GLY A 937 -20.55 33.58 13.57
CA GLY A 937 -21.44 32.53 14.04
C GLY A 937 -21.22 32.17 15.50
N SER A 938 -19.96 32.17 15.93
CA SER A 938 -19.66 31.75 17.29
C SER A 938 -20.50 32.50 18.30
N GLU A 939 -20.86 33.75 18.00
CA GLU A 939 -21.75 34.50 18.87
C GLU A 939 -23.08 33.77 19.03
N LEU A 940 -23.70 33.44 17.90
CA LEU A 940 -24.96 32.70 17.96
C LEU A 940 -24.77 31.40 18.71
N ARG A 941 -23.65 30.72 18.46
CA ARG A 941 -23.42 29.44 19.14
C ARG A 941 -23.41 29.63 20.64
N GLY A 942 -22.64 30.59 21.12
CA GLY A 942 -22.56 30.81 22.56
C GLY A 942 -23.90 31.18 23.15
N MET A 943 -24.64 32.05 22.48
CA MET A 943 -25.92 32.47 23.04
C MET A 943 -26.88 31.30 23.14
N LEU A 944 -27.10 30.60 22.03
CA LEU A 944 -27.96 29.43 22.07
C LEU A 944 -27.49 28.44 23.11
N ARG A 945 -26.18 28.27 23.25
CA ARG A 945 -25.67 27.26 24.16
C ARG A 945 -25.96 27.63 25.59
N THR A 946 -25.70 28.87 25.97
CA THR A 946 -26.04 29.32 27.32
C THR A 946 -27.51 29.09 27.60
N HIS A 947 -28.37 29.50 26.65
CA HIS A 947 -29.80 29.34 26.88
C HIS A 947 -30.18 27.88 27.08
N PHE A 948 -29.76 27.04 26.15
CA PHE A 948 -30.16 25.64 26.18
C PHE A 948 -29.63 24.95 27.43
N GLU A 949 -28.36 25.21 27.78
CA GLU A 949 -27.83 24.67 29.02
C GLU A 949 -28.69 25.06 30.20
N ALA A 950 -28.84 26.37 30.45
CA ALA A 950 -29.58 26.81 31.63
C ALA A 950 -31.00 26.29 31.62
N LEU A 951 -31.52 25.95 30.43
CA LEU A 951 -32.84 25.35 30.38
C LEU A 951 -32.80 23.90 30.85
N THR A 952 -31.75 23.17 30.50
CA THR A 952 -31.74 21.73 30.66
C THR A 952 -31.02 21.27 31.92
N LYS A 953 -30.40 22.19 32.65
CA LYS A 953 -29.68 21.89 33.89
C LYS A 953 -28.45 21.04 33.62
N SER A 954 -27.64 21.51 32.68
CA SER A 954 -26.45 20.77 32.30
C SER A 954 -25.30 21.06 33.26
N CYS A 955 -24.11 20.63 32.90
CA CYS A 955 -22.93 20.93 33.68
C CYS A 955 -22.37 22.29 33.26
N PHE A 956 -21.77 22.98 34.23
CA PHE A 956 -21.17 24.27 33.92
C PHE A 956 -20.05 24.07 32.92
N ALA A 957 -20.21 24.60 31.71
CA ALA A 957 -19.25 24.35 30.65
C ALA A 957 -17.88 24.93 31.00
N ILE A 958 -17.79 26.24 31.14
CA ILE A 958 -16.53 26.94 31.31
C ILE A 958 -16.61 27.72 32.62
N PHE A 959 -15.94 27.23 33.66
CA PHE A 959 -15.95 27.91 34.95
C PHE A 959 -14.55 27.93 35.53
N GLY A 960 -14.16 29.09 36.06
CA GLY A 960 -12.84 29.29 36.64
C GLY A 960 -12.74 28.86 38.09
N GLU A 961 -12.62 27.55 38.32
CA GLU A 961 -12.57 27.03 39.68
C GLU A 961 -11.32 27.51 40.40
N ASP A 962 -10.26 27.83 39.66
CA ASP A 962 -8.96 28.03 40.27
C ASP A 962 -8.85 29.36 40.99
N SER A 963 -9.29 30.46 40.38
CA SER A 963 -9.20 31.76 41.03
C SER A 963 -9.97 31.76 42.33
N THR A 964 -9.47 32.51 43.31
CA THR A 964 -10.08 32.58 44.63
C THR A 964 -10.67 33.96 44.86
N LEU A 965 -11.16 34.16 46.09
CA LEU A 965 -11.79 35.41 46.47
C LEU A 965 -11.33 35.78 47.87
N SER A 966 -11.31 37.07 48.17
CA SER A 966 -10.94 37.58 49.49
C SER A 966 -11.90 38.70 49.87
N TRP A 967 -12.81 38.41 50.78
CA TRP A 967 -13.80 39.40 51.20
C TRP A 967 -13.55 39.84 52.64
N ALA A 968 -10.01 33.69 50.36
CA ALA A 968 -9.92 33.64 51.81
C ALA A 968 -9.88 32.20 52.31
N SER A 969 -11.05 31.56 52.38
CA SER A 969 -11.12 30.19 52.88
C SER A 969 -10.68 29.18 51.82
N LYS A 970 -11.42 29.12 50.72
CA LYS A 970 -11.14 28.16 49.66
C LYS A 970 -11.26 28.86 48.31
N THR A 971 -11.26 28.07 47.26
CA THR A 971 -11.46 28.60 45.93
C THR A 971 -12.96 28.64 45.60
N LEU A 972 -13.30 29.38 44.55
CA LEU A 972 -14.67 29.41 44.07
C LEU A 972 -15.17 28.01 43.74
N GLY A 973 -14.37 27.24 43.00
CA GLY A 973 -14.75 25.87 42.70
C GLY A 973 -14.93 25.02 43.93
N GLY A 974 -14.38 25.45 45.08
CA GLY A 974 -14.53 24.68 46.29
C GLY A 974 -15.96 24.64 46.79
N LYS A 975 -16.60 25.80 46.91
CA LYS A 975 -17.97 25.83 47.38
C LYS A 975 -18.94 25.26 46.35
N LEU A 976 -18.54 25.25 45.08
CA LEU A 976 -19.40 24.69 44.05
C LEU A 976 -19.53 23.18 44.23
N ASP A 977 -20.76 22.68 44.12
CA ASP A 977 -20.99 21.25 44.23
C ASP A 977 -20.21 20.51 43.15
N LYS A 978 -19.84 19.26 43.46
CA LYS A 978 -19.08 18.46 42.51
C LYS A 978 -19.90 18.14 41.28
N ALA A 979 -21.17 17.81 41.46
CA ALA A 979 -22.00 17.36 40.34
C ALA A 979 -22.02 18.32 39.18
N LEU A 980 -21.86 19.61 39.43
CA LEU A 980 -21.90 20.61 38.36
C LEU A 980 -20.55 20.84 37.70
N HIS A 981 -19.46 20.34 38.29
CA HIS A 981 -18.14 20.51 37.69
C HIS A 981 -18.14 19.96 36.26
N PRO A 982 -17.27 20.49 35.41
CA PRO A 982 -17.30 20.11 33.99
C PRO A 982 -17.29 18.60 33.80
N CYS A 983 -18.11 18.15 32.87
CA CYS A 983 -18.13 16.74 32.49
C CYS A 983 -16.76 16.36 31.94
N THR A 984 -16.14 15.34 32.54
CA THR A 984 -14.72 15.10 32.32
C THR A 984 -14.43 14.14 31.16
N GLY A 985 -14.91 12.91 31.25
CA GLY A 985 -14.54 11.88 30.31
C GLY A 985 -15.68 10.92 30.04
N LEU A 986 -15.56 10.21 28.92
CA LEU A 986 -16.64 9.34 28.45
C LEU A 986 -16.98 8.24 29.44
N SER A 987 -16.13 8.01 30.45
CA SER A 987 -16.45 6.99 31.45
C SER A 987 -17.78 7.28 32.11
N ASP A 988 -17.86 8.39 32.84
CA ASP A 988 -19.12 8.80 33.44
C ASP A 988 -20.02 9.39 32.37
N GLY A 989 -21.29 9.52 32.71
CA GLY A 989 -22.26 10.01 31.74
C GLY A 989 -22.08 11.48 31.43
N LEU A 990 -22.42 11.84 30.19
CA LEU A 990 -22.34 13.23 29.79
C LEU A 990 -23.62 13.96 30.16
N CYS A 991 -23.50 15.23 30.49
CA CYS A 991 -24.67 16.05 30.74
C CYS A 991 -25.33 16.41 29.42
N PRO A 992 -26.66 16.58 29.42
CA PRO A 992 -27.38 16.79 28.15
C PRO A 992 -26.78 17.86 27.29
N GLY A 993 -26.47 19.03 27.86
CA GLY A 993 -25.82 20.06 27.08
C GLY A 993 -24.56 19.57 26.41
N CYS A 994 -23.55 19.24 27.23
CA CYS A 994 -22.31 18.70 26.70
C CYS A 994 -22.57 17.59 25.70
N HIS A 995 -23.53 16.71 25.99
CA HIS A 995 -23.82 15.61 25.08
C HIS A 995 -24.24 16.14 23.71
N LEU A 996 -24.98 17.23 23.68
CA LEU A 996 -25.44 17.72 22.38
C LEU A 996 -24.37 18.57 21.71
N PHE A 997 -24.01 19.68 22.32
CA PHE A 997 -23.12 20.60 21.64
C PHE A 997 -21.70 20.09 21.52
N GLY A 998 -21.30 19.14 22.37
CA GLY A 998 -20.00 18.54 22.28
C GLY A 998 -19.05 19.00 23.37
N THR A 999 -17.96 18.26 23.50
CA THR A 999 -16.91 18.57 24.45
C THR A 999 -15.61 18.01 23.91
N THR A 1000 -14.53 18.17 24.69
CA THR A 1000 -13.20 17.90 24.18
C THR A 1000 -13.00 16.48 23.71
N ASP A 1001 -13.96 15.58 23.92
CA ASP A 1001 -13.83 14.19 23.51
C ASP A 1001 -14.89 13.75 22.53
N TYR A 1002 -15.76 14.64 22.09
CA TYR A 1002 -16.92 14.21 21.32
C TYR A 1002 -17.42 15.38 20.49
N LYS A 1003 -17.19 15.32 19.18
CA LYS A 1003 -17.51 16.45 18.31
C LYS A 1003 -19.00 16.72 18.33
N GLY A 1004 -19.36 18.00 18.38
CA GLY A 1004 -20.75 18.38 18.48
C GLY A 1004 -21.56 17.91 17.29
N ARG A 1005 -22.88 18.03 17.42
CA ARG A 1005 -23.78 17.51 16.40
C ARG A 1005 -24.64 18.58 15.76
N VAL A 1006 -24.48 19.84 16.12
CA VAL A 1006 -25.18 20.93 15.45
C VAL A 1006 -24.13 21.94 15.00
N LYS A 1007 -24.38 22.58 13.88
CA LYS A 1007 -23.42 23.53 13.33
C LYS A 1007 -24.13 24.80 12.90
N PHE A 1008 -23.64 25.94 13.38
CA PHE A 1008 -24.17 27.25 13.05
C PHE A 1008 -23.32 27.89 11.96
N GLY A 1009 -23.95 28.73 11.15
CA GLY A 1009 -23.24 29.41 10.09
C GLY A 1009 -23.28 30.91 10.24
N PHE A 1010 -22.47 31.62 9.47
CA PHE A 1010 -22.45 33.06 9.56
C PHE A 1010 -23.77 33.64 9.08
N ALA A 1011 -24.12 34.81 9.60
CA ALA A 1011 -25.34 35.49 9.21
C ALA A 1011 -25.02 36.62 8.23
N LYS A 1012 -25.99 36.96 7.40
CA LYS A 1012 -25.78 37.97 6.36
C LYS A 1012 -26.91 38.99 6.37
N TYR A 1013 -26.59 40.21 5.95
CA TYR A 1013 -27.54 41.31 5.99
C TYR A 1013 -28.52 41.23 4.85
N GLU A 1014 -29.76 41.67 5.08
CA GLU A 1014 -30.71 41.73 3.98
C GLU A 1014 -31.26 43.13 3.72
N ASN A 1015 -31.82 43.79 4.72
CA ASN A 1015 -32.44 45.09 4.48
C ASN A 1015 -32.75 45.77 5.80
N GLY A 1016 -33.06 47.07 5.70
CA GLY A 1016 -33.43 47.86 6.85
C GLY A 1016 -32.83 49.26 6.83
N PRO A 1017 -33.20 50.08 7.81
CA PRO A 1017 -32.61 51.43 7.89
C PRO A 1017 -31.12 51.41 8.17
N GLU A 1018 -30.60 50.33 8.75
CA GLU A 1018 -29.19 49.95 8.71
C GLU A 1018 -28.20 50.99 9.22
N TRP A 1019 -28.67 52.08 9.82
CA TRP A 1019 -27.75 52.96 10.52
C TRP A 1019 -28.52 53.76 11.55
N LEU A 1020 -27.82 54.16 12.61
CA LEU A 1020 -28.33 55.10 13.60
C LEU A 1020 -27.56 56.40 13.46
N ILE A 1021 -28.28 57.52 13.50
CA ILE A 1021 -27.70 58.83 13.23
C ILE A 1021 -27.78 59.66 14.51
N THR A 1022 -26.68 60.34 14.83
CA THR A 1022 -26.63 61.23 15.99
C THR A 1022 -25.90 62.50 15.62
N ARG A 1023 -26.55 63.65 15.87
CA ARG A 1023 -26.14 64.90 15.24
C ARG A 1023 -24.80 65.40 15.77
N GLY A 1024 -24.66 65.49 17.09
CA GLY A 1024 -23.48 66.13 17.65
C GLY A 1024 -22.19 65.40 17.33
N ASN A 1025 -22.26 64.08 17.16
CA ASN A 1025 -21.04 63.30 16.97
C ASN A 1025 -20.38 63.61 15.64
N ASN A 1026 -19.07 63.39 15.58
CA ASN A 1026 -18.33 63.71 14.36
C ASN A 1026 -18.65 62.74 13.23
N PRO A 1027 -18.47 61.42 13.36
CA PRO A 1027 -18.84 60.53 12.25
C PRO A 1027 -20.34 60.47 12.01
N GLU A 1028 -21.15 61.12 12.84
CA GLU A 1028 -22.57 61.34 12.55
C GLU A 1028 -23.35 60.03 12.67
N ARG A 1029 -22.64 58.92 12.82
CA ARG A 1029 -23.27 57.61 12.89
C ARG A 1029 -22.62 56.72 13.94
N SER A 1030 -21.80 57.30 14.80
CA SER A 1030 -21.03 56.53 15.78
C SER A 1030 -21.55 56.81 17.18
N LEU A 1031 -20.90 56.20 18.15
CA LEU A 1031 -21.20 56.41 19.56
C LEU A 1031 -19.94 56.22 20.38
N THR A 1032 -19.95 56.76 21.59
CA THR A 1032 -18.87 56.64 22.55
C THR A 1032 -19.47 56.07 23.83
N LEU A 1033 -19.07 54.86 24.18
CA LEU A 1033 -19.68 54.17 25.30
C LEU A 1033 -19.13 54.67 26.63
N GLY A 1034 -19.86 54.38 27.69
CA GLY A 1034 -19.42 54.71 29.03
C GLY A 1034 -18.30 53.82 29.48
N VAL A 1035 -17.83 54.06 30.71
CA VAL A 1035 -16.76 53.26 31.26
C VAL A 1035 -17.27 51.86 31.56
N LEU A 1036 -16.41 50.86 31.35
CA LEU A 1036 -16.73 49.46 31.59
C LEU A 1036 -15.73 48.87 32.56
N GLU A 1037 -16.19 47.95 33.40
CA GLU A 1037 -15.34 47.37 34.43
C GLU A 1037 -15.66 45.88 34.61
N SER A 1038 -14.67 45.13 35.05
CA SER A 1038 -14.82 43.69 35.23
C SER A 1038 -15.58 43.39 36.51
N PRO A 1039 -16.45 42.40 36.49
CA PRO A 1039 -17.29 42.12 37.65
C PRO A 1039 -16.52 41.35 38.70
N ARG A 1040 -16.71 41.76 39.95
CA ARG A 1040 -16.08 41.09 41.08
C ARG A 1040 -17.13 40.22 41.77
N PRO A 1041 -16.94 38.91 41.84
CA PRO A 1041 -17.91 38.06 42.55
C PRO A 1041 -17.98 38.34 44.04
N ALA A 1042 -17.12 39.21 44.57
CA ALA A 1042 -17.11 39.47 46.00
C ALA A 1042 -18.47 39.94 46.50
N PHE A 1043 -19.03 40.96 45.86
CA PHE A 1043 -20.32 41.48 46.30
C PHE A 1043 -21.39 40.40 46.24
N SER A 1044 -21.31 39.51 45.26
CA SER A 1044 -22.28 38.44 45.15
C SER A 1044 -22.10 37.41 46.26
N ILE A 1045 -20.87 37.20 46.70
CA ILE A 1045 -20.57 36.22 47.74
C ILE A 1045 -20.10 36.97 48.97
N PRO A 1046 -21.00 37.42 49.83
CA PRO A 1046 -20.59 38.38 50.86
C PRO A 1046 -19.77 37.76 51.98
N ASP A 1047 -19.97 36.48 52.28
CA ASP A 1047 -19.30 35.86 53.41
C ASP A 1047 -19.04 34.40 53.08
N ASP A 1048 -18.73 33.61 54.12
CA ASP A 1048 -18.38 32.22 53.93
C ASP A 1048 -19.60 31.37 53.60
N GLU A 1049 -20.63 31.44 54.44
CA GLU A 1049 -21.75 30.51 54.34
C GLU A 1049 -22.44 30.59 52.99
N SER A 1050 -22.40 31.74 52.33
CA SER A 1050 -23.01 31.86 51.02
C SER A 1050 -22.20 31.07 49.99
N GLU A 1051 -22.89 30.65 48.93
CA GLU A 1051 -22.30 29.84 47.88
C GLU A 1051 -22.63 30.45 46.53
N ILE A 1052 -22.14 29.80 45.47
CA ILE A 1052 -22.37 30.28 44.12
C ILE A 1052 -23.87 30.19 43.85
N PRO A 1053 -24.56 31.30 43.65
CA PRO A 1053 -26.02 31.24 43.54
C PRO A 1053 -26.52 30.60 42.26
N GLY A 1054 -25.87 30.84 41.14
CA GLY A 1054 -26.30 30.28 39.88
C GLY A 1054 -25.65 30.99 38.72
N ARG A 1055 -26.38 31.06 37.61
CA ARG A 1055 -25.89 31.72 36.41
C ARG A 1055 -26.28 33.19 36.42
N LYS A 1056 -25.64 33.96 35.55
CA LYS A 1056 -25.92 35.40 35.47
C LYS A 1056 -26.69 35.70 34.20
N PHE A 1057 -27.62 36.65 34.29
CA PHE A 1057 -28.40 37.05 33.13
C PHE A 1057 -28.59 38.56 33.16
N TYR A 1058 -28.79 39.13 31.99
CA TYR A 1058 -28.90 40.58 31.83
C TYR A 1058 -30.29 40.94 31.31
N LEU A 1059 -30.85 42.01 31.86
CA LEU A 1059 -32.25 42.33 31.61
C LEU A 1059 -32.43 43.12 30.32
N HIS A 1060 -33.68 43.19 29.86
CA HIS A 1060 -34.04 44.04 28.74
C HIS A 1060 -34.58 45.36 29.26
N HIS A 1061 -34.06 46.46 28.73
CA HIS A 1061 -34.51 47.79 29.13
C HIS A 1061 -34.09 48.76 28.04
N ASN A 1062 -34.37 50.04 28.27
CA ASN A 1062 -34.19 51.07 27.25
C ASN A 1062 -33.27 52.20 27.72
N GLY A 1063 -32.24 51.85 28.49
CA GLY A 1063 -31.38 52.88 29.06
C GLY A 1063 -30.48 53.58 28.06
N TRP A 1064 -30.27 52.97 26.89
CA TRP A 1064 -29.32 53.51 25.93
C TRP A 1064 -29.64 54.95 25.55
N ARG A 1065 -30.93 55.30 25.52
CA ARG A 1065 -31.31 56.68 25.19
C ARG A 1065 -30.53 57.68 26.03
N ILE A 1066 -30.34 57.38 27.31
CA ILE A 1066 -29.61 58.29 28.19
C ILE A 1066 -28.22 58.55 27.63
N ILE A 1067 -27.52 57.48 27.25
CA ILE A 1067 -26.19 57.64 26.67
C ILE A 1067 -26.26 58.48 25.41
N ARG A 1068 -27.35 58.35 24.65
CA ARG A 1068 -27.50 59.15 23.44
C ARG A 1068 -27.55 60.64 23.77
N GLN A 1069 -28.05 60.99 24.95
CA GLN A 1069 -28.20 62.40 25.29
C GLN A 1069 -26.90 62.98 25.84
N LYS A 1070 -26.24 62.26 26.75
CA LYS A 1070 -25.09 62.79 27.48
C LYS A 1070 -23.80 62.69 26.67
N GLN A 1071 -23.91 62.53 25.35
CA GLN A 1071 -22.73 62.34 24.51
C GLN A 1071 -21.63 63.33 24.85
N LEU A 1072 -21.98 64.60 24.99
CA LEU A 1072 -20.99 65.65 25.19
C LEU A 1072 -20.25 65.47 26.52
N GLU A 1073 -21.00 65.27 27.60
CA GLU A 1073 -20.38 65.16 28.91
C GLU A 1073 -19.51 63.92 29.00
N ILE A 1074 -19.94 62.82 28.38
CA ILE A 1074 -19.13 61.61 28.41
C ILE A 1074 -17.84 61.81 27.62
N ARG A 1075 -17.92 62.49 26.47
CA ARG A 1075 -16.70 62.80 25.75
C ARG A 1075 -15.80 63.72 26.56
N GLU A 1076 -16.39 64.59 27.37
CA GLU A 1076 -15.61 65.62 28.05
C GLU A 1076 -14.90 65.07 29.29
N THR A 1077 -15.67 64.54 30.24
CA THR A 1077 -15.13 64.34 31.59
C THR A 1077 -14.17 63.16 31.66
N VAL A 1078 -14.53 62.02 31.05
CA VAL A 1078 -13.78 60.80 31.30
C VAL A 1078 -12.47 60.81 30.51
N GLN A 1079 -11.51 60.03 30.99
CA GLN A 1079 -10.23 59.94 30.32
C GLN A 1079 -10.39 59.27 28.96
N PRO A 1080 -9.69 59.74 27.93
CA PRO A 1080 -9.91 59.20 26.58
C PRO A 1080 -9.60 57.72 26.46
N GLU A 1081 -8.54 57.23 27.11
CA GLU A 1081 -8.15 55.84 26.97
C GLU A 1081 -8.93 54.92 27.89
N ARG A 1082 -9.94 55.42 28.58
CA ARG A 1082 -10.72 54.57 29.47
C ARG A 1082 -12.04 54.11 28.84
N ASN A 1083 -12.39 54.61 27.67
CA ASN A 1083 -13.61 54.16 26.99
C ASN A 1083 -13.32 54.06 25.50
N VAL A 1084 -14.19 53.33 24.79
CA VAL A 1084 -13.98 52.98 23.40
C VAL A 1084 -15.19 53.38 22.58
N THR A 1085 -14.95 53.85 21.36
CA THR A 1085 -16.03 54.36 20.52
C THR A 1085 -16.13 53.53 19.25
N THR A 1086 -17.34 53.49 18.69
CA THR A 1086 -17.55 52.57 17.57
C THR A 1086 -18.79 52.93 16.78
N GLU A 1087 -18.95 52.22 15.66
CA GLU A 1087 -20.17 52.30 14.87
C GLU A 1087 -21.30 51.55 15.56
N VAL A 1088 -22.53 51.87 15.18
CA VAL A 1088 -23.71 51.25 15.76
C VAL A 1088 -24.73 50.99 14.65
N MET A 1089 -25.52 49.93 14.81
CA MET A 1089 -26.61 49.62 13.92
C MET A 1089 -27.92 49.94 14.60
N ASP A 1090 -28.81 50.64 13.89
CA ASP A 1090 -30.10 50.97 14.45
C ASP A 1090 -31.04 49.77 14.35
N LYS A 1091 -32.14 49.84 15.10
CA LYS A 1091 -33.14 48.80 15.06
C LYS A 1091 -33.78 48.70 13.69
N GLY A 1092 -34.57 47.65 13.50
CA GLY A 1092 -35.35 47.48 12.30
C GLY A 1092 -34.66 46.78 11.15
N ASN A 1093 -33.72 45.89 11.42
CA ASN A 1093 -33.01 45.22 10.34
C ASN A 1093 -33.20 43.72 10.41
N VAL A 1094 -32.77 43.03 9.35
CA VAL A 1094 -32.96 41.60 9.23
C VAL A 1094 -31.67 40.95 8.74
N PHE A 1095 -31.27 39.89 9.43
CA PHE A 1095 -30.15 39.05 9.03
C PHE A 1095 -30.67 37.65 8.76
N SER A 1096 -29.90 36.89 7.99
CA SER A 1096 -30.25 35.53 7.65
C SER A 1096 -29.17 34.59 8.17
N PHE A 1097 -29.58 33.42 8.64
CA PHE A 1097 -28.61 32.42 9.08
C PHE A 1097 -29.29 31.07 9.16
N ASP A 1098 -28.49 30.02 9.05
CA ASP A 1098 -29.00 28.67 8.98
C ASP A 1098 -28.30 27.78 9.99
N VAL A 1099 -28.85 26.59 10.20
CA VAL A 1099 -28.43 25.68 11.25
C VAL A 1099 -28.52 24.27 10.72
N ARG A 1100 -27.42 23.53 10.75
CA ARG A 1100 -27.42 22.17 10.26
C ARG A 1100 -27.33 21.20 11.42
N PHE A 1101 -28.00 20.06 11.29
CA PHE A 1101 -28.00 19.06 12.35
C PHE A 1101 -28.14 17.67 11.76
N GLU A 1102 -27.58 16.69 12.46
CA GLU A 1102 -27.61 15.30 12.02
C GLU A 1102 -27.59 14.40 13.25
N ASN A 1103 -28.22 13.23 13.14
CA ASN A 1103 -28.27 12.27 14.23
C ASN A 1103 -28.87 12.90 15.49
N LEU A 1104 -30.13 13.27 15.40
CA LEU A 1104 -30.84 13.83 16.54
C LEU A 1104 -32.01 12.95 16.94
N ARG A 1105 -32.12 12.67 18.22
CA ARG A 1105 -33.33 12.05 18.72
C ARG A 1105 -34.45 13.08 18.77
N GLU A 1106 -35.68 12.59 18.90
CA GLU A 1106 -36.84 13.46 18.71
C GLU A 1106 -36.86 14.61 19.70
N TRP A 1107 -36.97 14.30 20.99
CA TRP A 1107 -37.13 15.36 21.98
C TRP A 1107 -35.97 16.34 21.96
N GLU A 1108 -34.78 15.88 21.58
CA GLU A 1108 -33.65 16.80 21.46
C GLU A 1108 -33.94 17.88 20.42
N LEU A 1109 -34.31 17.47 19.21
CA LEU A 1109 -34.65 18.47 18.21
C LEU A 1109 -35.83 19.31 18.64
N GLY A 1110 -36.79 18.70 19.33
CA GLY A 1110 -37.91 19.47 19.84
C GLY A 1110 -37.46 20.61 20.73
N LEU A 1111 -36.59 20.31 21.69
CA LEU A 1111 -36.13 21.35 22.60
C LEU A 1111 -35.31 22.38 21.87
N LEU A 1112 -34.48 21.95 20.91
CA LEU A 1112 -33.72 22.93 20.16
C LEU A 1112 -34.63 23.91 19.45
N LEU A 1113 -35.61 23.39 18.72
CA LEU A 1113 -36.56 24.26 18.03
C LEU A 1113 -37.27 25.19 19.02
N GLN A 1114 -37.68 24.66 20.16
CA GLN A 1114 -38.28 25.50 21.17
C GLN A 1114 -37.31 26.60 21.61
N SER A 1115 -36.02 26.30 21.59
CA SER A 1115 -35.04 27.24 22.13
C SER A 1115 -34.74 28.36 21.16
N LEU A 1116 -34.80 28.09 19.85
CA LEU A 1116 -34.58 29.18 18.91
C LEU A 1116 -35.57 30.31 19.10
N ASP A 1117 -36.79 29.99 19.54
CA ASP A 1117 -37.78 31.01 19.84
C ASP A 1117 -38.77 30.46 20.86
N PRO A 1118 -38.78 31.03 22.07
CA PRO A 1118 -39.80 30.62 23.04
C PRO A 1118 -41.17 31.16 22.69
N GLY A 1119 -41.23 32.36 22.12
CA GLY A 1119 -42.51 32.94 21.76
C GLY A 1119 -42.51 34.44 21.96
N LYS A 1120 -43.70 35.06 21.86
CA LYS A 1120 -43.80 36.49 22.05
C LYS A 1120 -43.35 36.90 23.44
N ASN A 1121 -43.08 38.19 23.59
CA ASN A 1121 -42.68 38.80 24.85
C ASN A 1121 -41.33 38.32 25.35
N ILE A 1122 -40.65 37.44 24.61
CA ILE A 1122 -39.35 36.93 25.03
C ILE A 1122 -38.39 37.02 23.87
N ALA A 1123 -37.15 37.40 24.15
CA ALA A 1123 -36.12 37.50 23.14
C ALA A 1123 -34.76 37.54 23.81
N HIS A 1124 -33.78 36.96 23.13
CA HIS A 1124 -32.46 36.78 23.74
C HIS A 1124 -31.72 38.12 23.84
N LYS A 1125 -30.49 38.06 24.31
CA LYS A 1125 -29.61 39.22 24.36
C LYS A 1125 -28.28 38.84 23.73
N LEU A 1126 -27.59 39.82 23.15
CA LEU A 1126 -26.43 39.56 22.33
C LEU A 1126 -25.73 40.86 21.97
N GLY A 1127 -24.41 40.83 21.95
CA GLY A 1127 -23.63 41.98 21.55
C GLY A 1127 -22.89 42.63 22.70
N LYS A 1128 -22.08 43.63 22.35
CA LYS A 1128 -21.29 44.32 23.37
C LYS A 1128 -22.15 45.29 24.15
N GLY A 1129 -21.81 45.47 25.42
CA GLY A 1129 -22.52 46.41 26.25
C GLY A 1129 -23.90 45.95 26.62
N LYS A 1130 -24.03 44.76 27.16
CA LYS A 1130 -25.35 44.24 27.52
C LYS A 1130 -26.10 45.10 28.52
N PRO A 1131 -25.56 45.42 29.70
CA PRO A 1131 -26.43 45.97 30.76
C PRO A 1131 -26.98 47.34 30.48
N TYR A 1132 -26.33 48.12 29.63
CA TYR A 1132 -26.87 49.43 29.29
C TYR A 1132 -28.13 49.35 28.45
N GLY A 1133 -28.41 48.19 27.86
CA GLY A 1133 -29.63 47.98 27.11
C GLY A 1133 -29.42 47.63 25.66
N PHE A 1134 -28.20 47.67 25.16
CA PHE A 1134 -27.96 47.37 23.76
C PHE A 1134 -28.20 45.90 23.47
N GLY A 1135 -28.39 45.59 22.19
CA GLY A 1135 -28.34 44.23 21.71
C GLY A 1135 -29.45 43.31 22.16
N SER A 1136 -30.70 43.71 22.01
CA SER A 1136 -31.81 42.79 22.24
C SER A 1136 -32.37 42.33 20.91
N VAL A 1137 -32.42 41.02 20.70
CA VAL A 1137 -32.74 40.46 19.40
C VAL A 1137 -33.74 39.32 19.57
N LYS A 1138 -34.67 39.22 18.62
CA LYS A 1138 -35.67 38.16 18.58
C LYS A 1138 -35.48 37.35 17.30
N ILE A 1139 -35.46 36.03 17.44
CA ILE A 1139 -35.19 35.12 16.34
C ILE A 1139 -36.46 34.35 16.00
N LYS A 1140 -36.78 34.27 14.71
CA LYS A 1140 -38.02 33.67 14.25
C LYS A 1140 -37.71 32.55 13.27
N ILE A 1141 -38.37 31.40 13.45
CA ILE A 1141 -38.21 30.25 12.56
C ILE A 1141 -38.74 30.64 11.19
N ASP A 1142 -38.00 30.32 10.14
CA ASP A 1142 -38.53 30.57 8.81
C ASP A 1142 -38.88 29.26 8.08
N SER A 1143 -37.92 28.36 7.93
CA SER A 1143 -38.20 27.18 7.13
C SER A 1143 -37.37 26.01 7.63
N LEU A 1144 -37.88 24.81 7.38
CA LEU A 1144 -37.27 23.58 7.88
C LEU A 1144 -37.15 22.57 6.75
N HIS A 1145 -36.03 21.85 6.70
CA HIS A 1145 -35.87 20.72 5.80
C HIS A 1145 -35.31 19.55 6.57
N THR A 1146 -35.78 18.35 6.28
CA THR A 1146 -35.20 17.13 6.79
C THR A 1146 -35.03 16.14 5.65
N PHE A 1147 -34.34 15.04 5.92
CA PHE A 1147 -34.25 13.98 4.94
C PHE A 1147 -33.67 12.73 5.58
N LYS A 1148 -33.68 11.65 4.81
CA LYS A 1148 -33.05 10.40 5.19
C LYS A 1148 -31.84 10.18 4.29
N ILE A 1149 -31.02 9.18 4.61
CA ILE A 1149 -29.73 9.10 3.96
C ILE A 1149 -29.75 8.11 2.80
N ASN A 1150 -30.45 6.99 2.94
CA ASN A 1150 -30.37 5.93 1.94
C ASN A 1150 -31.74 5.38 1.54
N SER A 1151 -32.69 5.42 2.47
CA SER A 1151 -33.98 4.75 2.24
C SER A 1151 -34.71 5.35 1.05
N ASN A 1152 -35.08 6.63 1.13
CA ASN A 1152 -35.77 7.29 0.02
C ASN A 1152 -34.82 7.67 -1.10
N ASN A 1153 -33.51 7.53 -0.90
CA ASN A 1153 -32.50 7.94 -1.88
C ASN A 1153 -32.54 9.45 -2.12
N ASP A 1154 -32.29 10.21 -1.06
CA ASP A 1154 -32.05 11.66 -1.13
C ASP A 1154 -33.29 12.41 -1.64
N LYS A 1155 -34.38 12.29 -0.88
CA LYS A 1155 -35.61 13.02 -1.17
C LYS A 1155 -35.89 13.99 -0.02
N ILE A 1156 -35.34 15.19 -0.11
CA ILE A 1156 -35.57 16.20 0.91
C ILE A 1156 -37.02 16.67 0.83
N LYS A 1157 -37.72 16.60 1.96
CA LYS A 1157 -39.15 16.88 2.02
C LYS A 1157 -39.44 17.92 3.08
N ARG A 1158 -39.90 19.10 2.66
CA ARG A 1158 -40.26 20.15 3.60
C ARG A 1158 -41.34 19.66 4.55
N VAL A 1159 -41.33 20.15 5.78
CA VAL A 1159 -42.24 19.65 6.81
C VAL A 1159 -43.25 20.73 7.16
N PRO A 1160 -44.53 20.39 7.30
CA PRO A 1160 -45.53 21.38 7.74
C PRO A 1160 -45.63 21.44 9.25
N GLN A 1161 -46.49 22.35 9.71
CA GLN A 1161 -46.43 22.81 11.10
C GLN A 1161 -46.80 21.72 12.10
N SER A 1162 -47.84 20.95 11.81
CA SER A 1162 -48.34 19.96 12.77
C SER A 1162 -47.21 19.08 13.30
N ASP A 1163 -46.28 18.70 12.42
CA ASP A 1163 -45.15 17.91 12.85
C ASP A 1163 -44.29 18.67 13.84
N ILE A 1164 -44.07 19.97 13.58
CA ILE A 1164 -43.33 20.78 14.52
C ILE A 1164 -44.02 20.78 15.88
N ARG A 1165 -45.35 20.89 15.86
CA ARG A 1165 -46.09 20.92 17.13
C ARG A 1165 -45.90 19.63 17.89
N GLU A 1166 -46.00 18.49 17.21
CA GLU A 1166 -45.83 17.23 17.93
C GLU A 1166 -44.40 17.05 18.40
N TYR A 1167 -43.43 17.55 17.64
CA TYR A 1167 -42.04 17.52 18.09
C TYR A 1167 -41.89 18.27 19.41
N ILE A 1168 -42.34 19.51 19.45
CA ILE A 1168 -42.25 20.31 20.66
C ILE A 1168 -43.02 19.63 21.79
N ASN A 1169 -44.13 18.97 21.46
CA ASN A 1169 -44.89 18.26 22.49
C ASN A 1169 -44.05 17.16 23.11
N LYS A 1170 -43.38 16.36 22.28
CA LYS A 1170 -42.55 15.28 22.82
C LYS A 1170 -41.41 15.85 23.66
N GLY A 1171 -40.84 16.97 23.22
CA GLY A 1171 -39.81 17.59 24.05
C GLY A 1171 -40.33 18.01 25.41
N TYR A 1172 -41.50 18.63 25.43
CA TYR A 1172 -42.14 19.00 26.69
C TYR A 1172 -42.36 17.77 27.56
N GLN A 1173 -42.76 16.66 26.96
CA GLN A 1173 -42.96 15.43 27.72
C GLN A 1173 -41.66 14.96 28.35
N LYS A 1174 -40.58 15.00 27.57
CA LYS A 1174 -39.29 14.59 28.09
C LYS A 1174 -38.87 15.46 29.26
N LEU A 1175 -39.11 16.76 29.18
CA LEU A 1175 -38.79 17.63 30.30
C LEU A 1175 -39.66 17.31 31.51
N ILE A 1176 -40.94 17.05 31.29
CA ILE A 1176 -41.80 16.60 32.38
C ILE A 1176 -41.18 15.41 33.08
N GLU A 1177 -40.72 14.43 32.31
CA GLU A 1177 -40.14 13.25 32.91
C GLU A 1177 -38.90 13.60 33.72
N TRP A 1178 -38.02 14.43 33.14
CA TRP A 1178 -36.80 14.81 33.85
C TRP A 1178 -37.12 15.59 35.12
N SER A 1179 -38.29 16.23 35.19
CA SER A 1179 -38.66 16.94 36.40
C SER A 1179 -38.75 16.01 37.60
N GLY A 1180 -38.87 14.70 37.35
CA GLY A 1180 -39.01 13.71 38.39
C GLY A 1180 -40.42 13.59 38.93
N ASN A 1181 -41.13 14.71 39.03
CA ASN A 1181 -42.51 14.72 39.48
C ASN A 1181 -43.42 14.68 38.25
N ASN A 1182 -44.32 13.68 38.21
CA ASN A 1182 -45.16 13.44 37.05
C ASN A 1182 -46.51 14.13 37.17
N SER A 1183 -46.55 15.32 37.76
CA SER A 1183 -47.76 16.14 37.82
C SER A 1183 -47.98 16.73 36.43
N ILE A 1184 -48.71 15.98 35.60
CA ILE A 1184 -48.78 16.32 34.19
C ILE A 1184 -49.86 17.36 33.91
N GLN A 1185 -51.10 17.08 34.30
CA GLN A 1185 -52.29 17.90 33.96
C GLN A 1185 -52.18 18.43 32.53
N LYS A 1186 -52.08 17.49 31.60
CA LYS A 1186 -51.75 17.84 30.22
C LYS A 1186 -52.87 18.61 29.54
N GLY A 1187 -52.47 19.68 28.84
CA GLY A 1187 -53.36 20.38 27.92
C GLY A 1187 -52.94 20.07 26.50
N ASN A 1188 -53.92 19.75 25.66
CA ASN A 1188 -53.63 19.26 24.32
C ASN A 1188 -52.74 20.24 23.54
N VAL A 1189 -53.15 21.49 23.47
CA VAL A 1189 -52.39 22.50 22.77
C VAL A 1189 -51.69 23.38 23.80
N LEU A 1190 -50.72 24.17 23.35
CA LEU A 1190 -50.00 25.11 24.18
C LEU A 1190 -49.40 24.43 25.41
N PRO A 1191 -48.36 23.62 25.24
CA PRO A 1191 -47.75 22.97 26.40
C PRO A 1191 -47.34 23.97 27.46
N GLN A 1192 -47.93 23.87 28.64
CA GLN A 1192 -47.80 24.89 29.67
C GLN A 1192 -46.38 24.87 30.22
N TRP A 1193 -45.54 25.77 29.72
CA TRP A 1193 -44.17 25.85 30.21
C TRP A 1193 -44.10 26.23 31.67
N HIS A 1194 -44.77 27.31 32.06
CA HIS A 1194 -44.48 27.96 33.32
C HIS A 1194 -44.90 27.15 34.54
N VAL A 1195 -45.26 25.88 34.37
CA VAL A 1195 -45.52 25.04 35.53
C VAL A 1195 -44.21 24.64 36.21
N ILE A 1196 -43.17 24.38 35.43
CA ILE A 1196 -41.88 23.98 36.02
C ILE A 1196 -41.21 25.21 36.63
N PRO A 1197 -40.70 25.13 37.86
CA PRO A 1197 -40.24 26.35 38.54
C PRO A 1197 -39.08 27.06 37.86
N HIS A 1198 -37.98 26.35 37.59
CA HIS A 1198 -36.79 27.05 37.13
C HIS A 1198 -36.98 27.66 35.75
N ILE A 1199 -37.68 26.95 34.86
CA ILE A 1199 -37.96 27.55 33.56
C ILE A 1199 -38.92 28.71 33.71
N ASP A 1200 -39.79 28.66 34.73
CA ASP A 1200 -40.64 29.81 35.01
C ASP A 1200 -39.82 31.02 35.34
N LYS A 1201 -38.84 30.87 36.24
CA LYS A 1201 -37.99 32.01 36.57
C LYS A 1201 -37.24 32.50 35.34
N LEU A 1202 -36.69 31.57 34.55
CA LEU A 1202 -35.99 31.98 33.33
C LEU A 1202 -36.89 32.84 32.46
N TYR A 1203 -38.03 32.30 32.03
CA TYR A 1203 -38.92 33.07 31.17
C TYR A 1203 -39.41 34.34 31.85
N LYS A 1204 -39.38 34.40 33.17
CA LYS A 1204 -39.66 35.67 33.81
C LYS A 1204 -38.55 36.67 33.51
N LEU A 1205 -37.31 36.20 33.49
CA LEU A 1205 -36.20 37.12 33.25
C LEU A 1205 -36.28 37.73 31.87
N LEU A 1206 -36.13 36.91 30.82
CA LEU A 1206 -35.93 37.40 29.47
C LEU A 1206 -37.09 38.23 28.94
N TRP A 1207 -38.17 38.37 29.70
CA TRP A 1207 -39.34 39.09 29.20
C TRP A 1207 -38.97 40.50 28.77
N VAL A 1208 -39.54 40.94 27.65
CA VAL A 1208 -39.36 42.31 27.18
C VAL A 1208 -40.60 43.10 27.55
N PRO A 1209 -40.46 44.22 28.26
CA PRO A 1209 -41.67 44.95 28.68
C PRO A 1209 -42.25 45.83 27.59
N PHE A 1210 -41.42 46.43 26.75
CA PHE A 1210 -41.89 47.41 25.78
C PHE A 1210 -42.23 46.80 24.43
N LEU A 1211 -42.63 45.53 24.39
CA LEU A 1211 -42.87 44.87 23.11
C LEU A 1211 -43.94 45.59 22.30
N ASN A 1212 -45.17 45.59 22.80
CA ASN A 1212 -46.25 46.27 22.12
C ASN A 1212 -46.94 47.30 23.00
N ASP A 1213 -47.14 46.98 24.28
CA ASP A 1213 -47.65 47.95 25.25
C ASP A 1213 -46.52 48.91 25.54
N SER A 1214 -46.48 50.02 24.79
CA SER A 1214 -45.36 50.94 24.88
C SER A 1214 -45.37 51.74 26.17
N LYS A 1215 -46.38 51.58 27.02
CA LYS A 1215 -46.46 52.38 28.23
C LYS A 1215 -45.31 52.05 29.18
N LEU A 1216 -45.04 50.76 29.39
CA LEU A 1216 -44.00 50.34 30.32
C LEU A 1216 -42.65 50.86 29.83
N GLU A 1217 -41.88 51.47 30.73
CA GLU A 1217 -40.56 52.00 30.42
C GLU A 1217 -39.76 52.17 31.70
N PRO A 1218 -39.26 51.08 32.26
CA PRO A 1218 -38.52 51.17 33.52
C PRO A 1218 -37.15 51.78 33.30
N ASP A 1219 -36.54 52.22 34.39
CA ASP A 1219 -35.18 52.76 34.38
C ASP A 1219 -34.28 51.75 35.05
N VAL A 1220 -33.15 51.45 34.43
CA VAL A 1220 -32.21 50.45 34.93
C VAL A 1220 -30.82 51.06 34.92
N ARG A 1221 -30.21 51.15 36.09
CA ARG A 1221 -28.92 51.80 36.21
C ARG A 1221 -28.13 51.16 37.34
N TYR A 1222 -26.86 51.32 37.27
CA TYR A 1222 -25.99 50.85 38.33
C TYR A 1222 -25.94 51.87 39.48
N PRO A 1223 -25.66 51.43 40.69
CA PRO A 1223 -25.59 52.37 41.81
C PRO A 1223 -24.27 53.13 41.80
N VAL A 1224 -24.34 54.41 42.12
CA VAL A 1224 -23.14 55.25 42.19
C VAL A 1224 -22.31 54.82 43.39
N LEU A 1225 -21.04 55.19 43.40
CA LEU A 1225 -20.16 54.77 44.48
C LEU A 1225 -20.53 55.44 45.79
N ASN A 1226 -20.51 56.78 45.82
CA ASN A 1226 -20.88 57.53 47.01
C ASN A 1226 -21.63 58.78 46.57
N GLU A 1227 -21.92 59.66 47.54
CA GLU A 1227 -22.73 60.84 47.24
C GLU A 1227 -22.00 61.82 46.34
N GLU A 1228 -20.71 61.61 46.10
CA GLU A 1228 -19.89 62.51 45.29
C GLU A 1228 -19.26 61.69 44.16
N SER A 1229 -20.02 61.50 43.09
CA SER A 1229 -19.53 60.73 41.95
C SER A 1229 -19.98 61.31 40.62
N LYS A 1230 -20.36 62.59 40.60
CA LYS A 1230 -20.70 63.31 39.38
C LYS A 1230 -21.95 62.74 38.71
N GLY A 1231 -22.54 61.71 39.28
CA GLY A 1231 -23.74 61.13 38.74
C GLY A 1231 -24.74 60.83 39.83
N TYR A 1232 -24.46 61.34 41.02
CA TYR A 1232 -25.32 61.08 42.17
C TYR A 1232 -26.69 61.73 41.98
N ILE A 1233 -27.73 60.90 41.97
CA ILE A 1233 -29.09 61.40 41.91
C ILE A 1233 -29.42 62.04 43.26
N GLU A 1234 -29.65 63.35 43.26
CA GLU A 1234 -29.83 64.09 44.50
C GLU A 1234 -31.03 63.56 45.27
N GLY A 1235 -30.89 63.49 46.59
CA GLY A 1235 -31.97 63.05 47.45
C GLY A 1235 -32.29 61.58 47.31
N SER A 1236 -31.31 60.78 46.91
CA SER A 1236 -31.50 59.35 46.73
C SER A 1236 -30.39 58.59 47.41
N ASP A 1237 -30.74 57.47 48.03
CA ASP A 1237 -29.78 56.60 48.69
C ASP A 1237 -29.22 55.56 47.75
N TYR A 1238 -29.50 55.65 46.46
CA TYR A 1238 -29.08 54.64 45.50
C TYR A 1238 -27.58 54.74 45.27
N THR A 1239 -26.84 54.39 46.32
CA THR A 1239 -25.39 54.44 46.30
C THR A 1239 -24.82 53.28 47.08
N TYR A 1240 -23.64 52.82 46.67
CA TYR A 1240 -22.90 51.87 47.47
C TYR A 1240 -22.50 52.52 48.79
N LYS A 1241 -22.06 51.68 49.73
CA LYS A 1241 -21.64 52.08 51.06
C LYS A 1241 -22.87 52.49 51.88
N LYS A 1242 -24.01 52.60 51.22
CA LYS A 1242 -25.30 52.66 51.91
C LYS A 1242 -26.04 51.34 51.84
N LEU A 1243 -25.90 50.63 50.72
CA LEU A 1243 -26.23 49.21 50.67
C LEU A 1243 -25.06 48.35 51.10
N GLY A 1244 -23.83 48.77 50.82
CA GLY A 1244 -22.66 47.96 51.09
C GLY A 1244 -22.46 47.67 52.56
N ASP A 1245 -22.96 48.56 53.42
CA ASP A 1245 -22.87 48.33 54.86
C ASP A 1245 -23.68 47.10 55.25
N LYS A 1246 -23.15 46.32 56.19
CA LYS A 1246 -23.89 45.17 56.67
C LYS A 1246 -25.20 45.59 57.32
N ASP A 1247 -25.15 46.64 58.13
CA ASP A 1247 -26.36 47.14 58.75
C ASP A 1247 -27.30 47.71 57.69
N ASN A 1248 -28.59 47.74 58.03
CA ASN A 1248 -29.65 48.23 57.16
C ASN A 1248 -29.91 47.28 56.00
N LEU A 1249 -29.07 46.27 55.86
CA LEU A 1249 -29.16 45.36 54.74
C LEU A 1249 -28.44 44.06 55.07
N PRO A 1250 -29.11 43.11 55.71
CA PRO A 1250 -28.47 41.83 56.03
C PRO A 1250 -28.00 41.12 54.78
N TYR A 1251 -26.98 40.28 54.94
CA TYR A 1251 -26.40 39.60 53.78
C TYR A 1251 -27.41 38.65 53.15
N LYS A 1252 -28.18 37.95 53.98
CA LYS A 1252 -29.24 37.10 53.45
C LYS A 1252 -30.21 37.90 52.60
N THR A 1253 -30.53 39.12 53.03
CA THR A 1253 -31.38 39.97 52.22
C THR A 1253 -30.70 40.35 50.91
N ARG A 1254 -29.37 40.50 50.93
CA ARG A 1254 -28.65 40.79 49.69
C ARG A 1254 -28.78 39.65 48.70
N VAL A 1255 -28.48 38.42 49.13
CA VAL A 1255 -28.57 37.31 48.19
C VAL A 1255 -30.01 37.10 47.75
N LYS A 1256 -30.98 37.37 48.63
CA LYS A 1256 -32.37 37.23 48.24
C LYS A 1256 -32.75 38.26 47.19
N GLY A 1257 -32.25 39.48 47.33
CA GLY A 1257 -32.51 40.49 46.31
C GLY A 1257 -31.79 40.18 45.01
N LEU A 1258 -30.69 39.45 45.08
CA LEU A 1258 -29.99 39.08 43.85
C LEU A 1258 -30.60 37.85 43.20
N THR A 1259 -31.42 37.10 43.92
CA THR A 1259 -31.95 35.85 43.38
C THR A 1259 -33.34 35.98 42.77
N THR A 1260 -34.25 36.74 43.39
CA THR A 1260 -35.58 36.89 42.84
C THR A 1260 -35.56 37.96 41.76
N PRO A 1261 -35.84 37.62 40.51
CA PRO A 1261 -35.69 38.61 39.42
C PRO A 1261 -36.67 39.75 39.59
N TRP A 1262 -36.31 40.89 38.96
CA TRP A 1262 -37.17 42.07 38.92
C TRP A 1262 -37.51 42.60 40.31
N SER A 1263 -36.67 42.36 41.27
CA SER A 1263 -36.91 42.89 42.60
C SER A 1263 -36.57 44.37 42.63
N PRO A 1264 -37.41 45.21 43.24
CA PRO A 1264 -37.10 46.64 43.29
C PRO A 1264 -36.00 46.92 44.30
N TRP A 1265 -35.27 47.99 44.06
CA TRP A 1265 -34.13 48.34 44.90
C TRP A 1265 -34.15 49.77 45.40
N ASN A 1266 -34.77 50.70 44.69
CA ASN A 1266 -34.78 52.10 45.14
C ASN A 1266 -35.35 52.20 46.55
N PRO A 1267 -36.54 51.69 46.86
CA PRO A 1267 -36.89 51.48 48.28
C PRO A 1267 -36.51 50.10 48.78
N PHE A 1268 -36.20 49.17 47.89
CA PHE A 1268 -35.71 47.84 48.24
C PHE A 1268 -36.71 47.10 49.13
N GLN A 1269 -37.87 46.80 48.55
CA GLN A 1269 -38.92 46.13 49.31
C GLN A 1269 -38.70 44.62 49.38
N VAL A 1270 -38.07 44.03 48.36
CA VAL A 1270 -37.91 42.59 48.25
C VAL A 1270 -39.25 41.88 48.28
N THR D 1 3.66 -11.92 41.41
CA THR D 1 2.69 -12.85 40.82
C THR D 1 2.15 -12.28 39.52
N ARG D 2 2.35 -10.98 39.31
CA ARG D 2 1.82 -10.31 38.13
C ARG D 2 2.35 -10.94 36.85
N GLU D 3 3.67 -10.85 36.62
CA GLU D 3 4.26 -11.56 35.50
C GLU D 3 3.91 -13.05 35.56
N ASP D 4 3.77 -13.59 36.76
CA ASP D 4 3.47 -15.00 36.90
C ASP D 4 2.04 -15.33 36.52
N ILE D 5 1.08 -14.45 36.86
CA ILE D 5 -0.30 -14.70 36.45
C ILE D 5 -0.44 -14.48 34.94
N ASP D 6 0.34 -13.56 34.38
CA ASP D 6 0.35 -13.44 32.93
C ASP D 6 0.89 -14.71 32.29
N ARG D 7 1.94 -15.30 32.86
CA ARG D 7 2.48 -16.54 32.32
C ARG D 7 1.50 -17.69 32.49
N LYS D 8 0.73 -17.68 33.59
CA LYS D 8 -0.28 -18.73 33.78
C LYS D 8 -1.40 -18.60 32.74
N GLU D 9 -1.87 -17.37 32.52
CA GLU D 9 -2.80 -17.14 31.42
C GLU D 9 -2.20 -17.61 30.09
N ALA D 10 -0.91 -17.36 29.90
CA ALA D 10 -0.24 -17.76 28.67
C ALA D 10 -0.30 -19.28 28.49
N GLU D 11 0.12 -20.02 29.51
CA GLU D 11 0.15 -21.48 29.38
C GLU D 11 -1.26 -22.05 29.30
N ARG D 12 -2.23 -21.39 29.90
CA ARG D 12 -3.62 -21.83 29.75
C ARG D 12 -4.09 -21.65 28.31
N LEU D 13 -3.80 -20.48 27.73
CA LEU D 13 -4.10 -20.28 26.31
C LEU D 13 -3.34 -21.30 25.46
N LEU D 14 -2.13 -21.66 25.88
CA LEU D 14 -1.32 -22.58 25.10
C LEU D 14 -1.90 -23.98 25.09
N ASP D 15 -2.22 -24.55 26.26
CA ASP D 15 -2.78 -25.89 26.25
C ASP D 15 -4.25 -25.88 25.85
N GLU D 16 -4.86 -24.70 25.69
CA GLU D 16 -6.10 -24.64 24.92
C GLU D 16 -5.80 -24.77 23.43
N ALA D 17 -4.75 -24.11 22.96
CA ALA D 17 -4.36 -24.26 21.56
C ALA D 17 -3.99 -25.71 21.25
N PHE D 18 -3.35 -26.39 22.18
CA PHE D 18 -3.06 -27.81 22.06
C PHE D 18 -4.33 -28.65 21.92
N ASN D 19 -5.43 -28.19 22.50
CA ASN D 19 -6.68 -28.95 22.47
C ASN D 19 -7.13 -29.14 21.02
N PRO D 20 -7.33 -30.38 20.57
CA PRO D 20 -7.73 -30.58 19.17
C PRO D 20 -9.12 -30.07 18.82
N ARG D 21 -9.85 -29.51 19.79
CA ARG D 21 -11.18 -28.99 19.48
C ARG D 21 -11.13 -27.57 18.93
N THR D 22 -9.94 -26.99 18.81
CA THR D 22 -9.82 -25.65 18.24
C THR D 22 -9.67 -25.73 16.73
N LYS D 23 -10.44 -24.92 16.01
CA LYS D 23 -10.33 -24.88 14.56
C LYS D 23 -9.12 -24.04 14.15
N PRO D 24 -8.63 -24.19 12.92
CA PRO D 24 -7.41 -23.47 12.52
C PRO D 24 -7.48 -21.98 12.75
N VAL D 25 -8.53 -21.32 12.26
CA VAL D 25 -8.63 -19.87 12.41
C VAL D 25 -8.68 -19.46 13.87
N ASP D 26 -9.27 -20.32 14.72
CA ASP D 26 -9.24 -20.05 16.15
C ASP D 26 -7.81 -20.08 16.69
N ARG D 27 -7.14 -21.23 16.52
CA ARG D 27 -5.78 -21.40 17.01
C ARG D 27 -4.87 -20.27 16.54
N LYS D 28 -5.11 -19.77 15.32
CA LYS D 28 -4.28 -18.69 14.80
C LYS D 28 -4.29 -17.49 15.71
N LYS D 29 -5.45 -16.86 15.89
CA LYS D 29 -5.54 -15.67 16.75
C LYS D 29 -5.22 -16.02 18.20
N ILE D 30 -5.52 -17.25 18.62
CA ILE D 30 -5.20 -17.67 19.98
C ILE D 30 -3.71 -17.54 20.24
N ILE D 31 -2.90 -18.23 19.45
CA ILE D 31 -1.44 -18.18 19.65
C ILE D 31 -0.91 -16.80 19.31
N ASN D 32 -1.63 -16.05 18.48
CA ASN D 32 -1.21 -14.68 18.20
C ASN D 32 -1.31 -13.82 19.46
N SER D 33 -2.45 -13.88 20.15
CA SER D 33 -2.59 -13.18 21.41
C SER D 33 -1.54 -13.64 22.41
N ALA D 34 -1.24 -14.94 22.40
CA ALA D 34 -0.14 -15.44 23.23
C ALA D 34 1.15 -14.69 22.94
N LEU D 35 1.53 -14.65 21.67
CA LEU D 35 2.76 -13.95 21.29
C LEU D 35 2.72 -12.50 21.73
N LYS D 36 1.57 -11.85 21.61
CA LYS D 36 1.48 -10.43 21.96
C LYS D 36 1.74 -10.22 23.45
N ILE D 37 1.01 -10.96 24.30
CA ILE D 37 1.19 -10.77 25.73
C ILE D 37 2.61 -11.15 26.15
N LEU D 38 3.16 -12.20 25.55
CA LEU D 38 4.50 -12.63 25.92
C LEU D 38 5.54 -11.62 25.48
N ILE D 39 5.33 -10.98 24.33
CA ILE D 39 6.27 -9.95 23.88
C ILE D 39 6.22 -8.75 24.82
N GLY D 40 5.01 -8.37 25.26
CA GLY D 40 4.93 -7.33 26.26
C GLY D 40 5.66 -7.68 27.54
N LEU D 41 5.43 -8.89 28.05
CA LEU D 41 6.10 -9.34 29.27
C LEU D 41 7.62 -9.32 29.11
N TYR D 42 8.13 -9.85 28.00
CA TYR D 42 9.57 -9.86 27.81
C TYR D 42 10.10 -8.44 27.58
N LYS D 43 9.25 -7.54 27.12
CA LYS D 43 9.66 -6.15 26.98
C LYS D 43 9.86 -5.51 28.35
N GLU D 44 8.94 -5.76 29.27
CA GLU D 44 9.06 -5.11 30.58
C GLU D 44 10.18 -5.72 31.42
N LYS D 45 10.40 -7.03 31.32
CA LYS D 45 11.51 -7.69 32.00
C LYS D 45 12.47 -8.22 30.93
N LYS D 46 13.63 -7.56 30.81
CA LYS D 46 14.56 -7.95 29.76
C LYS D 46 15.18 -9.31 30.05
N ASP D 47 15.84 -9.47 31.19
CA ASP D 47 16.48 -10.71 31.55
C ASP D 47 15.95 -11.31 32.85
N ASP D 48 15.11 -10.60 33.58
CA ASP D 48 14.53 -11.14 34.80
C ASP D 48 13.51 -12.24 34.53
N LEU D 49 13.28 -12.58 33.27
CA LEU D 49 12.24 -13.55 32.93
C LEU D 49 12.61 -14.93 33.45
N THR D 50 11.60 -15.70 33.86
CA THR D 50 11.83 -17.01 34.44
C THR D 50 12.08 -18.05 33.35
N SER D 51 12.59 -19.21 33.80
CA SER D 51 12.90 -20.29 32.87
C SER D 51 11.65 -20.78 32.15
N ALA D 52 10.61 -21.14 32.90
CA ALA D 52 9.40 -21.68 32.29
C ALA D 52 8.74 -20.66 31.37
N SER D 53 8.99 -19.37 31.60
CA SER D 53 8.44 -18.36 30.72
C SER D 53 9.13 -18.38 29.36
N PHE D 54 10.46 -18.46 29.35
CA PHE D 54 11.18 -18.69 28.10
C PHE D 54 10.70 -19.98 27.44
N ILE D 55 10.48 -21.02 28.23
CA ILE D 55 9.94 -22.28 27.71
C ILE D 55 8.61 -22.03 27.01
N SER D 56 7.76 -21.21 27.62
CA SER D 56 6.46 -20.94 27.04
C SER D 56 6.57 -20.16 25.73
N ILE D 57 7.50 -19.20 25.68
CA ILE D 57 7.70 -18.44 24.45
C ILE D 57 8.17 -19.36 23.33
N ALA D 58 9.14 -20.23 23.63
CA ALA D 58 9.58 -21.20 22.64
C ALA D 58 8.43 -22.11 22.21
N ARG D 59 7.60 -22.52 23.17
CA ARG D 59 6.45 -23.35 22.87
C ARG D 59 5.52 -22.66 21.88
N ALA D 60 5.23 -21.37 22.12
CA ALA D 60 4.33 -20.64 21.24
C ALA D 60 4.95 -20.46 19.86
N TYR D 61 6.25 -20.20 19.79
CA TYR D 61 6.93 -20.17 18.51
C TYR D 61 6.78 -21.50 17.77
N TYR D 62 6.94 -22.61 18.48
CA TYR D 62 6.80 -23.92 17.86
C TYR D 62 5.40 -24.11 17.30
N LEU D 63 4.39 -23.71 18.07
CA LEU D 63 3.02 -23.83 17.60
C LEU D 63 2.77 -22.96 16.37
N VAL D 64 3.26 -21.72 16.41
CA VAL D 64 3.14 -20.84 15.25
C VAL D 64 3.72 -21.50 14.02
N SER D 65 4.97 -21.98 14.14
CA SER D 65 5.62 -22.63 13.01
C SER D 65 4.81 -23.79 12.48
N ILE D 66 4.20 -24.58 13.37
CA ILE D 66 3.37 -25.69 12.91
C ILE D 66 2.17 -25.16 12.14
N THR D 67 1.60 -24.04 12.58
CA THR D 67 0.37 -23.56 11.96
C THR D 67 0.58 -23.07 10.54
N ILE D 68 1.81 -22.69 10.17
CA ILE D 68 2.05 -22.14 8.85
C ILE D 68 1.88 -23.21 7.78
N LEU D 69 1.21 -22.86 6.69
CA LEU D 69 0.91 -23.72 5.55
C LEU D 69 1.88 -23.45 4.40
N PRO D 70 2.11 -24.43 3.52
CA PRO D 70 3.03 -24.21 2.40
C PRO D 70 2.38 -23.38 1.31
N LYS D 71 2.78 -22.11 1.19
CA LYS D 71 2.15 -21.23 0.22
C LYS D 71 2.39 -21.72 -1.20
N GLY D 72 3.65 -22.00 -1.55
CA GLY D 72 3.97 -22.46 -2.87
C GLY D 72 4.63 -23.82 -2.88
N THR D 73 5.45 -24.08 -3.90
CA THR D 73 6.20 -25.32 -4.02
C THR D 73 7.48 -25.30 -3.20
N THR D 74 7.81 -24.17 -2.60
CA THR D 74 8.95 -24.07 -1.70
C THR D 74 8.47 -23.73 -0.31
N ILE D 75 9.13 -24.30 0.69
CA ILE D 75 8.74 -24.09 2.08
C ILE D 75 8.82 -22.60 2.40
N PRO D 76 7.77 -22.01 2.99
CA PRO D 76 7.80 -20.57 3.24
C PRO D 76 8.89 -20.19 4.23
N GLU D 77 9.65 -19.16 3.88
CA GLU D 77 10.76 -18.73 4.74
C GLU D 77 10.26 -18.29 6.11
N LYS D 78 8.97 -17.97 6.22
CA LYS D 78 8.40 -17.63 7.51
C LYS D 78 8.65 -18.73 8.53
N LYS D 79 8.52 -19.99 8.11
CA LYS D 79 8.72 -21.10 9.04
C LYS D 79 10.17 -21.17 9.49
N LYS D 80 11.11 -20.99 8.57
CA LYS D 80 12.51 -20.94 8.96
C LYS D 80 12.75 -19.84 9.99
N GLU D 81 12.20 -18.65 9.74
CA GLU D 81 12.43 -17.54 10.67
C GLU D 81 11.82 -17.84 12.03
N ALA D 82 10.65 -18.48 12.05
CA ALA D 82 10.02 -18.79 13.33
C ALA D 82 10.83 -19.79 14.11
N LEU D 83 11.27 -20.88 13.47
CA LEU D 83 12.14 -21.83 14.15
C LEU D 83 13.41 -21.15 14.63
N ARG D 84 13.90 -20.18 13.88
CA ARG D 84 15.11 -19.47 14.29
C ARG D 84 14.87 -18.69 15.57
N LYS D 85 13.78 -17.91 15.61
CA LYS D 85 13.43 -17.20 16.83
C LYS D 85 13.31 -18.15 18.00
N GLY D 86 12.66 -19.30 17.77
CA GLY D 86 12.46 -20.25 18.86
C GLY D 86 13.76 -20.83 19.38
N ILE D 87 14.64 -21.27 18.49
CA ILE D 87 15.89 -21.86 18.94
C ILE D 87 16.74 -20.81 19.65
N GLU D 88 16.76 -19.59 19.14
CA GLU D 88 17.51 -18.53 19.81
C GLU D 88 16.97 -18.27 21.21
N PHE D 89 15.64 -18.23 21.35
CA PHE D 89 15.07 -17.98 22.67
C PHE D 89 15.40 -19.10 23.64
N ILE D 90 15.31 -20.35 23.18
CA ILE D 90 15.60 -21.44 24.12
C ILE D 90 17.10 -21.48 24.42
N ASP D 91 17.95 -21.01 23.50
CA ASP D 91 19.36 -20.86 23.84
C ASP D 91 19.53 -19.85 24.97
N ARG D 92 18.92 -18.68 24.82
CA ARG D 92 18.95 -17.70 25.90
C ARG D 92 18.43 -18.29 27.21
N ALA D 93 17.44 -19.17 27.11
CA ALA D 93 16.86 -19.78 28.29
C ALA D 93 17.84 -20.72 28.97
N ILE D 94 18.24 -21.77 28.28
CA ILE D 94 19.10 -22.78 28.87
C ILE D 94 20.47 -22.20 29.20
N ASN D 95 20.80 -21.03 28.66
CA ASN D 95 22.12 -20.45 28.87
C ASN D 95 22.36 -20.15 30.34
N LYS D 96 21.53 -19.28 30.92
CA LYS D 96 21.79 -18.73 32.26
C LYS D 96 20.61 -19.04 33.19
N PHE D 97 20.64 -20.23 33.78
CA PHE D 97 19.65 -20.65 34.76
C PHE D 97 20.16 -21.85 35.54
N ASN D 98 19.83 -21.86 36.83
CA ASN D 98 20.09 -22.99 37.73
C ASN D 98 18.78 -23.30 38.42
N GLY D 99 17.93 -24.11 37.77
CA GLY D 99 16.61 -24.40 38.28
C GLY D 99 16.44 -25.85 38.68
N SER D 100 15.18 -26.26 38.78
CA SER D 100 14.84 -27.61 39.17
C SER D 100 15.16 -28.60 38.06
N ILE D 101 15.10 -29.88 38.41
CA ILE D 101 15.38 -30.93 37.43
C ILE D 101 14.31 -30.96 36.35
N LEU D 102 13.05 -30.69 36.71
CA LEU D 102 11.99 -30.69 35.71
C LEU D 102 12.14 -29.53 34.75
N ASP D 103 12.65 -28.39 35.24
CA ASP D 103 12.96 -27.28 34.35
C ASP D 103 13.98 -27.68 33.31
N SER D 104 15.07 -28.32 33.74
CA SER D 104 16.07 -28.81 32.80
C SER D 104 15.45 -29.80 31.81
N GLN D 105 14.63 -30.72 32.32
CA GLN D 105 13.99 -31.71 31.45
C GLN D 105 13.18 -31.02 30.36
N ARG D 106 12.29 -30.11 30.76
CA ARG D 106 11.44 -29.44 29.77
C ARG D 106 12.26 -28.61 28.81
N ALA D 107 13.30 -27.93 29.32
CA ALA D 107 14.11 -27.07 28.47
C ALA D 107 14.82 -27.88 27.39
N PHE D 108 15.57 -28.91 27.80
CA PHE D 108 16.22 -29.74 26.80
C PHE D 108 15.22 -30.47 25.93
N ARG D 109 14.02 -30.78 26.45
CA ARG D 109 13.01 -31.43 25.63
C ARG D 109 12.58 -30.53 24.48
N ILE D 110 12.21 -29.29 24.79
CA ILE D 110 11.76 -28.39 23.74
C ILE D 110 12.92 -28.02 22.83
N LYS D 111 14.13 -27.97 23.37
CA LYS D 111 15.30 -27.75 22.51
C LYS D 111 15.44 -28.88 21.50
N SER D 112 15.31 -30.13 21.97
CA SER D 112 15.34 -31.27 21.07
C SER D 112 14.24 -31.18 20.02
N VAL D 113 13.03 -30.80 20.44
CA VAL D 113 11.92 -30.72 19.50
C VAL D 113 12.22 -29.71 18.40
N LEU D 114 12.61 -28.50 18.79
CA LEU D 114 12.88 -27.45 17.81
C LEU D 114 14.02 -27.87 16.88
N SER D 115 15.07 -28.46 17.44
CA SER D 115 16.19 -28.87 16.60
C SER D 115 15.76 -29.96 15.61
N ILE D 116 14.98 -30.94 16.08
CA ILE D 116 14.51 -32.00 15.20
C ILE D 116 13.71 -31.41 14.07
N GLU D 117 12.80 -30.48 14.38
CA GLU D 117 11.98 -29.87 13.34
C GLU D 117 12.85 -29.12 12.34
N PHE D 118 13.83 -28.35 12.84
CA PHE D 118 14.67 -27.57 11.93
C PHE D 118 15.48 -28.47 11.02
N ASN D 119 16.02 -29.57 11.57
CA ASN D 119 16.80 -30.47 10.75
C ASN D 119 15.93 -31.18 9.73
N ARG D 120 14.70 -31.55 10.12
CA ARG D 120 13.79 -32.19 9.18
C ARG D 120 13.44 -31.25 8.04
N ILE D 121 13.21 -29.98 8.35
CA ILE D 121 12.81 -29.05 7.31
C ILE D 121 14.02 -28.49 6.57
N ASP D 122 15.14 -28.26 7.26
CA ASP D 122 16.33 -27.66 6.66
C ASP D 122 17.50 -28.61 6.92
N ARG D 123 18.19 -29.02 5.85
CA ARG D 123 19.30 -29.96 6.01
C ARG D 123 20.63 -29.24 6.07
N GLU D 124 20.87 -28.30 5.15
CA GLU D 124 22.19 -27.69 5.05
C GLU D 124 22.46 -26.75 6.22
N LYS D 125 21.45 -26.03 6.69
CA LYS D 125 21.67 -24.99 7.69
C LYS D 125 22.15 -25.57 9.02
N CYS D 126 21.70 -26.77 9.37
CA CYS D 126 22.05 -27.40 10.63
C CYS D 126 22.43 -28.85 10.36
N ASP D 127 23.71 -29.16 10.54
CA ASP D 127 24.20 -30.50 10.24
C ASP D 127 23.82 -31.47 11.37
N ASN D 128 23.94 -32.75 11.07
CA ASN D 128 23.44 -33.79 11.97
C ASN D 128 24.29 -33.93 13.23
N ILE D 129 25.54 -33.47 13.19
CA ILE D 129 26.44 -33.72 14.31
C ILE D 129 25.97 -32.98 15.56
N LYS D 130 25.63 -31.69 15.42
CA LYS D 130 25.11 -30.93 16.56
C LYS D 130 23.82 -31.56 17.08
N LEU D 131 22.99 -32.06 16.16
CA LEU D 131 21.80 -32.80 16.57
C LEU D 131 22.16 -33.97 17.47
N LYS D 132 23.05 -34.84 16.99
CA LYS D 132 23.45 -36.01 17.77
C LYS D 132 23.96 -35.59 19.14
N ASN D 133 24.78 -34.54 19.18
CA ASN D 133 25.31 -34.07 20.46
C ASN D 133 24.19 -33.65 21.40
N LEU D 134 23.40 -32.66 21.00
CA LEU D 134 22.37 -32.11 21.89
C LEU D 134 21.39 -33.19 22.31
N LEU D 135 21.07 -34.13 21.42
CA LEU D 135 20.17 -35.20 21.81
C LEU D 135 20.82 -36.13 22.83
N ASN D 136 22.09 -36.46 22.65
CA ASN D 136 22.81 -37.20 23.68
C ASN D 136 22.65 -36.51 25.03
N GLU D 137 22.98 -35.22 25.08
CA GLU D 137 22.94 -34.51 26.35
C GLU D 137 21.54 -34.48 26.93
N ALA D 138 20.53 -34.32 26.07
CA ALA D 138 19.15 -34.35 26.56
C ALA D 138 18.80 -35.70 27.14
N VAL D 139 19.31 -36.78 26.55
CA VAL D 139 19.08 -38.11 27.13
C VAL D 139 19.75 -38.21 28.49
N ASP D 140 21.01 -37.81 28.60
CA ASP D 140 21.68 -37.87 29.89
C ASP D 140 20.96 -37.02 30.92
N LYS D 141 20.30 -35.95 30.49
CA LYS D 141 19.50 -35.14 31.40
C LYS D 141 18.32 -35.90 31.96
N GLY D 142 17.90 -36.99 31.33
CA GLY D 142 16.82 -37.82 31.85
C GLY D 142 15.52 -37.66 31.10
N CYS D 143 15.56 -36.99 29.96
CA CYS D 143 14.37 -36.78 29.14
C CYS D 143 13.97 -38.10 28.46
N THR D 144 13.55 -39.05 29.29
CA THR D 144 13.28 -40.41 28.84
C THR D 144 11.91 -40.91 29.28
N ASP D 145 10.97 -40.01 29.54
CA ASP D 145 9.62 -40.40 29.94
C ASP D 145 8.89 -40.92 28.70
N PHE D 146 9.21 -42.16 28.33
CA PHE D 146 8.44 -42.81 27.27
C PHE D 146 7.17 -43.43 27.81
N ASP D 147 6.41 -42.64 28.58
CA ASP D 147 5.11 -43.07 29.11
C ASP D 147 4.05 -41.98 29.04
N THR D 148 4.42 -40.70 29.04
CA THR D 148 3.45 -39.62 29.07
C THR D 148 3.68 -38.52 28.04
N TYR D 149 4.92 -38.29 27.59
CA TYR D 149 5.22 -37.25 26.62
C TYR D 149 5.68 -37.90 25.33
N GLU D 150 4.88 -37.74 24.27
CA GLU D 150 5.25 -38.25 22.95
C GLU D 150 6.60 -37.72 22.48
N TRP D 151 7.01 -36.54 22.95
CA TRP D 151 8.27 -35.97 22.52
C TRP D 151 9.45 -36.86 22.88
N ASP D 152 9.41 -37.50 24.04
CA ASP D 152 10.46 -38.45 24.39
C ASP D 152 10.55 -39.57 23.38
N ILE D 153 9.40 -40.11 22.95
CA ILE D 153 9.39 -41.15 21.93
C ILE D 153 9.99 -40.62 20.64
N GLN D 154 9.61 -39.41 20.25
CA GLN D 154 10.17 -38.83 19.03
C GLN D 154 11.69 -38.75 19.11
N ILE D 155 12.21 -38.28 20.24
CA ILE D 155 13.65 -38.10 20.37
C ILE D 155 14.34 -39.46 20.31
N ALA D 156 13.84 -40.44 21.07
CA ALA D 156 14.45 -41.76 21.07
C ALA D 156 14.43 -42.37 19.68
N ILE D 157 13.33 -42.19 18.95
CA ILE D 157 13.26 -42.71 17.59
C ILE D 157 14.30 -42.05 16.72
N ARG D 158 14.48 -40.74 16.87
CA ARG D 158 15.51 -40.06 16.11
C ARG D 158 16.88 -40.62 16.43
N LEU D 159 17.13 -40.91 17.70
CA LEU D 159 18.40 -41.53 18.08
C LEU D 159 18.60 -42.87 17.39
N CYS D 160 17.63 -43.77 17.54
CA CYS D 160 17.74 -45.08 16.90
C CYS D 160 17.93 -44.94 15.39
N GLU D 161 17.39 -43.87 14.80
CA GLU D 161 17.61 -43.64 13.38
C GLU D 161 19.05 -43.22 13.11
N LEU D 162 19.62 -42.40 14.00
CA LEU D 162 21.00 -41.95 13.80
C LEU D 162 21.99 -43.12 13.87
N GLY D 163 21.84 -43.97 14.87
CA GLY D 163 22.75 -45.11 14.98
C GLY D 163 23.36 -45.28 16.35
N VAL D 164 23.20 -44.29 17.22
CA VAL D 164 23.68 -44.44 18.60
C VAL D 164 22.78 -45.42 19.34
N ASP D 165 23.40 -46.32 20.10
CA ASP D 165 22.66 -47.41 20.72
C ASP D 165 21.80 -46.89 21.87
N MET D 166 20.49 -47.10 21.75
CA MET D 166 19.56 -46.77 22.82
C MET D 166 18.76 -47.99 23.26
N GLU D 167 19.35 -49.19 23.17
CA GLU D 167 18.61 -50.42 23.38
C GLU D 167 17.97 -50.48 24.76
N GLY D 168 18.63 -49.89 25.77
CA GLY D 168 18.19 -50.07 27.14
C GLY D 168 16.74 -49.69 27.37
N HIS D 169 16.21 -48.81 26.53
CA HIS D 169 14.85 -48.32 26.74
C HIS D 169 13.83 -48.99 25.83
N PHE D 170 14.25 -49.96 25.02
CA PHE D 170 13.36 -50.57 24.03
C PHE D 170 12.14 -51.19 24.71
N ASP D 171 12.32 -51.74 25.90
CA ASP D 171 11.19 -52.27 26.64
C ASP D 171 10.19 -51.17 26.98
N ASN D 172 10.69 -50.05 27.51
CA ASN D 172 9.82 -48.90 27.77
C ASN D 172 9.07 -48.50 26.50
N LEU D 173 9.77 -48.53 25.37
CA LEU D 173 9.15 -48.12 24.12
C LEU D 173 8.04 -49.07 23.70
N ILE D 174 8.30 -50.38 23.72
CA ILE D 174 7.30 -51.34 23.26
C ILE D 174 6.12 -51.41 24.21
N LYS D 175 6.34 -51.25 25.52
CA LYS D 175 5.21 -51.19 26.44
C LYS D 175 4.53 -49.83 26.44
N SER D 176 5.15 -48.81 25.84
CA SER D 176 4.54 -47.49 25.79
C SER D 176 3.21 -47.55 25.07
N ASN D 177 2.25 -46.76 25.54
CA ASN D 177 0.86 -46.91 25.11
C ASN D 177 0.43 -45.84 24.12
N LYS D 178 1.23 -44.80 23.92
CA LYS D 178 0.87 -43.68 23.05
C LYS D 178 1.88 -43.53 21.92
N ALA D 179 2.25 -44.64 21.28
CA ALA D 179 3.22 -44.63 20.20
C ALA D 179 2.56 -45.10 18.92
N ASN D 180 2.88 -44.44 17.82
CA ASN D 180 2.36 -44.86 16.53
C ASN D 180 3.01 -46.15 16.06
N ASP D 181 2.29 -46.89 15.23
CA ASP D 181 2.81 -48.15 14.70
C ASP D 181 4.14 -47.94 13.99
N LEU D 182 4.28 -46.83 13.26
CA LEU D 182 5.50 -46.59 12.51
C LEU D 182 6.70 -46.48 13.45
N GLN D 183 6.51 -45.89 14.62
CA GLN D 183 7.62 -45.78 15.57
C GLN D 183 8.02 -47.14 16.10
N LYS D 184 7.04 -48.00 16.40
CA LYS D 184 7.36 -49.35 16.83
C LYS D 184 8.10 -50.11 15.74
N ALA D 185 7.71 -49.91 14.49
CA ALA D 185 8.41 -50.56 13.39
C ALA D 185 9.84 -50.04 13.28
N LYS D 186 10.02 -48.73 13.40
CA LYS D 186 11.36 -48.16 13.40
C LYS D 186 12.21 -48.76 14.51
N ALA D 187 11.62 -48.94 15.69
CA ALA D 187 12.33 -49.54 16.80
C ALA D 187 12.73 -50.97 16.47
N TYR D 188 11.77 -51.76 16.00
CA TYR D 188 12.05 -53.17 15.70
C TYR D 188 13.16 -53.30 14.66
N TYR D 189 13.14 -52.45 13.63
CA TYR D 189 14.15 -52.57 12.58
C TYR D 189 15.48 -52.00 13.02
N PHE D 190 15.52 -50.70 13.31
CA PHE D 190 16.78 -50.03 13.62
C PHE D 190 17.48 -50.63 14.82
N ILE D 191 16.74 -51.19 15.77
CA ILE D 191 17.35 -51.73 16.97
C ILE D 191 17.35 -53.26 16.94
N LYS D 192 16.17 -53.85 16.84
CA LYS D 192 16.05 -55.31 16.96
C LYS D 192 16.23 -56.03 15.63
N LYS D 193 16.02 -55.36 14.50
CA LYS D 193 16.21 -55.94 13.18
C LYS D 193 15.29 -57.13 12.93
N ASP D 194 14.16 -57.17 13.63
CA ASP D 194 13.15 -58.20 13.38
C ASP D 194 12.35 -57.78 12.16
N ASP D 195 12.64 -58.40 11.02
CA ASP D 195 11.92 -58.10 9.80
C ASP D 195 10.44 -58.40 9.93
N HIS D 196 10.10 -59.51 10.59
CA HIS D 196 8.73 -59.99 10.59
C HIS D 196 7.79 -59.03 11.32
N LYS D 197 8.12 -58.72 12.57
CA LYS D 197 7.24 -57.86 13.36
C LYS D 197 7.21 -56.45 12.78
N ALA D 198 8.34 -55.98 12.26
CA ALA D 198 8.37 -54.68 11.61
C ALA D 198 7.44 -54.65 10.41
N LYS D 199 7.49 -55.69 9.58
CA LYS D 199 6.60 -55.75 8.42
C LYS D 199 5.14 -55.80 8.83
N GLU D 200 4.84 -56.56 9.88
CA GLU D 200 3.46 -56.66 10.36
C GLU D 200 2.96 -55.30 10.83
N HIS D 201 3.76 -54.61 11.66
CA HIS D 201 3.36 -53.29 12.12
C HIS D 201 3.26 -52.30 10.97
N MET D 202 4.11 -52.44 9.96
CA MET D 202 4.00 -51.58 8.79
C MET D 202 2.67 -51.82 8.08
N ASP D 203 2.26 -53.08 7.95
CA ASP D 203 0.95 -53.37 7.37
C ASP D 203 -0.15 -52.73 8.19
N LYS D 204 -0.06 -52.82 9.52
CA LYS D 204 -0.99 -52.11 10.38
C LYS D 204 -1.03 -50.63 10.04
N CYS D 205 0.14 -50.03 9.84
CA CYS D 205 0.21 -48.60 9.57
C CYS D 205 -0.40 -48.26 8.22
N THR D 206 -0.25 -49.15 7.25
CA THR D 206 -0.90 -48.93 5.96
C THR D 206 -2.41 -48.97 6.09
N ALA D 207 -2.93 -50.01 6.76
CA ALA D 207 -4.37 -50.07 7.01
C ALA D 207 -4.85 -48.82 7.72
N SER D 208 -4.05 -48.30 8.64
CA SER D 208 -4.40 -47.04 9.30
C SER D 208 -4.43 -45.89 8.31
N LEU D 209 -3.35 -45.71 7.54
CA LEU D 209 -3.25 -44.62 6.58
C LEU D 209 -4.38 -44.65 5.58
N LYS D 210 -5.01 -45.82 5.40
CA LYS D 210 -6.16 -45.92 4.50
C LYS D 210 -7.29 -44.99 4.92
N TYR D 211 -7.17 -44.35 6.08
CA TYR D 211 -8.22 -43.48 6.59
C TYR D 211 -7.79 -42.04 6.78
N THR D 212 -6.71 -41.61 6.13
CA THR D 212 -6.38 -40.21 6.38
C THR D 212 -5.96 -39.51 5.09
N PRO D 213 -6.30 -38.23 4.94
CA PRO D 213 -5.98 -37.54 3.68
C PRO D 213 -4.49 -37.36 3.49
N CYS D 214 -4.13 -36.91 2.28
CA CYS D 214 -2.73 -36.88 1.87
C CYS D 214 -1.91 -35.83 2.59
N SER D 215 -2.53 -34.76 3.08
CA SER D 215 -1.74 -33.70 3.68
C SER D 215 -1.31 -34.01 5.11
N HIS D 216 -1.75 -35.13 5.67
CA HIS D 216 -1.30 -35.53 7.00
C HIS D 216 0.18 -35.89 6.96
N ARG D 217 0.89 -35.53 8.04
CA ARG D 217 2.34 -35.72 8.04
C ARG D 217 2.73 -37.19 8.02
N LEU D 218 1.85 -38.07 8.50
CA LEU D 218 2.14 -39.50 8.52
C LEU D 218 2.60 -39.99 7.16
N TRP D 219 2.01 -39.46 6.08
CA TRP D 219 2.49 -39.79 4.74
C TRP D 219 3.95 -39.40 4.60
N ASP D 220 4.33 -38.23 5.09
CA ASP D 220 5.71 -37.78 4.98
C ASP D 220 6.65 -38.71 5.72
N GLU D 221 6.33 -39.04 6.97
CA GLU D 221 7.20 -39.96 7.70
C GLU D 221 7.27 -41.31 6.99
N THR D 222 6.15 -41.79 6.46
CA THR D 222 6.14 -43.09 5.81
C THR D 222 7.04 -43.10 4.59
N VAL D 223 6.93 -42.07 3.76
CA VAL D 223 7.74 -42.04 2.54
C VAL D 223 9.21 -41.83 2.88
N GLY D 224 9.50 -41.04 3.92
CA GLY D 224 10.88 -40.91 4.33
C GLY D 224 11.47 -42.21 4.83
N PHE D 225 10.70 -42.94 5.64
CA PHE D 225 11.16 -44.22 6.15
C PHE D 225 11.41 -45.21 5.02
N ILE D 226 10.50 -45.26 4.04
CA ILE D 226 10.68 -46.20 2.96
C ILE D 226 11.86 -45.78 2.08
N GLU D 227 12.10 -44.47 1.97
CA GLU D 227 13.26 -44.00 1.23
C GLU D 227 14.54 -44.46 1.91
N ARG D 228 14.65 -44.24 3.21
CA ARG D 228 15.79 -44.74 3.96
C ARG D 228 15.95 -46.24 3.77
N LEU D 229 14.84 -46.98 3.81
CA LEU D 229 14.91 -48.42 3.61
C LEU D 229 15.51 -48.75 2.25
N LYS D 230 15.11 -48.02 1.22
CA LYS D 230 15.72 -48.22 -0.09
C LYS D 230 17.19 -47.83 -0.06
N GLY D 231 17.57 -46.93 0.83
CA GLY D 231 18.95 -46.47 0.87
C GLY D 231 19.95 -47.59 1.06
N ASP D 232 19.71 -48.46 2.05
CA ASP D 232 20.66 -49.53 2.32
C ASP D 232 20.31 -50.83 1.59
N SER D 233 19.50 -50.76 0.54
CA SER D 233 19.08 -51.94 -0.21
C SER D 233 18.39 -52.97 0.68
N SER D 234 17.49 -52.53 1.54
CA SER D 234 16.75 -53.45 2.39
C SER D 234 15.84 -54.35 1.56
N THR D 235 15.14 -55.25 2.24
CA THR D 235 14.35 -56.24 1.52
C THR D 235 12.85 -55.94 1.55
N LEU D 236 12.40 -55.10 2.48
CA LEU D 236 10.95 -54.89 2.61
C LEU D 236 10.45 -53.80 1.68
N TRP D 237 11.36 -52.98 1.17
CA TRP D 237 10.99 -51.71 0.55
C TRP D 237 9.99 -51.90 -0.59
N ARG D 238 10.15 -52.97 -1.37
CA ARG D 238 9.30 -53.14 -2.54
C ARG D 238 7.85 -53.37 -2.15
N ASP D 239 7.59 -54.38 -1.32
CA ASP D 239 6.24 -54.65 -0.89
C ASP D 239 5.66 -53.47 -0.12
N PHE D 240 6.50 -52.83 0.70
CA PHE D 240 6.05 -51.65 1.41
C PHE D 240 5.54 -50.59 0.45
N ALA D 241 6.29 -50.34 -0.62
CA ALA D 241 5.89 -49.33 -1.59
C ALA D 241 4.60 -49.72 -2.28
N ILE D 242 4.46 -51.00 -2.62
CA ILE D 242 3.23 -51.44 -3.28
C ILE D 242 2.03 -51.15 -2.38
N LYS D 243 2.10 -51.58 -1.13
CA LYS D 243 0.98 -51.38 -0.22
C LYS D 243 0.70 -49.90 -0.01
N THR D 244 1.74 -49.09 0.14
CA THR D 244 1.54 -47.66 0.36
C THR D 244 0.86 -47.01 -0.84
N TYR D 245 1.30 -47.36 -2.05
CA TYR D 245 0.67 -46.80 -3.24
C TYR D 245 -0.79 -47.20 -3.31
N ARG D 246 -1.08 -48.47 -3.02
CA ARG D 246 -2.47 -48.92 -2.98
C ARG D 246 -3.29 -48.05 -2.05
N SER D 247 -2.81 -47.89 -0.82
CA SER D 247 -3.56 -47.13 0.17
C SER D 247 -3.76 -45.69 -0.27
N CYS D 248 -2.69 -45.06 -0.76
CA CYS D 248 -2.78 -43.66 -1.14
C CYS D 248 -3.79 -43.46 -2.26
N ARG D 249 -3.77 -44.35 -3.26
CA ARG D 249 -4.73 -44.22 -4.35
C ARG D 249 -6.15 -44.43 -3.86
N VAL D 250 -6.40 -45.52 -3.14
CA VAL D 250 -7.77 -45.83 -2.72
C VAL D 250 -8.31 -44.72 -1.83
N GLN D 251 -7.44 -44.06 -1.06
CA GLN D 251 -7.90 -42.91 -0.29
C GLN D 251 -8.20 -41.73 -1.19
N GLU D 252 -7.24 -41.32 -2.01
CA GLU D 252 -7.37 -40.14 -2.85
C GLU D 252 -8.36 -40.34 -4.00
N LYS D 253 -9.07 -41.47 -4.02
CA LYS D 253 -10.13 -41.66 -5.01
C LYS D 253 -11.16 -40.54 -5.01
N GLU D 254 -11.19 -39.72 -3.97
CA GLU D 254 -12.21 -38.69 -3.79
C GLU D 254 -11.92 -37.46 -4.64
N THR D 255 -12.58 -36.35 -4.32
CA THR D 255 -12.48 -35.00 -4.86
C THR D 255 -13.34 -34.78 -6.12
N GLY D 256 -14.10 -35.77 -6.57
CA GLY D 256 -15.10 -35.50 -7.59
C GLY D 256 -14.52 -35.29 -8.98
N THR D 257 -15.30 -34.59 -9.82
CA THR D 257 -14.95 -34.47 -11.23
C THR D 257 -13.85 -33.45 -11.47
N LEU D 258 -13.74 -32.44 -10.61
CA LEU D 258 -12.67 -31.45 -10.73
C LEU D 258 -11.36 -32.11 -10.35
N ARG D 259 -10.58 -32.50 -11.37
CA ARG D 259 -9.40 -33.33 -11.17
C ARG D 259 -8.31 -32.49 -10.50
N LEU D 260 -8.42 -32.38 -9.18
CA LEU D 260 -7.48 -31.66 -8.35
C LEU D 260 -6.96 -32.57 -7.25
N ARG D 261 -5.74 -32.29 -6.79
CA ARG D 261 -5.15 -33.04 -5.69
C ARG D 261 -4.32 -32.07 -4.87
N TRP D 262 -3.97 -32.47 -3.66
CA TRP D 262 -3.07 -31.66 -2.85
C TRP D 262 -1.64 -31.82 -3.33
N TYR D 263 -0.94 -30.71 -3.51
CA TYR D 263 0.42 -30.74 -4.00
C TYR D 263 1.39 -30.86 -2.84
N TRP D 264 1.89 -32.07 -2.62
CA TRP D 264 3.12 -32.27 -1.88
C TRP D 264 4.05 -33.06 -2.77
N SER D 265 5.17 -32.43 -3.13
CA SER D 265 6.03 -32.94 -4.20
C SER D 265 6.34 -34.42 -4.01
N ARG D 266 6.48 -34.86 -2.76
CA ARG D 266 6.88 -36.23 -2.50
C ARG D 266 5.86 -37.27 -2.94
N HIS D 267 4.63 -36.88 -3.25
CA HIS D 267 3.69 -37.81 -3.85
C HIS D 267 4.26 -38.38 -5.14
N ARG D 268 4.87 -37.50 -5.94
CA ARG D 268 5.60 -37.93 -7.13
C ARG D 268 6.65 -38.97 -6.77
N VAL D 269 7.40 -38.73 -5.69
CA VAL D 269 8.45 -39.65 -5.30
C VAL D 269 7.86 -41.01 -4.97
N LEU D 270 6.76 -41.03 -4.22
CA LEU D 270 6.12 -42.29 -3.88
C LEU D 270 5.71 -43.05 -5.13
N TYR D 271 5.12 -42.33 -6.10
CA TYR D 271 4.69 -42.98 -7.32
C TYR D 271 5.88 -43.60 -8.04
N ASP D 272 6.95 -42.84 -8.20
CA ASP D 272 8.11 -43.35 -8.94
C ASP D 272 8.75 -44.52 -8.21
N MET D 273 8.75 -44.47 -6.88
CA MET D 273 9.27 -45.59 -6.12
C MET D 273 8.49 -46.86 -6.40
N ALA D 274 7.17 -46.81 -6.24
CA ALA D 274 6.37 -48.01 -6.46
C ALA D 274 6.51 -48.48 -7.90
N PHE D 275 6.61 -47.55 -8.84
CA PHE D 275 6.81 -47.89 -10.24
C PHE D 275 8.09 -48.70 -10.41
N LEU D 276 9.20 -48.17 -9.90
CA LEU D 276 10.47 -48.88 -10.03
C LEU D 276 10.38 -50.24 -9.37
N ALA D 277 9.66 -50.32 -8.25
CA ALA D 277 9.50 -51.60 -7.57
C ALA D 277 8.85 -52.62 -8.48
N VAL D 278 7.66 -52.30 -9.00
CA VAL D 278 6.96 -53.25 -9.84
C VAL D 278 7.77 -53.56 -11.09
N LYS D 279 8.49 -52.55 -11.60
CA LYS D 279 9.31 -52.77 -12.78
C LYS D 279 10.37 -53.82 -12.52
N GLU D 280 11.08 -53.71 -11.41
CA GLU D 280 12.08 -54.73 -11.10
C GLU D 280 11.43 -56.08 -10.82
N GLN D 281 10.22 -56.08 -10.24
CA GLN D 281 9.52 -57.33 -10.03
C GLN D 281 9.03 -57.94 -11.34
N ALA D 282 9.04 -57.18 -12.42
CA ALA D 282 8.55 -57.71 -13.69
C ALA D 282 9.51 -58.74 -14.28
N ASP D 283 10.67 -58.92 -13.67
CA ASP D 283 11.64 -59.89 -14.17
C ASP D 283 11.84 -61.01 -13.16
N VAL D 284 2.91 -67.43 -17.23
CA VAL D 284 3.67 -66.47 -18.01
C VAL D 284 2.90 -65.14 -18.07
N ASN D 285 1.59 -65.22 -17.84
CA ASN D 285 0.76 -64.02 -17.88
C ASN D 285 1.16 -63.01 -16.81
N VAL D 286 1.92 -63.44 -15.80
CA VAL D 286 2.31 -62.55 -14.72
C VAL D 286 3.06 -61.35 -15.28
N LYS D 287 3.87 -61.55 -16.32
CA LYS D 287 4.50 -60.42 -16.98
C LYS D 287 3.46 -59.43 -17.48
N GLN D 288 2.39 -59.95 -18.10
CA GLN D 288 1.35 -59.09 -18.62
C GLN D 288 0.69 -58.31 -17.50
N ALA D 289 0.33 -58.99 -16.41
CA ALA D 289 -0.30 -58.30 -15.29
C ALA D 289 0.61 -57.21 -14.74
N LYS D 290 1.90 -57.51 -14.60
CA LYS D 290 2.84 -56.50 -14.12
C LYS D 290 2.87 -55.29 -15.03
N ILE D 291 3.07 -55.50 -16.32
CA ILE D 291 3.21 -54.37 -17.23
C ILE D 291 1.91 -53.56 -17.27
N LYS D 292 0.77 -54.25 -17.18
CA LYS D 292 -0.49 -53.54 -17.15
C LYS D 292 -0.59 -52.67 -15.92
N LYS D 293 -0.16 -53.19 -14.77
CA LYS D 293 -0.12 -52.36 -13.57
C LYS D 293 0.76 -51.15 -13.78
N LEU D 294 1.90 -51.33 -14.46
CA LEU D 294 2.77 -50.21 -14.78
C LEU D 294 2.02 -49.13 -15.55
N ALA D 295 1.35 -49.54 -16.62
CA ALA D 295 0.61 -48.58 -17.43
C ALA D 295 -0.45 -47.88 -16.60
N GLU D 296 -1.19 -48.64 -15.80
CA GLU D 296 -2.26 -48.05 -15.01
C GLU D 296 -1.71 -47.02 -14.04
N ILE D 297 -0.55 -47.29 -13.45
CA ILE D 297 0.02 -46.35 -12.48
C ILE D 297 0.45 -45.08 -13.19
N SER D 298 1.15 -45.23 -14.33
CA SER D 298 1.53 -44.05 -15.09
C SER D 298 0.31 -43.19 -15.42
N ASP D 299 -0.75 -43.84 -15.88
CA ASP D 299 -2.00 -43.12 -16.14
C ASP D 299 -2.47 -42.37 -14.90
N SER D 300 -2.73 -43.10 -13.81
CA SER D 300 -3.27 -42.48 -12.61
C SER D 300 -2.44 -41.28 -12.18
N LEU D 301 -1.13 -41.34 -12.41
CA LEU D 301 -0.32 -40.16 -12.12
C LEU D 301 -0.66 -39.02 -13.07
N LYS D 302 -0.60 -39.26 -14.38
CA LYS D 302 -0.85 -38.18 -15.32
C LYS D 302 -2.28 -37.68 -15.30
N SER D 303 -3.19 -38.39 -14.62
CA SER D 303 -4.61 -38.06 -14.72
C SER D 303 -4.93 -36.69 -14.13
N ARG D 304 -4.66 -36.48 -12.85
CA ARG D 304 -5.04 -35.26 -12.17
C ARG D 304 -3.81 -34.40 -11.94
N PHE D 305 -4.05 -33.10 -11.75
CA PHE D 305 -2.95 -32.18 -11.50
C PHE D 305 -3.23 -31.35 -10.26
N SER D 306 -2.25 -30.56 -9.83
CA SER D 306 -2.38 -29.81 -8.59
C SER D 306 -1.63 -28.49 -8.74
N LEU D 307 -1.90 -27.58 -7.83
CA LEU D 307 -1.27 -26.28 -7.80
C LEU D 307 -0.83 -25.96 -6.37
N ARG D 308 -0.31 -24.75 -6.18
CA ARG D 308 0.18 -24.27 -4.89
C ARG D 308 -0.94 -23.52 -4.16
N LEU D 309 -0.81 -23.45 -2.83
CA LEU D 309 -1.86 -22.85 -2.01
C LEU D 309 -2.04 -21.37 -2.32
N SER D 310 -1.00 -20.74 -2.86
CA SER D 310 -1.06 -19.33 -3.26
C SER D 310 -2.24 -19.07 -4.18
N ASP D 311 -2.48 -19.98 -5.12
CA ASP D 311 -3.62 -19.82 -6.02
C ASP D 311 -4.87 -20.51 -5.48
N MET D 312 -4.70 -21.58 -4.70
CA MET D 312 -5.84 -22.23 -4.08
C MET D 312 -6.64 -21.26 -3.23
N GLU D 313 -5.96 -20.34 -2.54
CA GLU D 313 -6.67 -19.31 -1.79
C GLU D 313 -7.32 -18.31 -2.74
N LYS D 314 -6.51 -17.61 -3.54
CA LYS D 314 -7.01 -16.61 -4.47
C LYS D 314 -7.43 -17.22 -5.80
N MET D 315 -8.26 -18.27 -5.73
CA MET D 315 -8.81 -18.75 -6.99
C MET D 315 -9.87 -17.80 -7.50
N PRO D 316 -9.91 -17.56 -8.81
CA PRO D 316 -10.98 -16.73 -9.37
C PRO D 316 -12.34 -17.32 -9.07
N LYS D 317 -13.16 -16.55 -8.36
CA LYS D 317 -14.50 -17.00 -7.97
C LYS D 317 -15.32 -17.28 -9.22
N SER D 318 -15.82 -18.51 -9.33
CA SER D 318 -16.49 -19.00 -10.52
C SER D 318 -17.93 -19.35 -10.21
N ASP D 319 -18.60 -20.06 -11.12
CA ASP D 319 -19.88 -20.68 -10.80
C ASP D 319 -19.73 -21.52 -9.53
N ASP D 320 -20.67 -21.38 -8.60
CA ASP D 320 -20.54 -21.96 -7.27
C ASP D 320 -20.46 -23.48 -7.29
N GLU D 321 -20.76 -24.09 -8.44
CA GLU D 321 -20.67 -25.54 -8.58
C GLU D 321 -19.24 -26.05 -8.48
N SER D 322 -18.29 -25.27 -9.00
CA SER D 322 -16.88 -25.67 -8.93
C SER D 322 -16.25 -25.21 -7.61
N ASN D 323 -16.59 -23.99 -7.17
CA ASN D 323 -16.02 -23.42 -5.95
C ASN D 323 -16.36 -24.25 -4.73
N HIS D 324 -17.54 -24.88 -4.72
CA HIS D 324 -17.91 -25.74 -3.61
C HIS D 324 -16.96 -26.93 -3.52
N GLU D 325 -16.67 -27.56 -4.66
CA GLU D 325 -15.71 -28.65 -4.71
C GLU D 325 -14.34 -28.18 -4.23
N PHE D 326 -13.90 -27.04 -4.77
CA PHE D 326 -12.64 -26.43 -4.39
C PHE D 326 -12.55 -26.31 -2.87
N LYS D 327 -13.49 -25.57 -2.28
CA LYS D 327 -13.50 -25.29 -0.87
C LYS D 327 -13.55 -26.57 -0.04
N LYS D 328 -14.38 -27.54 -0.44
CA LYS D 328 -14.45 -28.82 0.26
C LYS D 328 -13.08 -29.48 0.31
N PHE D 329 -12.41 -29.55 -0.85
CA PHE D 329 -11.11 -30.21 -0.90
C PHE D 329 -10.08 -29.46 -0.08
N LEU D 330 -10.14 -28.12 -0.09
CA LEU D 330 -9.19 -27.33 0.69
C LEU D 330 -9.42 -27.53 2.19
N ASP D 331 -10.69 -27.61 2.61
CA ASP D 331 -10.96 -27.91 4.01
C ASP D 331 -10.37 -29.26 4.40
N LYS D 332 -10.59 -30.28 3.56
CA LYS D 332 -10.00 -31.58 3.83
C LYS D 332 -8.49 -31.47 3.97
N CYS D 333 -7.85 -30.76 3.04
CA CYS D 333 -6.40 -30.64 3.05
C CYS D 333 -5.90 -29.97 4.33
N VAL D 334 -6.52 -28.85 4.72
CA VAL D 334 -6.01 -28.10 5.86
C VAL D 334 -6.27 -28.86 7.15
N THR D 335 -7.44 -29.48 7.28
CA THR D 335 -7.71 -30.22 8.51
C THR D 335 -6.80 -31.43 8.63
N ALA D 336 -6.40 -32.03 7.50
CA ALA D 336 -5.46 -33.14 7.57
C ALA D 336 -4.06 -32.65 7.88
N TYR D 337 -3.68 -31.50 7.34
CA TYR D 337 -2.37 -30.92 7.66
C TYR D 337 -2.24 -30.65 9.15
N GLN D 338 -3.32 -30.15 9.76
CA GLN D 338 -3.30 -29.97 11.21
C GLN D 338 -3.33 -31.30 11.96
N ASP D 339 -4.19 -32.23 11.52
CA ASP D 339 -4.27 -33.55 12.13
C ASP D 339 -2.92 -34.25 12.12
N GLY D 340 -2.07 -33.93 11.14
CA GLY D 340 -0.72 -34.46 11.13
C GLY D 340 -0.01 -34.29 12.47
N TYR D 341 -0.12 -33.11 13.06
CA TYR D 341 0.69 -32.81 14.24
C TYR D 341 -0.14 -32.73 15.52
N VAL D 342 -1.46 -32.56 15.43
CA VAL D 342 -2.25 -32.51 16.66
C VAL D 342 -2.62 -33.91 17.12
N ILE D 343 -2.83 -34.83 16.17
CA ILE D 343 -3.43 -36.16 16.39
C ILE D 343 -4.46 -36.15 17.52
N LYS D 344 -15.52 -43.11 -13.78
CA LYS D 344 -15.63 -43.74 -15.09
C LYS D 344 -14.30 -43.71 -15.82
N LEU D 345 -13.59 -44.84 -15.79
CA LEU D 345 -12.30 -44.94 -16.45
C LEU D 345 -12.37 -46.07 -17.46
N LEU D 346 -11.90 -45.79 -18.67
CA LEU D 346 -11.83 -46.80 -19.72
C LEU D 346 -10.57 -47.63 -19.52
N GLU D 347 -10.74 -48.95 -19.45
CA GLU D 347 -9.63 -49.85 -19.17
C GLU D 347 -8.55 -49.72 -20.22
N LEU D 348 -7.36 -50.22 -19.89
CA LEU D 348 -6.20 -50.00 -20.75
C LEU D 348 -6.34 -50.73 -22.08
N THR D 349 -7.09 -51.84 -22.11
CA THR D 349 -7.15 -52.66 -23.31
C THR D 349 -8.43 -52.46 -24.11
N GLN D 350 -9.11 -51.33 -23.96
CA GLN D 350 -10.37 -51.08 -24.66
C GLN D 350 -10.13 -50.14 -25.82
N VAL D 351 -9.66 -50.69 -26.94
CA VAL D 351 -9.35 -49.89 -28.13
C VAL D 351 -9.94 -50.58 -29.35
N PRO D 352 -10.10 -49.85 -30.45
CA PRO D 352 -10.59 -50.48 -31.68
C PRO D 352 -9.51 -51.32 -32.34
N GLU D 353 -9.94 -52.14 -33.29
CA GLU D 353 -9.03 -53.02 -34.02
C GLU D 353 -8.03 -52.18 -34.80
N GLY D 354 -6.89 -52.80 -35.14
CA GLY D 354 -5.88 -52.15 -35.95
C GLY D 354 -5.13 -51.03 -35.28
N TRP D 355 -5.41 -50.74 -34.02
CA TRP D 355 -4.75 -49.68 -33.29
C TRP D 355 -3.59 -50.22 -32.48
N VAL D 356 -2.82 -49.31 -31.91
CA VAL D 356 -1.76 -49.66 -30.97
C VAL D 356 -1.57 -48.48 -30.03
N VAL D 357 -1.44 -48.76 -28.74
CA VAL D 357 -1.38 -47.72 -27.73
C VAL D 357 0.03 -47.65 -27.17
N VAL D 358 0.51 -46.44 -26.96
CA VAL D 358 1.88 -46.21 -26.50
C VAL D 358 1.81 -45.17 -25.39
N HIS D 359 2.08 -45.59 -24.16
CA HIS D 359 2.17 -44.67 -23.04
C HIS D 359 3.62 -44.29 -22.81
N PHE D 360 3.86 -43.01 -22.55
CA PHE D 360 5.20 -42.53 -22.23
C PHE D 360 5.30 -42.29 -20.74
N TYR D 361 6.52 -42.22 -20.23
CA TYR D 361 6.72 -41.84 -18.83
C TYR D 361 8.17 -41.44 -18.62
N LEU D 362 8.40 -40.49 -17.73
CA LEU D 362 9.73 -40.13 -17.29
C LEU D 362 9.83 -40.47 -15.82
N ASN D 363 11.00 -40.92 -15.38
CA ASN D 363 11.24 -41.18 -13.98
C ASN D 363 12.38 -40.28 -13.53
N LYS D 364 12.03 -39.24 -12.76
CA LYS D 364 13.02 -38.29 -12.27
C LYS D 364 13.95 -38.94 -11.27
N LEU D 365 13.39 -39.72 -10.34
CA LEU D 365 14.19 -40.26 -9.24
C LEU D 365 15.36 -41.07 -9.77
N GLU D 366 15.08 -42.21 -10.41
CA GLU D 366 16.16 -42.91 -11.07
C GLU D 366 16.59 -42.19 -12.33
N GLY D 367 15.67 -41.49 -12.99
CA GLY D 367 16.03 -40.62 -14.08
C GLY D 367 16.14 -41.26 -15.43
N MET D 368 15.16 -42.03 -15.87
CA MET D 368 15.17 -42.64 -17.20
C MET D 368 13.79 -42.58 -17.81
N GLY D 369 13.72 -42.72 -19.13
CA GLY D 369 12.45 -42.67 -19.80
C GLY D 369 11.95 -44.05 -20.19
N ASN D 370 10.65 -44.25 -20.02
CA ASN D 370 10.04 -45.53 -20.29
C ASN D 370 8.95 -45.37 -21.34
N ALA D 371 8.89 -46.32 -22.26
CA ALA D 371 7.84 -46.41 -23.25
C ALA D 371 7.15 -47.75 -23.13
N ILE D 372 5.84 -47.73 -22.94
CA ILE D 372 5.03 -48.94 -22.87
C ILE D 372 4.22 -49.02 -24.15
N VAL D 373 4.25 -50.17 -24.81
CA VAL D 373 3.47 -50.42 -26.01
C VAL D 373 2.52 -51.58 -25.76
N PHE D 374 1.25 -51.36 -26.05
CA PHE D 374 0.23 -52.39 -25.94
C PHE D 374 -0.45 -52.56 -27.29
N ASP D 375 -0.58 -53.81 -27.74
CA ASP D 375 -1.17 -54.13 -29.03
C ASP D 375 -2.42 -54.95 -28.80
N LYS D 376 -3.50 -54.55 -29.46
CA LYS D 376 -4.76 -55.28 -29.36
C LYS D 376 -4.82 -56.43 -30.35
N CYS D 377 -4.44 -56.18 -31.60
CA CYS D 377 -4.48 -57.21 -32.63
C CYS D 377 -3.73 -58.46 -32.19
N ALA D 378 -2.52 -58.28 -31.65
CA ALA D 378 -1.80 -59.41 -31.08
C ALA D 378 -2.05 -59.57 -29.59
N ASN D 379 -2.69 -58.58 -28.94
CA ASN D 379 -3.02 -58.66 -27.52
C ASN D 379 -1.78 -58.95 -26.68
N SER D 380 -0.83 -58.01 -26.69
CA SER D 380 0.42 -58.18 -25.97
C SER D 380 0.91 -56.85 -25.42
N TRP D 381 1.95 -56.94 -24.59
CA TRP D 381 2.56 -55.78 -23.96
C TRP D 381 4.08 -55.88 -24.00
N GLN D 382 4.72 -54.75 -24.28
CA GLN D 382 6.17 -54.67 -24.21
C GLN D 382 6.54 -53.32 -23.63
N TYR D 383 7.78 -53.20 -23.17
CA TYR D 383 8.28 -51.94 -22.67
C TYR D 383 9.73 -51.78 -23.10
N LYS D 384 10.18 -50.54 -23.11
CA LYS D 384 11.58 -50.26 -23.38
C LYS D 384 11.97 -48.98 -22.64
N GLU D 385 13.28 -48.73 -22.58
CA GLU D 385 13.81 -47.63 -21.80
C GLU D 385 14.79 -46.81 -22.64
N PHE D 386 15.09 -45.61 -22.16
CA PHE D 386 15.93 -44.71 -22.92
C PHE D 386 16.40 -43.58 -22.04
N GLN D 387 17.33 -42.79 -22.59
CA GLN D 387 17.88 -41.61 -21.94
C GLN D 387 17.11 -40.38 -22.40
N TYR D 388 17.07 -39.35 -21.57
CA TYR D 388 16.35 -38.13 -21.91
C TYR D 388 17.09 -36.87 -21.45
N LYS D 389 18.40 -36.79 -21.67
CA LYS D 389 19.08 -35.55 -21.34
C LYS D 389 19.37 -34.72 -22.59
N GLU D 390 20.13 -35.28 -23.54
CA GLU D 390 20.46 -34.54 -24.74
C GLU D 390 19.19 -34.16 -25.49
N LEU D 391 18.17 -34.99 -25.42
CA LEU D 391 16.87 -34.59 -25.94
C LEU D 391 16.43 -33.28 -25.32
N PHE D 392 16.45 -33.19 -23.99
CA PHE D 392 16.04 -31.98 -23.30
C PHE D 392 16.84 -30.79 -23.79
N GLU D 393 18.16 -30.95 -23.90
CA GLU D 393 18.99 -29.80 -24.27
C GLU D 393 18.66 -29.33 -25.68
N VAL D 394 18.58 -30.24 -26.64
CA VAL D 394 18.26 -29.84 -28.00
C VAL D 394 16.89 -29.20 -28.05
N PHE D 395 15.97 -29.69 -27.22
CA PHE D 395 14.63 -29.13 -27.19
C PHE D 395 14.66 -27.68 -26.75
N LEU D 396 15.44 -27.37 -25.72
CA LEU D 396 15.55 -25.98 -25.29
C LEU D 396 16.25 -25.14 -26.35
N THR D 397 17.20 -25.73 -27.06
CA THR D 397 17.78 -25.01 -28.20
C THR D 397 16.70 -24.54 -29.15
N TRP D 398 15.84 -25.47 -29.56
CA TRP D 398 14.75 -25.11 -30.45
C TRP D 398 13.88 -24.02 -29.84
N GLN D 399 13.53 -24.17 -28.56
CA GLN D 399 12.68 -23.20 -27.90
C GLN D 399 13.23 -21.79 -28.01
N ALA D 400 14.49 -21.62 -27.62
CA ALA D 400 15.07 -20.27 -27.63
C ALA D 400 15.17 -19.75 -29.05
N ASN D 401 15.75 -20.54 -29.96
CA ASN D 401 15.88 -20.08 -31.32
C ASN D 401 14.54 -19.66 -31.90
N TYR D 402 13.45 -20.26 -31.43
CA TYR D 402 12.14 -19.87 -31.97
C TYR D 402 11.66 -18.58 -31.33
N ASN D 403 11.66 -18.50 -30.01
CA ASN D 403 11.09 -17.32 -29.38
C ASN D 403 11.85 -16.05 -29.75
N LEU D 404 13.12 -16.17 -30.13
CA LEU D 404 13.76 -14.98 -30.68
C LEU D 404 13.29 -14.71 -32.10
N TYR D 405 13.49 -15.66 -33.00
CA TYR D 405 13.26 -15.42 -34.43
C TYR D 405 12.06 -16.25 -34.82
N LYS D 406 11.08 -15.62 -35.47
CA LYS D 406 9.79 -16.29 -35.66
C LYS D 406 9.93 -17.56 -36.46
N GLU D 407 10.47 -17.48 -37.67
CA GLU D 407 10.47 -18.63 -38.55
C GLU D 407 11.86 -18.99 -39.07
N ASN D 408 12.82 -18.09 -39.01
CA ASN D 408 14.11 -18.39 -39.62
C ASN D 408 14.94 -19.32 -38.77
N ALA D 409 14.29 -20.04 -37.85
CA ALA D 409 14.92 -21.07 -37.05
C ALA D 409 14.43 -22.46 -37.44
N ALA D 410 14.26 -22.73 -38.73
CA ALA D 410 13.85 -24.06 -39.15
C ALA D 410 14.96 -25.07 -38.96
N GLU D 411 16.20 -24.65 -39.19
CA GLU D 411 17.33 -25.58 -39.12
C GLU D 411 17.34 -26.34 -37.79
N HIS D 412 17.22 -25.62 -36.69
CA HIS D 412 17.24 -26.29 -35.39
C HIS D 412 16.05 -27.21 -35.24
N LEU D 413 14.94 -26.93 -35.91
CA LEU D 413 13.84 -27.88 -35.89
C LEU D 413 14.21 -29.16 -36.61
N VAL D 414 14.84 -29.05 -37.77
CA VAL D 414 15.32 -30.26 -38.45
C VAL D 414 16.23 -31.06 -37.52
N THR D 415 17.15 -30.36 -36.84
CA THR D 415 18.07 -31.06 -35.96
C THR D 415 17.35 -31.75 -34.83
N LEU D 416 16.35 -31.09 -34.24
CA LEU D 416 15.57 -31.71 -33.18
C LEU D 416 14.83 -32.93 -33.67
N CYS D 417 14.26 -32.87 -34.86
CA CYS D 417 13.59 -34.04 -35.40
C CYS D 417 14.55 -35.20 -35.56
N LYS D 418 15.72 -34.95 -36.17
CA LYS D 418 16.69 -36.02 -36.31
C LYS D 418 17.07 -36.60 -34.97
N LYS D 419 17.24 -35.76 -33.96
CA LYS D 419 17.63 -36.28 -32.65
C LYS D 419 16.53 -37.12 -32.04
N ILE D 420 15.28 -36.64 -32.08
CA ILE D 420 14.17 -37.44 -31.57
C ILE D 420 14.18 -38.80 -32.23
N GLY D 421 14.42 -38.82 -33.54
CA GLY D 421 14.49 -40.09 -34.22
C GLY D 421 15.60 -40.96 -33.68
N GLU D 422 16.79 -40.40 -33.54
CA GLU D 422 17.95 -41.21 -33.18
C GLU D 422 17.82 -41.79 -31.78
N THR D 423 17.31 -41.01 -30.82
CA THR D 423 17.36 -41.46 -29.44
C THR D 423 16.30 -42.51 -29.13
N MET D 424 15.30 -42.67 -29.99
CA MET D 424 14.25 -43.65 -29.78
C MET D 424 14.11 -44.55 -31.00
N PRO D 425 15.17 -45.28 -31.37
CA PRO D 425 15.10 -46.07 -32.61
C PRO D 425 13.95 -47.06 -32.62
N PHE D 426 13.48 -47.46 -31.44
CA PHE D 426 12.40 -48.44 -31.37
C PHE D 426 11.09 -47.91 -31.91
N LEU D 427 11.06 -46.69 -32.45
CA LEU D 427 9.90 -46.25 -33.20
C LEU D 427 9.97 -46.67 -34.66
N PHE D 428 10.86 -47.60 -35.00
CA PHE D 428 10.95 -48.09 -36.37
C PHE D 428 11.13 -49.60 -36.45
N CYS D 429 11.53 -50.25 -35.38
CA CYS D 429 11.75 -51.70 -35.39
C CYS D 429 10.39 -52.38 -35.37
N ASP D 430 10.12 -53.16 -36.41
CA ASP D 430 8.75 -53.63 -36.66
C ASP D 430 8.18 -54.39 -35.48
N ASN D 431 9.01 -55.15 -34.77
CA ASN D 431 8.50 -55.93 -33.65
C ASN D 431 7.92 -55.02 -32.56
N PHE D 432 8.22 -53.72 -32.62
CA PHE D 432 7.64 -52.79 -31.68
C PHE D 432 6.25 -52.33 -32.16
N ILE D 433 6.16 -51.87 -33.39
CA ILE D 433 4.91 -51.38 -33.97
C ILE D 433 4.64 -52.15 -35.25
N PRO D 434 3.47 -52.75 -35.42
CA PRO D 434 3.16 -53.42 -36.68
C PRO D 434 2.92 -52.41 -37.78
N ASN D 435 3.33 -52.74 -38.99
CA ASN D 435 3.25 -51.81 -40.11
C ASN D 435 1.80 -51.45 -40.42
N GLY D 436 1.60 -50.23 -40.91
CA GLY D 436 0.30 -49.79 -41.38
C GLY D 436 -0.74 -49.55 -40.32
N LYS D 437 -0.52 -49.96 -39.09
CA LYS D 437 -1.54 -49.89 -38.07
C LYS D 437 -1.63 -48.49 -37.48
N ASP D 438 -2.76 -48.22 -36.83
CA ASP D 438 -3.04 -46.89 -36.32
C ASP D 438 -2.43 -46.69 -34.94
N VAL D 439 -2.03 -45.44 -34.66
CA VAL D 439 -1.17 -45.15 -33.53
C VAL D 439 -1.71 -43.99 -32.71
N LEU D 440 -1.73 -44.19 -31.40
CA LEU D 440 -2.16 -43.21 -30.42
C LEU D 440 -1.02 -42.95 -29.45
N PHE D 441 -0.87 -41.71 -29.01
CA PHE D 441 0.21 -41.33 -28.11
C PHE D 441 -0.38 -40.80 -26.81
N VAL D 442 0.43 -40.78 -25.76
CA VAL D 442 0.10 -40.08 -24.52
C VAL D 442 1.39 -39.45 -23.98
N PRO D 443 1.79 -38.30 -24.46
CA PRO D 443 3.06 -37.71 -24.02
C PRO D 443 3.06 -37.32 -22.56
N HIS D 444 4.17 -36.77 -22.08
CA HIS D 444 4.31 -36.42 -20.67
C HIS D 444 4.97 -35.05 -20.52
N ASP D 445 5.37 -34.76 -19.28
CA ASP D 445 5.56 -33.40 -18.77
C ASP D 445 6.16 -32.43 -19.79
N PHE D 446 7.21 -32.84 -20.48
CA PHE D 446 7.74 -32.01 -21.54
C PHE D 446 7.79 -32.71 -22.87
N LEU D 447 7.42 -33.99 -22.93
CA LEU D 447 7.22 -34.63 -24.22
C LEU D 447 6.08 -33.99 -24.99
N HIS D 448 5.15 -33.34 -24.28
CA HIS D 448 3.97 -32.78 -24.93
C HIS D 448 4.35 -31.80 -26.02
N ARG D 449 5.16 -30.80 -25.69
CA ARG D 449 5.52 -29.81 -26.68
C ARG D 449 6.28 -30.40 -27.86
N LEU D 450 6.67 -31.67 -27.79
CA LEU D 450 7.49 -32.23 -28.84
C LEU D 450 6.62 -32.73 -30.00
N PRO D 451 7.05 -32.50 -31.23
CA PRO D 451 6.32 -32.98 -32.40
C PRO D 451 6.73 -34.41 -32.76
N LEU D 452 6.17 -35.38 -32.03
CA LEU D 452 6.54 -36.78 -32.22
C LEU D 452 6.43 -37.21 -33.66
N HIS D 453 5.32 -36.88 -34.33
CA HIS D 453 5.14 -37.30 -35.70
C HIS D 453 6.17 -36.71 -36.64
N GLY D 454 7.12 -35.95 -36.13
CA GLY D 454 8.17 -35.44 -36.98
C GLY D 454 9.46 -36.21 -36.83
N SER D 455 9.39 -37.43 -36.31
CA SER D 455 10.60 -38.20 -36.15
C SER D 455 11.20 -38.55 -37.51
N ILE D 456 12.49 -38.87 -37.51
CA ILE D 456 13.20 -39.29 -38.72
C ILE D 456 14.21 -40.35 -38.32
N GLU D 457 14.16 -41.50 -38.99
CA GLU D 457 15.07 -42.59 -38.67
C GLU D 457 16.52 -42.15 -38.83
N ASN D 458 17.39 -42.66 -37.98
CA ASN D 458 18.80 -42.36 -38.07
C ASN D 458 19.46 -43.21 -39.16
N LYS D 459 18.98 -43.07 -40.39
CA LYS D 459 19.56 -43.72 -41.54
C LYS D 459 20.00 -42.62 -42.51
N THR D 460 20.66 -43.02 -43.60
CA THR D 460 21.01 -42.07 -44.65
C THR D 460 19.80 -41.27 -45.10
N ASN D 461 18.71 -41.96 -45.44
CA ASN D 461 17.46 -41.30 -45.83
C ASN D 461 16.33 -41.95 -45.04
N GLY D 462 16.14 -41.47 -43.81
CA GLY D 462 15.09 -42.00 -42.97
C GLY D 462 13.75 -41.36 -43.31
N LYS D 463 12.85 -42.15 -43.86
CA LYS D 463 11.55 -41.61 -44.24
C LYS D 463 10.75 -41.23 -43.00
N LEU D 464 9.95 -40.19 -43.13
CA LEU D 464 9.19 -39.67 -42.01
C LEU D 464 8.26 -40.73 -41.43
N PHE D 465 8.23 -40.78 -40.10
CA PHE D 465 7.31 -41.69 -39.44
C PHE D 465 5.87 -41.26 -39.67
N LEU D 466 5.65 -40.01 -40.06
CA LEU D 466 4.30 -39.49 -40.17
C LEU D 466 3.55 -40.12 -41.32
N GLU D 467 4.26 -40.60 -42.34
CA GLU D 467 3.57 -41.13 -43.51
C GLU D 467 3.24 -42.61 -43.38
N ASN D 468 4.07 -43.37 -42.66
CA ASN D 468 3.82 -44.81 -42.58
C ASN D 468 2.67 -45.14 -41.65
N HIS D 469 2.22 -44.17 -40.86
CA HIS D 469 1.16 -44.41 -39.90
C HIS D 469 0.34 -43.14 -39.70
N SER D 470 -0.83 -43.31 -39.07
CA SER D 470 -1.70 -42.20 -38.73
C SER D 470 -1.59 -41.93 -37.24
N CYS D 471 -1.17 -40.71 -36.89
CA CYS D 471 -0.87 -40.37 -35.51
C CYS D 471 -2.02 -39.59 -34.89
N CYS D 472 -2.38 -39.94 -33.65
CA CYS D 472 -3.29 -39.12 -32.86
C CYS D 472 -2.86 -39.07 -31.41
N TYR D 473 -2.99 -37.89 -30.80
CA TYR D 473 -2.53 -37.67 -29.42
C TYR D 473 -3.72 -37.67 -28.48
N LEU D 474 -3.42 -37.77 -27.20
CA LEU D 474 -4.45 -37.66 -26.16
C LEU D 474 -3.78 -37.29 -24.84
N PRO D 475 -4.03 -36.10 -24.30
CA PRO D 475 -3.22 -35.63 -23.17
C PRO D 475 -3.39 -36.42 -21.90
N ALA D 476 -4.45 -37.21 -21.77
CA ALA D 476 -4.64 -38.01 -20.57
C ALA D 476 -5.64 -39.12 -20.87
N TRP D 477 -5.26 -40.36 -20.55
CA TRP D 477 -6.08 -41.50 -20.95
C TRP D 477 -7.50 -41.40 -20.41
N SER D 478 -7.67 -40.70 -19.29
CA SER D 478 -9.01 -40.52 -18.75
C SER D 478 -9.91 -39.68 -19.65
N PHE D 479 -9.38 -39.13 -20.75
CA PHE D 479 -10.19 -38.27 -21.59
C PHE D 479 -10.81 -39.04 -22.75
N ALA D 480 -10.36 -40.27 -22.98
CA ALA D 480 -10.92 -41.07 -24.05
C ALA D 480 -12.41 -41.31 -23.82
N SER D 481 -13.15 -41.47 -24.92
CA SER D 481 -14.59 -41.60 -24.83
C SER D 481 -15.14 -42.16 -26.14
N GLU D 482 -16.16 -43.01 -26.01
CA GLU D 482 -16.86 -43.59 -27.15
C GLU D 482 -18.27 -43.04 -27.33
N LYS D 483 -18.56 -41.89 -26.72
CA LYS D 483 -19.91 -41.34 -26.68
C LYS D 483 -20.22 -40.45 -27.86
N GLU D 484 -19.60 -40.69 -29.02
CA GLU D 484 -19.69 -39.77 -30.15
C GLU D 484 -21.14 -39.48 -30.55
N ALA D 485 -21.89 -40.48 -30.97
CA ALA D 485 -23.32 -40.36 -31.27
C ALA D 485 -23.62 -39.09 -32.07
N SER D 486 -23.07 -39.03 -33.28
CA SER D 486 -23.21 -37.84 -34.12
C SER D 486 -24.68 -37.53 -34.37
N THR D 487 -25.03 -36.24 -34.29
CA THR D 487 -26.42 -35.81 -34.34
C THR D 487 -26.76 -35.02 -35.60
N SER D 488 -26.09 -33.91 -35.85
CA SER D 488 -26.52 -33.00 -36.90
C SER D 488 -25.58 -33.03 -38.09
N ASP D 489 -25.99 -32.34 -39.15
CA ASP D 489 -25.21 -32.20 -40.37
C ASP D 489 -25.66 -30.96 -41.13
N GLU D 490 -25.03 -28.60 -39.27
CA GLU D 490 -24.82 -27.29 -39.90
C GLU D 490 -23.41 -26.78 -39.63
N TYR D 491 -22.76 -26.26 -40.66
CA TYR D 491 -21.39 -25.80 -40.57
C TYR D 491 -21.38 -24.37 -40.04
N VAL D 492 -20.63 -24.14 -38.96
CA VAL D 492 -20.68 -22.89 -38.24
C VAL D 492 -19.32 -22.23 -38.26
N LEU D 493 -19.30 -20.90 -38.41
CA LEU D 493 -18.07 -20.12 -38.42
C LEU D 493 -18.24 -18.89 -37.54
N LEU D 494 -17.19 -18.57 -36.79
CA LEU D 494 -17.10 -17.33 -36.02
C LEU D 494 -15.76 -16.69 -36.39
N LYS D 495 -15.74 -15.36 -36.52
CA LYS D 495 -14.54 -14.66 -36.98
C LYS D 495 -14.44 -13.32 -36.28
N ASN D 496 -13.44 -13.17 -35.41
CA ASN D 496 -13.10 -11.89 -34.81
C ASN D 496 -11.64 -11.54 -35.06
N PHE D 497 -10.93 -12.35 -35.83
CA PHE D 497 -9.52 -12.15 -36.08
C PHE D 497 -9.28 -10.88 -36.90
N ASP D 498 -8.04 -10.41 -36.88
CA ASP D 498 -7.63 -9.23 -37.62
C ASP D 498 -8.10 -9.28 -39.07
N GLN D 499 -8.45 -8.12 -39.60
CA GLN D 499 -8.97 -8.03 -40.96
C GLN D 499 -7.88 -8.30 -41.98
N GLY D 500 -8.26 -8.22 -43.25
CA GLY D 500 -7.33 -8.39 -44.34
C GLY D 500 -6.98 -9.83 -44.67
N HIS D 501 -7.24 -10.76 -43.76
CA HIS D 501 -6.98 -12.17 -43.99
C HIS D 501 -8.28 -12.90 -44.23
N PHE D 502 -8.25 -13.89 -45.12
CA PHE D 502 -9.35 -14.83 -45.33
C PHE D 502 -10.62 -14.12 -45.77
N GLU D 503 -10.48 -12.91 -46.31
CA GLU D 503 -11.66 -12.17 -46.75
C GLU D 503 -12.43 -12.95 -47.80
N THR D 504 -11.71 -13.69 -48.65
CA THR D 504 -12.38 -14.59 -49.59
C THR D 504 -12.98 -15.79 -48.87
N LEU D 505 -12.41 -16.17 -47.73
CA LEU D 505 -12.86 -17.37 -47.03
C LEU D 505 -14.22 -17.14 -46.37
N GLN D 506 -14.66 -15.89 -46.28
CA GLN D 506 -15.94 -15.62 -45.63
C GLN D 506 -17.11 -16.06 -46.50
N ASN D 507 -17.26 -15.45 -47.68
CA ASN D 507 -18.43 -15.69 -48.53
C ASN D 507 -18.21 -16.98 -49.33
N ASN D 508 -18.48 -18.09 -48.66
CA ASN D 508 -18.29 -19.40 -49.26
C ASN D 508 -19.59 -20.13 -49.59
N GLN D 509 -20.73 -19.49 -49.34
CA GLN D 509 -22.04 -19.99 -49.77
C GLN D 509 -22.46 -21.21 -48.97
N ILE D 510 -21.54 -21.76 -48.19
CA ILE D 510 -21.78 -23.03 -47.52
C ILE D 510 -21.99 -22.88 -46.02
N TRP D 511 -21.51 -21.79 -45.42
CA TRP D 511 -21.60 -21.65 -43.98
C TRP D 511 -23.04 -21.45 -43.55
N GLY D 512 -23.33 -21.85 -42.31
CA GLY D 512 -24.69 -21.98 -41.85
C GLY D 512 -25.29 -20.68 -41.36
N THR D 513 -26.58 -20.78 -40.99
CA THR D 513 -27.31 -19.59 -40.57
C THR D 513 -26.82 -19.05 -39.23
N GLN D 514 -26.32 -19.93 -38.35
CA GLN D 514 -25.81 -19.49 -37.07
C GLN D 514 -24.44 -18.83 -37.19
N SER D 515 -23.89 -18.77 -38.39
CA SER D 515 -22.60 -18.14 -38.60
C SER D 515 -22.63 -16.69 -38.13
N VAL D 516 -21.52 -16.26 -37.51
CA VAL D 516 -21.35 -14.86 -37.18
C VAL D 516 -20.06 -14.39 -37.85
N LYS D 517 -20.17 -13.93 -39.10
CA LYS D 517 -18.97 -13.73 -39.91
C LYS D 517 -18.13 -12.56 -39.42
N ASP D 518 -18.60 -11.82 -38.42
CA ASP D 518 -17.80 -10.79 -37.79
C ASP D 518 -18.43 -10.46 -36.44
N GLY D 519 -17.66 -9.77 -35.61
CA GLY D 519 -18.15 -9.46 -34.28
C GLY D 519 -18.35 -10.67 -33.39
N ALA D 520 -17.34 -11.53 -33.30
CA ALA D 520 -17.45 -12.73 -32.49
C ALA D 520 -17.38 -12.37 -31.01
N SER D 521 -18.47 -12.65 -30.30
CA SER D 521 -18.58 -12.37 -28.88
C SER D 521 -18.87 -13.64 -28.10
N SER D 522 -18.80 -13.54 -26.78
CA SER D 522 -19.01 -14.71 -25.93
C SER D 522 -20.37 -15.34 -26.18
N ASP D 523 -21.41 -14.51 -26.28
CA ASP D 523 -22.74 -15.03 -26.56
C ASP D 523 -22.76 -15.84 -27.85
N ASP D 524 -21.96 -15.42 -28.84
CA ASP D 524 -21.93 -16.10 -30.12
C ASP D 524 -21.53 -17.56 -29.97
N LEU D 525 -20.74 -17.86 -28.94
CA LEU D 525 -20.36 -19.24 -28.69
C LEU D 525 -21.36 -19.92 -27.76
N GLU D 526 -22.00 -19.14 -26.88
CA GLU D 526 -22.97 -19.71 -25.96
C GLU D 526 -24.24 -20.10 -26.69
N ASN D 527 -24.63 -19.33 -27.70
CA ASN D 527 -25.89 -19.53 -28.39
C ASN D 527 -25.84 -20.66 -29.41
N ILE D 528 -24.74 -21.41 -29.46
CA ILE D 528 -24.68 -22.55 -30.37
C ILE D 528 -25.65 -23.62 -29.88
N ARG D 529 -26.07 -24.50 -30.79
CA ARG D 529 -27.11 -25.46 -30.48
C ARG D 529 -27.08 -26.58 -31.49
N ASN D 530 -27.66 -27.72 -31.11
CA ASN D 530 -27.95 -28.86 -31.97
C ASN D 530 -26.72 -29.65 -32.38
N ASN D 531 -25.59 -29.46 -31.68
CA ASN D 531 -24.37 -30.22 -31.93
C ASN D 531 -23.99 -30.17 -33.40
N PRO D 532 -23.47 -29.04 -33.87
CA PRO D 532 -23.12 -28.92 -35.29
C PRO D 532 -22.11 -29.96 -35.71
N ARG D 533 -22.07 -30.23 -37.02
CA ARG D 533 -21.13 -31.19 -37.55
C ARG D 533 -19.69 -30.70 -37.39
N LEU D 534 -19.50 -29.39 -37.23
CA LEU D 534 -18.17 -28.82 -37.26
C LEU D 534 -18.22 -27.42 -36.67
N LEU D 535 -17.06 -26.80 -36.51
CA LEU D 535 -16.93 -25.42 -36.06
C LEU D 535 -15.57 -24.91 -36.51
N THR D 536 -15.42 -23.60 -36.64
CA THR D 536 -14.14 -23.01 -37.02
C THR D 536 -14.00 -21.63 -36.37
N ILE D 537 -13.37 -21.59 -35.21
CA ILE D 537 -13.13 -20.33 -34.53
C ILE D 537 -11.83 -19.72 -35.05
N LEU D 538 -11.84 -18.42 -35.29
CA LEU D 538 -10.64 -17.68 -35.70
C LEU D 538 -10.48 -16.46 -34.80
N CYS D 539 -9.64 -16.58 -33.78
CA CYS D 539 -9.39 -15.45 -32.89
C CYS D 539 -7.97 -15.56 -32.36
N HIS D 540 -7.49 -14.47 -31.76
CA HIS D 540 -6.16 -14.47 -31.17
C HIS D 540 -6.18 -15.15 -29.81
N GLY D 541 -5.05 -15.17 -29.13
CA GLY D 541 -4.95 -15.81 -27.83
C GLY D 541 -3.68 -15.39 -27.09
N GLU D 542 -3.81 -15.27 -25.78
CA GLU D 542 -2.71 -14.87 -24.91
C GLU D 542 -2.70 -15.74 -23.67
N ALA D 543 -1.51 -16.06 -23.19
CA ALA D 543 -1.34 -16.98 -22.06
C ALA D 543 -0.31 -16.42 -21.07
N ASN D 544 -0.62 -16.57 -19.79
CA ASN D 544 0.29 -16.17 -18.72
C ASN D 544 1.28 -17.28 -18.45
N MET D 545 2.52 -16.91 -18.09
CA MET D 545 3.52 -17.92 -17.77
C MET D 545 3.18 -18.67 -16.49
N SER D 546 2.48 -18.03 -15.56
CA SER D 546 2.27 -18.60 -14.23
C SER D 546 1.07 -19.53 -14.14
N ASN D 547 -0.14 -19.04 -14.42
CA ASN D 547 -1.34 -19.78 -14.13
C ASN D 547 -2.05 -20.18 -15.42
N PRO D 548 -2.33 -21.46 -15.63
CA PRO D 548 -3.19 -21.85 -16.77
C PRO D 548 -4.60 -21.32 -16.64
N PHE D 549 -5.09 -21.07 -15.43
CA PHE D 549 -6.47 -20.66 -15.26
C PHE D 549 -6.72 -19.24 -15.75
N ARG D 550 -5.69 -18.58 -16.29
CA ARG D 550 -5.84 -17.20 -16.72
C ARG D 550 -5.46 -16.99 -18.19
N SER D 551 -5.23 -18.06 -18.93
CA SER D 551 -5.02 -17.94 -20.37
C SER D 551 -6.33 -17.50 -21.02
N MET D 552 -6.28 -17.03 -22.26
CA MET D 552 -7.45 -16.36 -22.82
C MET D 552 -7.59 -16.50 -24.33
N LEU D 553 -8.83 -16.52 -24.80
CA LEU D 553 -9.15 -16.31 -26.21
C LEU D 553 -9.67 -14.89 -26.35
N LYS D 554 -8.98 -14.07 -27.13
CA LYS D 554 -9.33 -12.65 -27.23
C LYS D 554 -10.61 -12.46 -28.04
N LEU D 555 -11.71 -12.85 -27.43
CA LEU D 555 -13.02 -12.64 -28.02
C LEU D 555 -13.47 -11.20 -27.80
N ALA D 556 -14.17 -10.66 -28.80
CA ALA D 556 -14.71 -9.32 -28.69
C ALA D 556 -15.72 -9.27 -27.54
N ASN D 557 -15.97 -8.06 -27.05
CA ASN D 557 -16.80 -7.86 -25.86
C ASN D 557 -16.23 -8.61 -24.66
N GLY D 558 -15.05 -8.17 -24.23
CA GLY D 558 -14.41 -8.77 -23.07
C GLY D 558 -13.66 -10.04 -23.40
N GLY D 559 -14.40 -11.12 -23.64
CA GLY D 559 -13.78 -12.39 -23.99
C GLY D 559 -14.30 -13.55 -23.16
N ILE D 560 -13.62 -14.69 -23.25
CA ILE D 560 -13.99 -15.90 -22.54
C ILE D 560 -12.77 -16.46 -21.85
N THR D 561 -12.92 -16.88 -20.59
CA THR D 561 -11.84 -17.49 -19.84
C THR D 561 -11.93 -19.00 -19.95
N TYR D 562 -10.78 -19.65 -19.70
CA TYR D 562 -10.71 -21.10 -19.74
C TYR D 562 -11.74 -21.76 -18.84
N LEU D 563 -11.99 -21.17 -17.66
CA LEU D 563 -12.87 -21.81 -16.70
C LEU D 563 -14.32 -21.80 -17.17
N GLU D 564 -14.75 -20.70 -17.78
CA GLU D 564 -16.16 -20.55 -18.14
C GLU D 564 -16.58 -21.56 -19.20
N ILE D 565 -15.64 -21.98 -20.05
CA ILE D 565 -15.99 -22.87 -21.15
C ILE D 565 -16.54 -24.18 -20.62
N LEU D 566 -15.97 -24.69 -19.54
CA LEU D 566 -16.52 -25.90 -18.91
C LEU D 566 -17.89 -25.61 -18.31
N ASN D 567 -18.23 -24.34 -18.13
CA ASN D 567 -19.41 -23.98 -17.37
C ASN D 567 -20.57 -23.59 -18.27
N SER D 568 -20.29 -22.94 -19.40
CA SER D 568 -21.33 -22.34 -20.21
C SER D 568 -21.74 -23.18 -21.41
N VAL D 569 -20.83 -23.48 -22.32
CA VAL D 569 -21.20 -24.12 -23.58
C VAL D 569 -21.48 -25.59 -23.34
N LYS D 570 -22.62 -26.07 -23.86
CA LYS D 570 -23.02 -27.46 -23.65
C LYS D 570 -23.65 -28.11 -24.87
N GLY D 571 -23.36 -27.64 -26.08
CA GLY D 571 -23.99 -28.22 -27.26
C GLY D 571 -23.02 -28.58 -28.36
N LEU D 572 -21.84 -29.06 -28.00
CA LEU D 572 -20.82 -29.39 -29.00
C LEU D 572 -20.48 -30.88 -29.01
N LYS D 573 -21.35 -31.72 -28.50
CA LYS D 573 -21.07 -33.15 -28.44
C LYS D 573 -20.98 -33.72 -29.85
N GLY D 574 -20.12 -34.72 -30.03
CA GLY D 574 -19.98 -35.37 -31.31
C GLY D 574 -19.44 -34.49 -32.42
N SER D 575 -18.69 -33.45 -32.09
CA SER D 575 -18.28 -32.47 -33.08
C SER D 575 -16.78 -32.48 -33.29
N GLN D 576 -16.36 -31.87 -34.40
CA GLN D 576 -14.97 -31.53 -34.63
C GLN D 576 -14.81 -30.03 -34.48
N VAL D 577 -13.59 -29.57 -34.22
CA VAL D 577 -13.28 -28.16 -34.09
C VAL D 577 -12.02 -27.90 -34.90
N ILE D 578 -11.90 -26.69 -35.44
CA ILE D 578 -10.66 -26.23 -36.04
C ILE D 578 -10.31 -24.90 -35.40
N LEU D 579 -9.29 -24.89 -34.57
CA LEU D 579 -8.96 -23.74 -33.76
C LEU D 579 -7.67 -23.13 -34.26
N GLY D 580 -7.78 -22.29 -35.28
CA GLY D 580 -6.58 -21.75 -35.89
C GLY D 580 -6.75 -20.30 -36.24
N ALA D 581 -5.62 -19.61 -36.32
CA ALA D 581 -5.58 -18.19 -36.63
C ALA D 581 -4.14 -17.79 -36.92
N CYS D 582 -3.85 -16.50 -36.90
CA CYS D 582 -2.46 -16.06 -36.80
C CYS D 582 -1.94 -16.54 -35.45
N GLU D 583 -0.72 -16.15 -35.06
CA GLU D 583 0.17 -16.99 -34.27
C GLU D 583 -0.54 -18.00 -33.35
N THR D 584 -1.57 -17.56 -32.62
CA THR D 584 -2.38 -18.42 -31.76
C THR D 584 -1.50 -19.37 -30.94
N ASP D 585 -0.74 -18.78 -30.03
CA ASP D 585 0.17 -19.59 -29.23
C ASP D 585 -0.61 -20.46 -28.26
N LEU D 586 0.12 -21.18 -27.41
CA LEU D 586 -0.45 -22.13 -26.47
C LEU D 586 0.27 -21.99 -25.14
N VAL D 587 0.17 -23.00 -24.29
CA VAL D 587 0.69 -22.99 -22.93
C VAL D 587 2.10 -22.40 -22.86
N PRO D 588 2.50 -21.85 -21.71
CA PRO D 588 3.63 -20.91 -21.68
C PRO D 588 4.92 -21.57 -22.10
N PRO D 589 5.91 -20.79 -22.53
CA PRO D 589 7.25 -21.33 -22.78
C PRO D 589 7.84 -21.91 -21.50
N LEU D 590 8.73 -22.87 -21.69
CA LEU D 590 9.18 -23.72 -20.59
C LEU D 590 10.08 -22.97 -19.63
N SER D 591 10.11 -23.46 -18.39
CA SER D 591 10.92 -22.86 -17.33
C SER D 591 12.26 -23.57 -17.19
N HIS D 592 1.79 -28.95 -19.24
CA HIS D 592 0.33 -28.95 -19.23
C HIS D 592 -0.21 -28.39 -20.54
N TYR D 593 -1.50 -28.58 -20.77
CA TYR D 593 -2.17 -28.03 -21.95
C TYR D 593 -3.22 -26.98 -21.61
N SER D 594 -3.97 -26.54 -22.61
CA SER D 594 -4.76 -25.32 -22.54
C SER D 594 -6.12 -25.53 -23.18
N VAL D 595 -6.72 -24.42 -23.61
CA VAL D 595 -8.09 -24.39 -24.14
C VAL D 595 -8.43 -25.57 -25.02
N ALA D 596 -7.45 -26.15 -25.72
CA ALA D 596 -7.70 -27.39 -26.44
C ALA D 596 -8.38 -28.43 -25.54
N THR D 597 -7.71 -28.85 -24.48
CA THR D 597 -8.29 -29.86 -23.59
C THR D 597 -9.63 -29.40 -23.04
N ALA D 598 -9.78 -28.10 -22.80
CA ALA D 598 -11.06 -27.59 -22.32
C ALA D 598 -12.21 -28.09 -23.18
N LEU D 599 -12.05 -28.01 -24.50
CA LEU D 599 -13.08 -28.51 -25.39
C LEU D 599 -13.18 -30.04 -25.30
N LEU D 600 -12.06 -30.70 -25.04
CA LEU D 600 -12.10 -32.15 -24.90
C LEU D 600 -12.95 -32.58 -23.72
N LEU D 601 -13.01 -31.74 -22.68
CA LEU D 601 -13.77 -32.11 -21.49
C LEU D 601 -15.26 -32.08 -21.76
N ILE D 602 -15.75 -31.02 -22.41
CA ILE D 602 -17.19 -30.84 -22.60
C ILE D 602 -17.78 -31.79 -23.62
N GLY D 603 -16.98 -32.66 -24.21
CA GLY D 603 -17.50 -33.68 -25.11
C GLY D 603 -17.12 -33.49 -26.57
N ALA D 604 -16.33 -32.47 -26.91
CA ALA D 604 -15.90 -32.31 -28.29
C ALA D 604 -15.05 -33.51 -28.71
N ALA D 605 -15.43 -34.13 -29.81
CA ALA D 605 -14.79 -35.37 -30.25
C ALA D 605 -13.59 -35.14 -31.13
N GLY D 606 -12.89 -34.03 -30.97
CA GLY D 606 -11.67 -33.81 -31.73
C GLY D 606 -11.37 -32.37 -32.04
N VAL D 607 -10.11 -31.98 -31.86
CA VAL D 607 -9.64 -30.63 -32.13
C VAL D 607 -8.46 -30.75 -33.09
N VAL D 608 -8.39 -29.85 -34.05
CA VAL D 608 -7.22 -29.72 -34.90
C VAL D 608 -6.53 -28.41 -34.54
N GLY D 609 -5.40 -28.49 -33.85
CA GLY D 609 -4.75 -27.32 -33.33
C GLY D 609 -3.54 -26.96 -34.17
N THR D 610 -2.68 -26.15 -33.59
CA THR D 610 -1.44 -25.74 -34.23
C THR D 610 -0.39 -25.49 -33.15
N MET D 611 0.88 -25.76 -33.47
CA MET D 611 1.91 -25.72 -32.44
C MET D 611 2.80 -24.49 -32.51
N TRP D 612 2.65 -23.65 -33.53
CA TRP D 612 3.35 -22.37 -33.56
C TRP D 612 2.71 -21.48 -34.61
N LYS D 613 3.40 -20.40 -34.95
CA LYS D 613 2.86 -19.45 -35.91
C LYS D 613 3.25 -19.85 -37.33
N VAL D 614 2.33 -19.70 -38.27
CA VAL D 614 2.54 -20.04 -39.67
C VAL D 614 2.13 -18.84 -40.51
N ARG D 615 2.61 -18.81 -41.75
CA ARG D 615 2.11 -17.83 -42.70
C ARG D 615 0.60 -17.98 -42.81
N SER D 616 -0.11 -16.88 -42.53
CA SER D 616 -1.57 -16.94 -42.43
C SER D 616 -2.21 -17.55 -43.67
N ASN D 617 -1.55 -17.42 -44.83
CA ASN D 617 -2.14 -17.92 -46.06
C ASN D 617 -2.22 -19.44 -46.07
N LYS D 618 -1.23 -20.11 -45.50
CA LYS D 618 -1.18 -21.57 -45.53
C LYS D 618 -2.35 -22.17 -44.77
N THR D 619 -2.73 -21.54 -43.65
CA THR D 619 -3.87 -22.02 -42.89
C THR D 619 -5.09 -22.18 -43.79
N LYS D 620 -5.23 -21.29 -44.77
CA LYS D 620 -6.38 -21.35 -45.67
C LYS D 620 -6.45 -22.70 -46.37
N SER D 621 -5.31 -23.24 -46.78
CA SER D 621 -5.31 -24.49 -47.53
C SER D 621 -6.05 -25.58 -46.78
N LEU D 622 -5.83 -25.69 -45.47
CA LEU D 622 -6.52 -26.72 -44.72
C LEU D 622 -8.02 -26.46 -44.69
N ILE D 623 -8.42 -25.25 -44.29
CA ILE D 623 -9.82 -24.97 -44.02
C ILE D 623 -10.68 -25.30 -45.24
N GLU D 624 -10.15 -25.06 -46.43
CA GLU D 624 -10.88 -25.44 -47.63
C GLU D 624 -10.93 -26.95 -47.78
N TRP D 625 -9.76 -27.60 -47.78
CA TRP D 625 -9.72 -29.03 -48.05
C TRP D 625 -10.46 -29.82 -46.97
N LYS D 626 -10.53 -29.27 -45.75
CA LYS D 626 -11.25 -29.99 -44.72
C LYS D 626 -12.76 -29.92 -44.92
N LEU D 627 -13.23 -28.84 -45.54
CA LEU D 627 -14.67 -28.70 -45.76
C LEU D 627 -15.17 -29.71 -46.78
N GLU D 628 -14.40 -29.95 -47.84
CA GLU D 628 -14.89 -30.81 -48.90
C GLU D 628 -14.99 -32.26 -48.45
N ASN D 629 -14.35 -32.63 -47.35
CA ASN D 629 -14.37 -34.02 -46.92
C ASN D 629 -14.13 -34.09 -45.41
N ILE D 630 -14.97 -34.86 -44.73
CA ILE D 630 -14.83 -35.03 -43.29
C ILE D 630 -13.92 -36.20 -42.97
N GLU D 631 -14.21 -37.37 -43.55
CA GLU D 631 -13.60 -38.61 -43.10
C GLU D 631 -12.20 -38.81 -43.67
N TYR D 632 -11.30 -37.86 -43.44
CA TYR D 632 -9.91 -38.01 -43.84
C TYR D 632 -9.01 -37.65 -42.67
N LYS D 633 -8.08 -38.55 -42.38
CA LYS D 633 -7.11 -38.34 -41.31
C LYS D 633 -6.15 -37.25 -41.73
N LEU D 634 -5.60 -36.54 -40.75
CA LEU D 634 -4.79 -35.37 -41.07
C LEU D 634 -3.48 -35.76 -41.74
N ASN D 635 -3.13 -37.05 -41.72
CA ASN D 635 -1.87 -37.46 -42.33
C ASN D 635 -1.87 -37.23 -43.83
N GLU D 636 -3.01 -37.42 -44.49
CA GLU D 636 -3.11 -37.26 -45.93
C GLU D 636 -2.65 -35.88 -46.36
N TRP D 637 -3.35 -34.85 -45.91
CA TRP D 637 -3.11 -33.49 -46.36
C TRP D 637 -1.64 -33.08 -46.21
N GLN D 638 -0.89 -33.80 -45.39
CA GLN D 638 0.52 -33.44 -45.18
C GLN D 638 1.40 -34.04 -46.27
N LYS D 639 1.11 -35.26 -46.71
CA LYS D 639 2.00 -35.94 -47.63
C LYS D 639 2.13 -35.18 -48.94
N GLU D 640 1.00 -34.89 -49.60
CA GLU D 640 1.07 -34.22 -50.89
C GLU D 640 1.53 -32.78 -50.76
N THR D 641 1.20 -32.12 -49.66
CA THR D 641 1.49 -30.69 -49.50
C THR D 641 2.86 -30.46 -48.85
N GLY D 642 3.89 -31.07 -49.43
CA GLY D 642 5.25 -30.80 -48.99
C GLY D 642 5.58 -31.35 -47.62
N GLY D 643 5.27 -32.61 -47.36
CA GLY D 643 5.67 -33.22 -46.10
C GLY D 643 7.11 -33.70 -46.12
N ALA D 644 7.41 -34.69 -46.96
CA ALA D 644 8.74 -35.32 -46.97
C ALA D 644 9.69 -34.50 -47.84
N ALA D 645 9.87 -33.25 -47.43
CA ALA D 645 10.72 -32.34 -48.18
C ALA D 645 11.64 -31.55 -47.25
N TYR D 646 12.38 -32.24 -46.39
CA TYR D 646 13.20 -31.53 -45.43
C TYR D 646 14.57 -31.18 -45.99
N LYS D 647 15.17 -32.09 -46.75
CA LYS D 647 16.57 -31.90 -47.12
C LYS D 647 16.76 -30.84 -48.19
N ASP D 648 15.67 -30.42 -48.84
CA ASP D 648 15.76 -29.50 -49.97
C ASP D 648 15.36 -28.07 -49.63
N HIS D 649 14.23 -27.88 -48.96
CA HIS D 649 13.73 -26.54 -48.62
C HIS D 649 13.20 -26.55 -47.20
N PRO D 650 14.03 -26.24 -46.22
CA PRO D 650 13.61 -26.35 -44.82
C PRO D 650 12.36 -25.55 -44.50
N PRO D 651 12.21 -24.31 -44.99
CA PRO D 651 10.99 -23.57 -44.65
C PRO D 651 9.71 -24.30 -45.03
N THR D 652 9.64 -24.87 -46.23
CA THR D 652 8.48 -25.66 -46.60
C THR D 652 8.26 -26.79 -45.61
N PHE D 653 9.34 -27.41 -45.15
CA PHE D 653 9.21 -28.41 -44.09
C PHE D 653 8.67 -27.79 -42.83
N TYR D 654 9.16 -26.60 -42.46
CA TYR D 654 8.77 -25.98 -41.21
C TYR D 654 7.29 -25.63 -41.19
N ARG D 655 6.67 -25.54 -42.37
CA ARG D 655 5.24 -25.21 -42.40
C ARG D 655 4.38 -26.47 -42.40
N SER D 656 4.96 -27.61 -42.76
CA SER D 656 4.14 -28.79 -43.02
C SER D 656 3.68 -29.46 -41.73
N ILE D 657 4.60 -29.71 -40.82
CA ILE D 657 4.36 -30.65 -39.74
C ILE D 657 3.70 -29.99 -38.54
N ALA D 658 3.34 -28.72 -38.69
CA ALA D 658 2.88 -27.95 -37.54
C ALA D 658 1.44 -28.26 -37.14
N PHE D 659 0.84 -29.31 -37.67
CA PHE D 659 -0.56 -29.62 -37.38
C PHE D 659 -0.66 -30.93 -36.64
N ARG D 660 -1.63 -31.03 -35.74
CA ARG D 660 -1.82 -32.22 -34.92
C ARG D 660 -3.30 -32.34 -34.56
N SER D 661 -3.73 -33.57 -34.31
CA SER D 661 -5.15 -33.86 -34.11
C SER D 661 -5.35 -34.43 -32.71
N ILE D 662 -5.55 -33.55 -31.74
CA ILE D 662 -5.78 -33.93 -30.36
C ILE D 662 -7.18 -34.51 -30.26
N GLY D 663 -7.34 -35.60 -29.51
CA GLY D 663 -8.65 -36.18 -29.32
C GLY D 663 -8.83 -37.45 -30.12
N PHE D 664 -9.42 -38.47 -29.51
CA PHE D 664 -9.51 -39.80 -30.11
C PHE D 664 -10.96 -40.25 -30.21
N PRO D 665 -11.41 -40.64 -31.40
CA PRO D 665 -12.73 -41.26 -31.51
C PRO D 665 -12.71 -42.68 -30.96
N LEU D 666 -13.90 -43.16 -30.61
CA LEU D 666 -14.08 -44.52 -30.12
C LEU D 666 -15.48 -45.01 -30.45
ZN ZN E . 40.52 -19.89 -33.20
ZN ZN F . 8.63 -13.64 -18.95
ZN ZN G . -13.59 -4.15 4.19
ZN ZN H . -21.14 18.39 30.70
P PO4 I . 12.55 -20.95 -7.11
O1 PO4 I . 12.38 -20.91 -8.60
O2 PO4 I . 14.00 -20.72 -6.75
O3 PO4 I . 12.14 -22.31 -6.60
O4 PO4 I . 11.69 -19.88 -6.47
P PO4 J . 5.11 -14.22 2.75
O1 PO4 J . 5.35 -15.70 2.67
O2 PO4 J . 6.36 -13.53 3.24
O3 PO4 J . 3.99 -13.94 3.71
O4 PO4 J . 4.76 -13.70 1.39
P PO4 K . 6.89 -16.95 -0.20
O1 PO4 K . 7.84 -18.06 0.18
O2 PO4 K . 6.88 -16.77 -1.70
O3 PO4 K . 5.50 -17.30 0.27
O4 PO4 K . 7.34 -15.68 0.47
#